data_2YV4
# 
_entry.id   2YV4 
# 
_audit_conform.dict_name       mmcif_pdbx.dic 
_audit_conform.dict_version    5.398 
_audit_conform.dict_location   http://mmcif.pdb.org/dictionaries/ascii/mmcif_pdbx.dic 
# 
loop_
_database_2.database_id 
_database_2.database_code 
_database_2.pdbx_database_accession 
_database_2.pdbx_DOI 
PDB   2YV4         pdb_00002yv4 10.2210/pdb2yv4/pdb 
RCSB  RCSB027172   ?            ?                   
WWPDB D_1000027172 ?            ?                   
# 
loop_
_pdbx_audit_revision_history.ordinal 
_pdbx_audit_revision_history.data_content_type 
_pdbx_audit_revision_history.major_revision 
_pdbx_audit_revision_history.minor_revision 
_pdbx_audit_revision_history.revision_date 
1 'Structure model' 1 0 2007-10-09 
2 'Structure model' 1 1 2011-07-13 
3 'Structure model' 1 2 2024-11-13 
# 
_pdbx_audit_revision_details.ordinal             1 
_pdbx_audit_revision_details.revision_ordinal    1 
_pdbx_audit_revision_details.data_content_type   'Structure model' 
_pdbx_audit_revision_details.provider            repository 
_pdbx_audit_revision_details.type                'Initial release' 
_pdbx_audit_revision_details.description         ? 
_pdbx_audit_revision_details.details             ? 
# 
loop_
_pdbx_audit_revision_group.ordinal 
_pdbx_audit_revision_group.revision_ordinal 
_pdbx_audit_revision_group.data_content_type 
_pdbx_audit_revision_group.group 
1 2 'Structure model' 'Source and taxonomy'       
2 2 'Structure model' 'Version format compliance' 
3 3 'Structure model' 'Data collection'           
4 3 'Structure model' 'Database references'       
5 3 'Structure model' 'Derived calculations'      
6 3 'Structure model' 'Structure summary'         
# 
loop_
_pdbx_audit_revision_category.ordinal 
_pdbx_audit_revision_category.revision_ordinal 
_pdbx_audit_revision_category.data_content_type 
_pdbx_audit_revision_category.category 
1 3 'Structure model' chem_comp_atom            
2 3 'Structure model' chem_comp_bond            
3 3 'Structure model' database_2                
4 3 'Structure model' pdbx_entry_details        
5 3 'Structure model' pdbx_modification_feature 
6 3 'Structure model' struct_conn               
# 
loop_
_pdbx_audit_revision_item.ordinal 
_pdbx_audit_revision_item.revision_ordinal 
_pdbx_audit_revision_item.data_content_type 
_pdbx_audit_revision_item.item 
1 3 'Structure model' '_database_2.pdbx_DOI'                
2 3 'Structure model' '_database_2.pdbx_database_accession' 
3 3 'Structure model' '_struct_conn.pdbx_leaving_atom_flag' 
# 
_pdbx_database_status.status_code                     REL 
_pdbx_database_status.entry_id                        2YV4 
_pdbx_database_status.recvd_initial_deposition_date   2007-04-09 
_pdbx_database_status.deposit_site                    PDBJ 
_pdbx_database_status.process_site                    PDBJ 
_pdbx_database_status.status_code_sf                  REL 
_pdbx_database_status.status_code_mr                  ? 
_pdbx_database_status.SG_entry                        Y 
_pdbx_database_status.pdb_format_compatible           Y 
_pdbx_database_status.status_code_cs                  ? 
_pdbx_database_status.status_code_nmr_data            ? 
_pdbx_database_status.methods_development_category    ? 
# 
_pdbx_database_related.db_name        TargetDB 
_pdbx_database_related.db_id          pho001000435.2 
_pdbx_database_related.details        . 
_pdbx_database_related.content_type   unspecified 
# 
loop_
_audit_author.name 
_audit_author.pdbx_ordinal 
'Agari, Y.'                                              1 
'Shinkai, A.'                                            2 
'Yokoyama, S.'                                           3 
'Kuramitsu, S.'                                          4 
'RIKEN Structural Genomics/Proteomics Initiative (RSGI)' 5 
# 
_citation.id                        primary 
_citation.title                     
'Crystal Structure of C-terminal Sua5 Domain from Pyrococcus horikoshii Hypothetical Sua5 Protein PH0435' 
_citation.journal_abbrev            'To be Published' 
_citation.journal_volume            ? 
_citation.page_first                ? 
_citation.page_last                 ? 
_citation.year                      ? 
_citation.journal_id_ASTM           ? 
_citation.country                   ? 
_citation.journal_id_ISSN           ? 
_citation.journal_id_CSD            0353 
_citation.book_publisher            ? 
_citation.pdbx_database_id_PubMed   ? 
_citation.pdbx_database_id_DOI      ? 
# 
loop_
_citation_author.citation_id 
_citation_author.name 
_citation_author.ordinal 
_citation_author.identifier_ORCID 
primary 'Agari, Y.'     1 ? 
primary 'Shinkai, A.'   2 ? 
primary 'Kuramitsu, S.' 3 ? 
# 
loop_
_entity.id 
_entity.type 
_entity.src_method 
_entity.pdbx_description 
_entity.formula_weight 
_entity.pdbx_number_of_molecules 
_entity.pdbx_ec 
_entity.pdbx_mutation 
_entity.pdbx_fragment 
_entity.details 
1 polymer man 'Hypothetical protein PH0435' 11582.152 1  ? ? 'Residues 236-340' ? 
2 water   nat water                         18.015    84 ? ? ?                  ? 
# 
_entity_name_com.entity_id   1 
_entity_name_com.name        'Hypothetical Sua5 Protein' 
# 
_entity_poly.entity_id                      1 
_entity_poly.type                           'polypeptide(L)' 
_entity_poly.nstd_linkage                   no 
_entity_poly.nstd_monomer                   yes 
_entity_poly.pdbx_seq_one_letter_code       
;APNAEVIVVEGPREKVKGKITELVKELKERGKKVGVIGSESYNADEFFFLGSSVEEVAKNLFKALRY(MSE)DKAGVDVV
IAEGVEERGLGLAV(MSE)NRLRKASGYKIVKA
;
_entity_poly.pdbx_seq_one_letter_code_can   
;APNAEVIVVEGPREKVKGKITELVKELKERGKKVGVIGSESYNADEFFFLGSSVEEVAKNLFKALRYMDKAGVDVVIAEG
VEERGLGLAVMNRLRKASGYKIVKA
;
_entity_poly.pdbx_strand_id                 A 
_entity_poly.pdbx_target_identifier         pho001000435.2 
# 
_pdbx_entity_nonpoly.entity_id   2 
_pdbx_entity_nonpoly.name        water 
_pdbx_entity_nonpoly.comp_id     HOH 
# 
loop_
_entity_poly_seq.entity_id 
_entity_poly_seq.num 
_entity_poly_seq.mon_id 
_entity_poly_seq.hetero 
1 1   ALA n 
1 2   PRO n 
1 3   ASN n 
1 4   ALA n 
1 5   GLU n 
1 6   VAL n 
1 7   ILE n 
1 8   VAL n 
1 9   VAL n 
1 10  GLU n 
1 11  GLY n 
1 12  PRO n 
1 13  ARG n 
1 14  GLU n 
1 15  LYS n 
1 16  VAL n 
1 17  LYS n 
1 18  GLY n 
1 19  LYS n 
1 20  ILE n 
1 21  THR n 
1 22  GLU n 
1 23  LEU n 
1 24  VAL n 
1 25  LYS n 
1 26  GLU n 
1 27  LEU n 
1 28  LYS n 
1 29  GLU n 
1 30  ARG n 
1 31  GLY n 
1 32  LYS n 
1 33  LYS n 
1 34  VAL n 
1 35  GLY n 
1 36  VAL n 
1 37  ILE n 
1 38  GLY n 
1 39  SER n 
1 40  GLU n 
1 41  SER n 
1 42  TYR n 
1 43  ASN n 
1 44  ALA n 
1 45  ASP n 
1 46  GLU n 
1 47  PHE n 
1 48  PHE n 
1 49  PHE n 
1 50  LEU n 
1 51  GLY n 
1 52  SER n 
1 53  SER n 
1 54  VAL n 
1 55  GLU n 
1 56  GLU n 
1 57  VAL n 
1 58  ALA n 
1 59  LYS n 
1 60  ASN n 
1 61  LEU n 
1 62  PHE n 
1 63  LYS n 
1 64  ALA n 
1 65  LEU n 
1 66  ARG n 
1 67  TYR n 
1 68  MSE n 
1 69  ASP n 
1 70  LYS n 
1 71  ALA n 
1 72  GLY n 
1 73  VAL n 
1 74  ASP n 
1 75  VAL n 
1 76  VAL n 
1 77  ILE n 
1 78  ALA n 
1 79  GLU n 
1 80  GLY n 
1 81  VAL n 
1 82  GLU n 
1 83  GLU n 
1 84  ARG n 
1 85  GLY n 
1 86  LEU n 
1 87  GLY n 
1 88  LEU n 
1 89  ALA n 
1 90  VAL n 
1 91  MSE n 
1 92  ASN n 
1 93  ARG n 
1 94  LEU n 
1 95  ARG n 
1 96  LYS n 
1 97  ALA n 
1 98  SER n 
1 99  GLY n 
1 100 TYR n 
1 101 LYS n 
1 102 ILE n 
1 103 VAL n 
1 104 LYS n 
1 105 ALA n 
# 
_entity_src_gen.entity_id                          1 
_entity_src_gen.pdbx_src_id                        1 
_entity_src_gen.pdbx_alt_source_flag               sample 
_entity_src_gen.pdbx_seq_type                      ? 
_entity_src_gen.pdbx_beg_seq_num                   ? 
_entity_src_gen.pdbx_end_seq_num                   ? 
_entity_src_gen.gene_src_common_name               ? 
_entity_src_gen.gene_src_genus                     Pyrococcus 
_entity_src_gen.pdbx_gene_src_gene                 ? 
_entity_src_gen.gene_src_species                   'Pyrococcus horikoshii' 
_entity_src_gen.gene_src_strain                    OT3 
_entity_src_gen.gene_src_tissue                    ? 
_entity_src_gen.gene_src_tissue_fraction           ? 
_entity_src_gen.gene_src_details                   ? 
_entity_src_gen.pdbx_gene_src_fragment             ? 
_entity_src_gen.pdbx_gene_src_scientific_name      'Pyrococcus horikoshii' 
_entity_src_gen.pdbx_gene_src_ncbi_taxonomy_id     70601 
_entity_src_gen.pdbx_gene_src_variant              ? 
_entity_src_gen.pdbx_gene_src_cell_line            ? 
_entity_src_gen.pdbx_gene_src_atcc                 ? 
_entity_src_gen.pdbx_gene_src_organ                ? 
_entity_src_gen.pdbx_gene_src_organelle            ? 
_entity_src_gen.pdbx_gene_src_cell                 ? 
_entity_src_gen.pdbx_gene_src_cellular_location    ? 
_entity_src_gen.host_org_common_name               ? 
_entity_src_gen.pdbx_host_org_scientific_name      'Escherichia coli' 
_entity_src_gen.pdbx_host_org_ncbi_taxonomy_id     562 
_entity_src_gen.host_org_genus                     Escherichia 
_entity_src_gen.pdbx_host_org_gene                 ? 
_entity_src_gen.pdbx_host_org_organ                ? 
_entity_src_gen.host_org_species                   ? 
_entity_src_gen.pdbx_host_org_tissue               ? 
_entity_src_gen.pdbx_host_org_tissue_fraction      ? 
_entity_src_gen.pdbx_host_org_strain               'BL21-CodonPlus(DE3)-RIL-X' 
_entity_src_gen.pdbx_host_org_variant              ? 
_entity_src_gen.pdbx_host_org_cell_line            ? 
_entity_src_gen.pdbx_host_org_atcc                 ? 
_entity_src_gen.pdbx_host_org_culture_collection   ? 
_entity_src_gen.pdbx_host_org_cell                 ? 
_entity_src_gen.pdbx_host_org_organelle            ? 
_entity_src_gen.pdbx_host_org_cellular_location    ? 
_entity_src_gen.pdbx_host_org_vector_type          PLASMID 
_entity_src_gen.pdbx_host_org_vector               ? 
_entity_src_gen.host_org_details                   ? 
_entity_src_gen.expression_system_id               ? 
_entity_src_gen.plasmid_name                       pET-11a 
_entity_src_gen.plasmid_details                    ? 
_entity_src_gen.pdbx_description                   ? 
# 
loop_
_chem_comp.id 
_chem_comp.type 
_chem_comp.mon_nstd_flag 
_chem_comp.name 
_chem_comp.pdbx_synonyms 
_chem_comp.formula 
_chem_comp.formula_weight 
ALA 'L-peptide linking' y ALANINE          ? 'C3 H7 N O2'     89.093  
ARG 'L-peptide linking' y ARGININE         ? 'C6 H15 N4 O2 1' 175.209 
ASN 'L-peptide linking' y ASPARAGINE       ? 'C4 H8 N2 O3'    132.118 
ASP 'L-peptide linking' y 'ASPARTIC ACID'  ? 'C4 H7 N O4'     133.103 
GLU 'L-peptide linking' y 'GLUTAMIC ACID'  ? 'C5 H9 N O4'     147.129 
GLY 'peptide linking'   y GLYCINE          ? 'C2 H5 N O2'     75.067  
HOH non-polymer         . WATER            ? 'H2 O'           18.015  
ILE 'L-peptide linking' y ISOLEUCINE       ? 'C6 H13 N O2'    131.173 
LEU 'L-peptide linking' y LEUCINE          ? 'C6 H13 N O2'    131.173 
LYS 'L-peptide linking' y LYSINE           ? 'C6 H15 N2 O2 1' 147.195 
MSE 'L-peptide linking' n SELENOMETHIONINE ? 'C5 H11 N O2 Se' 196.106 
PHE 'L-peptide linking' y PHENYLALANINE    ? 'C9 H11 N O2'    165.189 
PRO 'L-peptide linking' y PROLINE          ? 'C5 H9 N O2'     115.130 
SER 'L-peptide linking' y SERINE           ? 'C3 H7 N O3'     105.093 
THR 'L-peptide linking' y THREONINE        ? 'C4 H9 N O3'     119.119 
TYR 'L-peptide linking' y TYROSINE         ? 'C9 H11 N O3'    181.189 
VAL 'L-peptide linking' y VALINE           ? 'C5 H11 N O2'    117.146 
# 
loop_
_pdbx_poly_seq_scheme.asym_id 
_pdbx_poly_seq_scheme.entity_id 
_pdbx_poly_seq_scheme.seq_id 
_pdbx_poly_seq_scheme.mon_id 
_pdbx_poly_seq_scheme.ndb_seq_num 
_pdbx_poly_seq_scheme.pdb_seq_num 
_pdbx_poly_seq_scheme.auth_seq_num 
_pdbx_poly_seq_scheme.pdb_mon_id 
_pdbx_poly_seq_scheme.auth_mon_id 
_pdbx_poly_seq_scheme.pdb_strand_id 
_pdbx_poly_seq_scheme.pdb_ins_code 
_pdbx_poly_seq_scheme.hetero 
A 1 1   ALA 1   236 236 ALA ALA A . n 
A 1 2   PRO 2   237 237 PRO PRO A . n 
A 1 3   ASN 3   238 238 ASN ASN A . n 
A 1 4   ALA 4   239 239 ALA ALA A . n 
A 1 5   GLU 5   240 240 GLU GLU A . n 
A 1 6   VAL 6   241 241 VAL VAL A . n 
A 1 7   ILE 7   242 242 ILE ILE A . n 
A 1 8   VAL 8   243 243 VAL VAL A . n 
A 1 9   VAL 9   244 244 VAL VAL A . n 
A 1 10  GLU 10  245 245 GLU GLU A . n 
A 1 11  GLY 11  246 246 GLY GLY A . n 
A 1 12  PRO 12  247 247 PRO PRO A . n 
A 1 13  ARG 13  248 248 ARG ARG A . n 
A 1 14  GLU 14  249 249 GLU GLU A . n 
A 1 15  LYS 15  250 250 LYS LYS A . n 
A 1 16  VAL 16  251 251 VAL VAL A . n 
A 1 17  LYS 17  252 252 LYS LYS A . n 
A 1 18  GLY 18  253 253 GLY GLY A . n 
A 1 19  LYS 19  254 254 LYS LYS A . n 
A 1 20  ILE 20  255 255 ILE ILE A . n 
A 1 21  THR 21  256 256 THR THR A . n 
A 1 22  GLU 22  257 257 GLU GLU A . n 
A 1 23  LEU 23  258 258 LEU LEU A . n 
A 1 24  VAL 24  259 259 VAL VAL A . n 
A 1 25  LYS 25  260 260 LYS LYS A . n 
A 1 26  GLU 26  261 261 GLU GLU A . n 
A 1 27  LEU 27  262 262 LEU LEU A . n 
A 1 28  LYS 28  263 263 LYS LYS A . n 
A 1 29  GLU 29  264 264 GLU GLU A . n 
A 1 30  ARG 30  265 265 ARG ARG A . n 
A 1 31  GLY 31  266 266 GLY GLY A . n 
A 1 32  LYS 32  267 267 LYS LYS A . n 
A 1 33  LYS 33  268 268 LYS LYS A . n 
A 1 34  VAL 34  269 269 VAL VAL A . n 
A 1 35  GLY 35  270 270 GLY GLY A . n 
A 1 36  VAL 36  271 271 VAL VAL A . n 
A 1 37  ILE 37  272 272 ILE ILE A . n 
A 1 38  GLY 38  273 273 GLY GLY A . n 
A 1 39  SER 39  274 274 SER SER A . n 
A 1 40  GLU 40  275 275 GLU GLU A . n 
A 1 41  SER 41  276 276 SER SER A . n 
A 1 42  TYR 42  277 277 TYR TYR A . n 
A 1 43  ASN 43  278 278 ASN ASN A . n 
A 1 44  ALA 44  279 279 ALA ALA A . n 
A 1 45  ASP 45  280 280 ASP ASP A . n 
A 1 46  GLU 46  281 281 GLU GLU A . n 
A 1 47  PHE 47  282 282 PHE PHE A . n 
A 1 48  PHE 48  283 283 PHE PHE A . n 
A 1 49  PHE 49  284 284 PHE PHE A . n 
A 1 50  LEU 50  285 285 LEU LEU A . n 
A 1 51  GLY 51  286 286 GLY GLY A . n 
A 1 52  SER 52  287 287 SER SER A . n 
A 1 53  SER 53  288 288 SER SER A . n 
A 1 54  VAL 54  289 289 VAL VAL A . n 
A 1 55  GLU 55  290 290 GLU GLU A . n 
A 1 56  GLU 56  291 291 GLU GLU A . n 
A 1 57  VAL 57  292 292 VAL VAL A . n 
A 1 58  ALA 58  293 293 ALA ALA A . n 
A 1 59  LYS 59  294 294 LYS LYS A . n 
A 1 60  ASN 60  295 295 ASN ASN A . n 
A 1 61  LEU 61  296 296 LEU LEU A . n 
A 1 62  PHE 62  297 297 PHE PHE A . n 
A 1 63  LYS 63  298 298 LYS LYS A . n 
A 1 64  ALA 64  299 299 ALA ALA A . n 
A 1 65  LEU 65  300 300 LEU LEU A . n 
A 1 66  ARG 66  301 301 ARG ARG A . n 
A 1 67  TYR 67  302 302 TYR TYR A . n 
A 1 68  MSE 68  303 303 MSE MSE A . n 
A 1 69  ASP 69  304 304 ASP ASP A . n 
A 1 70  LYS 70  305 305 LYS LYS A . n 
A 1 71  ALA 71  306 306 ALA ALA A . n 
A 1 72  GLY 72  307 307 GLY GLY A . n 
A 1 73  VAL 73  308 308 VAL VAL A . n 
A 1 74  ASP 74  309 309 ASP ASP A . n 
A 1 75  VAL 75  310 310 VAL VAL A . n 
A 1 76  VAL 76  311 311 VAL VAL A . n 
A 1 77  ILE 77  312 312 ILE ILE A . n 
A 1 78  ALA 78  313 313 ALA ALA A . n 
A 1 79  GLU 79  314 314 GLU GLU A . n 
A 1 80  GLY 80  315 315 GLY GLY A . n 
A 1 81  VAL 81  316 316 VAL VAL A . n 
A 1 82  GLU 82  317 317 GLU GLU A . n 
A 1 83  GLU 83  318 318 GLU GLU A . n 
A 1 84  ARG 84  319 319 ARG ARG A . n 
A 1 85  GLY 85  320 320 GLY GLY A . n 
A 1 86  LEU 86  321 321 LEU LEU A . n 
A 1 87  GLY 87  322 322 GLY GLY A . n 
A 1 88  LEU 88  323 323 LEU LEU A . n 
A 1 89  ALA 89  324 324 ALA ALA A . n 
A 1 90  VAL 90  325 325 VAL VAL A . n 
A 1 91  MSE 91  326 326 MSE MSE A . n 
A 1 92  ASN 92  327 327 ASN ASN A . n 
A 1 93  ARG 93  328 328 ARG ARG A . n 
A 1 94  LEU 94  329 329 LEU LEU A . n 
A 1 95  ARG 95  330 ?   ?   ?   A . n 
A 1 96  LYS 96  331 ?   ?   ?   A . n 
A 1 97  ALA 97  332 ?   ?   ?   A . n 
A 1 98  SER 98  333 333 SER SER A . n 
A 1 99  GLY 99  334 334 GLY GLY A . n 
A 1 100 TYR 100 335 335 TYR TYR A . n 
A 1 101 LYS 101 336 336 LYS LYS A . n 
A 1 102 ILE 102 337 337 ILE ILE A . n 
A 1 103 VAL 103 338 338 VAL VAL A . n 
A 1 104 LYS 104 339 339 LYS LYS A . n 
A 1 105 ALA 105 340 340 ALA ALA A . n 
# 
loop_
_pdbx_nonpoly_scheme.asym_id 
_pdbx_nonpoly_scheme.entity_id 
_pdbx_nonpoly_scheme.mon_id 
_pdbx_nonpoly_scheme.ndb_seq_num 
_pdbx_nonpoly_scheme.pdb_seq_num 
_pdbx_nonpoly_scheme.auth_seq_num 
_pdbx_nonpoly_scheme.pdb_mon_id 
_pdbx_nonpoly_scheme.auth_mon_id 
_pdbx_nonpoly_scheme.pdb_strand_id 
_pdbx_nonpoly_scheme.pdb_ins_code 
B 2 HOH 1  341 1  HOH HOH A . 
B 2 HOH 2  342 2  HOH HOH A . 
B 2 HOH 3  343 3  HOH HOH A . 
B 2 HOH 4  344 4  HOH HOH A . 
B 2 HOH 5  345 5  HOH HOH A . 
B 2 HOH 6  346 6  HOH HOH A . 
B 2 HOH 7  347 7  HOH HOH A . 
B 2 HOH 8  348 8  HOH HOH A . 
B 2 HOH 9  349 9  HOH HOH A . 
B 2 HOH 10 350 10 HOH HOH A . 
B 2 HOH 11 351 11 HOH HOH A . 
B 2 HOH 12 352 12 HOH HOH A . 
B 2 HOH 13 353 13 HOH HOH A . 
B 2 HOH 14 354 14 HOH HOH A . 
B 2 HOH 15 355 15 HOH HOH A . 
B 2 HOH 16 356 16 HOH HOH A . 
B 2 HOH 17 357 17 HOH HOH A . 
B 2 HOH 18 358 18 HOH HOH A . 
B 2 HOH 19 359 19 HOH HOH A . 
B 2 HOH 20 360 20 HOH HOH A . 
B 2 HOH 21 361 21 HOH HOH A . 
B 2 HOH 22 362 22 HOH HOH A . 
B 2 HOH 23 363 23 HOH HOH A . 
B 2 HOH 24 364 24 HOH HOH A . 
B 2 HOH 25 365 25 HOH HOH A . 
B 2 HOH 26 366 26 HOH HOH A . 
B 2 HOH 27 367 27 HOH HOH A . 
B 2 HOH 28 368 28 HOH HOH A . 
B 2 HOH 29 369 29 HOH HOH A . 
B 2 HOH 30 370 30 HOH HOH A . 
B 2 HOH 31 371 31 HOH HOH A . 
B 2 HOH 32 372 32 HOH HOH A . 
B 2 HOH 33 373 33 HOH HOH A . 
B 2 HOH 34 374 34 HOH HOH A . 
B 2 HOH 35 375 35 HOH HOH A . 
B 2 HOH 36 376 36 HOH HOH A . 
B 2 HOH 37 377 37 HOH HOH A . 
B 2 HOH 38 378 38 HOH HOH A . 
B 2 HOH 39 379 39 HOH HOH A . 
B 2 HOH 40 380 40 HOH HOH A . 
B 2 HOH 41 381 41 HOH HOH A . 
B 2 HOH 42 382 42 HOH HOH A . 
B 2 HOH 43 383 43 HOH HOH A . 
B 2 HOH 44 384 44 HOH HOH A . 
B 2 HOH 45 385 45 HOH HOH A . 
B 2 HOH 46 386 46 HOH HOH A . 
B 2 HOH 47 387 47 HOH HOH A . 
B 2 HOH 48 388 48 HOH HOH A . 
B 2 HOH 49 389 49 HOH HOH A . 
B 2 HOH 50 390 50 HOH HOH A . 
B 2 HOH 51 391 51 HOH HOH A . 
B 2 HOH 52 392 52 HOH HOH A . 
B 2 HOH 53 393 53 HOH HOH A . 
B 2 HOH 54 394 54 HOH HOH A . 
B 2 HOH 55 395 55 HOH HOH A . 
B 2 HOH 56 396 56 HOH HOH A . 
B 2 HOH 57 397 57 HOH HOH A . 
B 2 HOH 58 398 58 HOH HOH A . 
B 2 HOH 59 399 59 HOH HOH A . 
B 2 HOH 60 400 60 HOH HOH A . 
B 2 HOH 61 401 61 HOH HOH A . 
B 2 HOH 62 402 62 HOH HOH A . 
B 2 HOH 63 403 63 HOH HOH A . 
B 2 HOH 64 404 64 HOH HOH A . 
B 2 HOH 65 405 65 HOH HOH A . 
B 2 HOH 66 406 66 HOH HOH A . 
B 2 HOH 67 407 67 HOH HOH A . 
B 2 HOH 68 408 68 HOH HOH A . 
B 2 HOH 69 409 69 HOH HOH A . 
B 2 HOH 70 410 70 HOH HOH A . 
B 2 HOH 71 411 71 HOH HOH A . 
B 2 HOH 72 412 72 HOH HOH A . 
B 2 HOH 73 413 73 HOH HOH A . 
B 2 HOH 74 414 74 HOH HOH A . 
B 2 HOH 75 415 75 HOH HOH A . 
B 2 HOH 76 416 76 HOH HOH A . 
B 2 HOH 77 417 77 HOH HOH A . 
B 2 HOH 78 418 78 HOH HOH A . 
B 2 HOH 79 419 79 HOH HOH A . 
B 2 HOH 80 420 80 HOH HOH A . 
B 2 HOH 81 421 81 HOH HOH A . 
B 2 HOH 82 422 82 HOH HOH A . 
B 2 HOH 83 423 83 HOH HOH A . 
B 2 HOH 84 424 84 HOH HOH A . 
# 
loop_
_software.name 
_software.classification 
_software.version 
_software.citation_id 
_software.pdbx_ordinal 
CNS      refinement        1.1 ? 1 
BSS      'data collection' .   ? 2 
HKL-2000 'data reduction'  .   ? 3 
HKL-2000 'data scaling'    .   ? 4 
SOLVE    phasing           .   ? 5 
# 
_cell.entry_id           2YV4 
_cell.length_a           36.144 
_cell.length_b           36.144 
_cell.length_c           135.867 
_cell.angle_alpha        90.00 
_cell.angle_beta         90.00 
_cell.angle_gamma        120.00 
_cell.Z_PDB              6 
_cell.pdbx_unique_axis   ? 
_cell.length_a_esd       ? 
_cell.length_b_esd       ? 
_cell.length_c_esd       ? 
_cell.angle_alpha_esd    ? 
_cell.angle_beta_esd     ? 
_cell.angle_gamma_esd    ? 
# 
_symmetry.entry_id                         2YV4 
_symmetry.space_group_name_H-M             'P 61' 
_symmetry.pdbx_full_space_group_name_H-M   ? 
_symmetry.cell_setting                     ? 
_symmetry.Int_Tables_number                169 
_symmetry.space_group_name_Hall            ? 
# 
_exptl.entry_id          2YV4 
_exptl.method            'X-RAY DIFFRACTION' 
_exptl.crystals_number   1 
# 
_exptl_crystal.id                    1 
_exptl_crystal.density_meas          ? 
_exptl_crystal.density_Matthews      2.21 
_exptl_crystal.density_percent_sol   44.38 
_exptl_crystal.description           ? 
_exptl_crystal.F_000                 ? 
_exptl_crystal.preparation           ? 
# 
_exptl_crystal_grow.crystal_id      1 
_exptl_crystal_grow.method          'VAPOR DIFFUSION, SITTING DROP' 
_exptl_crystal_grow.temp            293 
_exptl_crystal_grow.temp_details    ? 
_exptl_crystal_grow.pH              ? 
_exptl_crystal_grow.pdbx_details    '0.2M Ammonium sulfate, 30% w/v PEG 8000, VAPOR DIFFUSION, SITTING DROP, temperature 293K' 
_exptl_crystal_grow.pdbx_pH_range   . 
# 
_diffrn.id                     1 
_diffrn.ambient_temp           100 
_diffrn.ambient_temp_details   ? 
_diffrn.crystal_id             1 
# 
_diffrn_detector.diffrn_id              1 
_diffrn_detector.detector               CCD 
_diffrn_detector.type                   'RIGAKU JUPITER 210' 
_diffrn_detector.pdbx_collection_date   2006-10-21 
_diffrn_detector.details                
'A fixed exit Si double crystal monochromator followed by a two dimensional focusing mirror which is coated in rhodium' 
# 
_diffrn_radiation.diffrn_id                        1 
_diffrn_radiation.wavelength_id                    1 
_diffrn_radiation.pdbx_monochromatic_or_laue_m_l   M 
_diffrn_radiation.monochromator                    'Fixed exit Si double crystal monochromator' 
_diffrn_radiation.pdbx_diffrn_protocol             MAD 
_diffrn_radiation.pdbx_scattering_type             x-ray 
# 
loop_
_diffrn_radiation_wavelength.id 
_diffrn_radiation_wavelength.wavelength 
_diffrn_radiation_wavelength.wt 
1 0.97886 1.0 
2 0.90    1.0 
3 0.97929 1.0 
# 
_diffrn_source.diffrn_id                   1 
_diffrn_source.source                      SYNCHROTRON 
_diffrn_source.type                        'SPRING-8 BEAMLINE BL26B2' 
_diffrn_source.pdbx_synchrotron_site       SPring-8 
_diffrn_source.pdbx_synchrotron_beamline   BL26B2 
_diffrn_source.pdbx_wavelength             ? 
_diffrn_source.pdbx_wavelength_list        '0.97886, 0.90, 0.97929' 
# 
_reflns.entry_id                     2YV4 
_reflns.observed_criterion_sigma_I   ? 
_reflns.observed_criterion_sigma_F   ? 
_reflns.d_resolution_low             40.0 
_reflns.d_resolution_high            2.0 
_reflns.number_obs                   6812 
_reflns.number_all                   6812 
_reflns.percent_possible_obs         99.8 
_reflns.pdbx_Rmerge_I_obs            0.073 
_reflns.pdbx_Rsym_value              ? 
_reflns.pdbx_netI_over_sigmaI        47.8 
_reflns.B_iso_Wilson_estimate        10.4 
_reflns.pdbx_redundancy              10.6 
_reflns.R_free_details               ? 
_reflns.limit_h_max                  ? 
_reflns.limit_h_min                  ? 
_reflns.limit_k_max                  ? 
_reflns.limit_k_min                  ? 
_reflns.limit_l_max                  ? 
_reflns.limit_l_min                  ? 
_reflns.observed_criterion_F_max     ? 
_reflns.observed_criterion_F_min     ? 
_reflns.pdbx_chi_squared             ? 
_reflns.pdbx_scaling_rejects         ? 
_reflns.pdbx_ordinal                 1 
_reflns.pdbx_diffrn_id               1 
# 
_reflns_shell.d_res_high             2.00 
_reflns_shell.d_res_low              2.070 
_reflns_shell.percent_possible_all   100 
_reflns_shell.Rmerge_I_obs           0.200 
_reflns_shell.pdbx_Rsym_value        ? 
_reflns_shell.meanI_over_sigI_obs    13.6 
_reflns_shell.pdbx_redundancy        10.7 
_reflns_shell.percent_possible_obs   ? 
_reflns_shell.number_unique_all      658 
_reflns_shell.number_measured_all    ? 
_reflns_shell.number_measured_obs    ? 
_reflns_shell.number_unique_obs      ? 
_reflns_shell.pdbx_chi_squared       ? 
_reflns_shell.pdbx_ordinal           1 
_reflns_shell.pdbx_diffrn_id         1 
# 
_refine.entry_id                                 2YV4 
_refine.ls_number_reflns_obs                     6741 
_refine.ls_number_reflns_all                     6741 
_refine.pdbx_ls_sigma_I                          0 
_refine.pdbx_ls_sigma_F                          0.0 
_refine.pdbx_data_cutoff_high_absF               1128339.45 
_refine.pdbx_data_cutoff_low_absF                0.000000 
_refine.pdbx_data_cutoff_high_rms_absF           ? 
_refine.ls_d_res_low                             31.30 
_refine.ls_d_res_high                            2.00 
_refine.ls_percent_reflns_obs                    99.5 
_refine.ls_R_factor_obs                          0.206 
_refine.ls_R_factor_all                          0.211 
_refine.ls_R_factor_R_work                       0.206 
_refine.ls_R_factor_R_free                       0.253 
_refine.ls_R_factor_R_free_error                 0.009 
_refine.ls_R_factor_R_free_error_details         ? 
_refine.ls_percent_reflns_R_free                 10.9 
_refine.ls_number_reflns_R_free                  736 
_refine.ls_number_parameters                     ? 
_refine.ls_number_restraints                     ? 
_refine.occupancy_min                            ? 
_refine.occupancy_max                            ? 
_refine.correlation_coeff_Fo_to_Fc               ? 
_refine.correlation_coeff_Fo_to_Fc_free          ? 
_refine.B_iso_mean                               17.8 
_refine.aniso_B[1][1]                            1.44 
_refine.aniso_B[2][2]                            1.44 
_refine.aniso_B[3][3]                            -2.88 
_refine.aniso_B[1][2]                            3.34 
_refine.aniso_B[1][3]                            0.00 
_refine.aniso_B[2][3]                            0.00 
_refine.solvent_model_details                    'FLAT MODEL' 
_refine.solvent_model_param_ksol                 0.355844 
_refine.solvent_model_param_bsol                 42.853 
_refine.pdbx_solvent_vdw_probe_radii             ? 
_refine.pdbx_solvent_ion_probe_radii             ? 
_refine.pdbx_solvent_shrinkage_radii             ? 
_refine.pdbx_ls_cross_valid_method               THROUGHOUT 
_refine.details                                  ? 
_refine.pdbx_starting_model                      ? 
_refine.pdbx_method_to_determine_struct          MAD 
_refine.pdbx_isotropic_thermal_model             RESTRAINED 
_refine.pdbx_stereochemistry_target_values       'Engh & Huber' 
_refine.pdbx_stereochem_target_val_spec_case     ? 
_refine.pdbx_R_Free_selection_details            RANDOM 
_refine.pdbx_overall_ESU_R                       ? 
_refine.pdbx_overall_ESU_R_Free                  ? 
_refine.overall_SU_ML                            ? 
_refine.overall_SU_B                             ? 
_refine.ls_redundancy_reflns_obs                 ? 
_refine.B_iso_min                                ? 
_refine.B_iso_max                                ? 
_refine.overall_SU_R_Cruickshank_DPI             ? 
_refine.overall_SU_R_free                        ? 
_refine.ls_wR_factor_R_free                      ? 
_refine.ls_wR_factor_R_work                      ? 
_refine.overall_FOM_free_R_set                   ? 
_refine.overall_FOM_work_R_set                   ? 
_refine.pdbx_refine_id                           'X-RAY DIFFRACTION' 
_refine.pdbx_diffrn_id                           1 
_refine.pdbx_TLS_residual_ADP_flag               ? 
_refine.pdbx_overall_phase_error                 ? 
_refine.pdbx_overall_SU_R_free_Cruickshank_DPI   ? 
_refine.pdbx_overall_SU_R_Blow_DPI               ? 
_refine.pdbx_overall_SU_R_free_Blow_DPI          ? 
# 
_refine_analyze.entry_id                        2YV4 
_refine_analyze.Luzzati_coordinate_error_obs    0.22 
_refine_analyze.Luzzati_sigma_a_obs             0.06 
_refine_analyze.Luzzati_d_res_low_obs           5.00 
_refine_analyze.Luzzati_coordinate_error_free   0.29 
_refine_analyze.Luzzati_sigma_a_free            0.14 
_refine_analyze.Luzzati_d_res_low_free          ? 
_refine_analyze.number_disordered_residues      ? 
_refine_analyze.occupancy_sum_hydrogen          ? 
_refine_analyze.occupancy_sum_non_hydrogen      ? 
_refine_analyze.pdbx_Luzzati_d_res_high_obs     ? 
_refine_analyze.pdbx_refine_id                  'X-RAY DIFFRACTION' 
# 
_refine_hist.pdbx_refine_id                   'X-RAY DIFFRACTION' 
_refine_hist.cycle_id                         LAST 
_refine_hist.pdbx_number_atoms_protein        782 
_refine_hist.pdbx_number_atoms_nucleic_acid   0 
_refine_hist.pdbx_number_atoms_ligand         0 
_refine_hist.number_atoms_solvent             84 
_refine_hist.number_atoms_total               866 
_refine_hist.d_res_high                       2.00 
_refine_hist.d_res_low                        31.30 
# 
loop_
_refine_ls_restr.type 
_refine_ls_restr.dev_ideal 
_refine_ls_restr.dev_ideal_target 
_refine_ls_restr.weight 
_refine_ls_restr.number 
_refine_ls_restr.pdbx_refine_id 
_refine_ls_restr.pdbx_restraint_function 
c_bond_d                0.005 ?    ? ? 'X-RAY DIFFRACTION' ? 
c_bond_d_na             ?     ?    ? ? 'X-RAY DIFFRACTION' ? 
c_bond_d_prot           ?     ?    ? ? 'X-RAY DIFFRACTION' ? 
c_angle_d               ?     ?    ? ? 'X-RAY DIFFRACTION' ? 
c_angle_d_na            ?     ?    ? ? 'X-RAY DIFFRACTION' ? 
c_angle_d_prot          ?     ?    ? ? 'X-RAY DIFFRACTION' ? 
c_angle_deg             1.2   ?    ? ? 'X-RAY DIFFRACTION' ? 
c_angle_deg_na          ?     ?    ? ? 'X-RAY DIFFRACTION' ? 
c_angle_deg_prot        ?     ?    ? ? 'X-RAY DIFFRACTION' ? 
c_dihedral_angle_d      21.7  ?    ? ? 'X-RAY DIFFRACTION' ? 
c_dihedral_angle_d_na   ?     ?    ? ? 'X-RAY DIFFRACTION' ? 
c_dihedral_angle_d_prot ?     ?    ? ? 'X-RAY DIFFRACTION' ? 
c_improper_angle_d      0.65  ?    ? ? 'X-RAY DIFFRACTION' ? 
c_improper_angle_d_na   ?     ?    ? ? 'X-RAY DIFFRACTION' ? 
c_improper_angle_d_prot ?     ?    ? ? 'X-RAY DIFFRACTION' ? 
c_mcbond_it             1.42  1.50 ? ? 'X-RAY DIFFRACTION' ? 
c_mcangle_it            2.10  2.00 ? ? 'X-RAY DIFFRACTION' ? 
c_scbond_it             2.50  2.00 ? ? 'X-RAY DIFFRACTION' ? 
c_scangle_it            3.81  2.50 ? ? 'X-RAY DIFFRACTION' ? 
# 
_refine_ls_shell.pdbx_total_number_of_bins_used   6 
_refine_ls_shell.d_res_high                       2.00 
_refine_ls_shell.d_res_low                        2.13 
_refine_ls_shell.number_reflns_R_work             1003 
_refine_ls_shell.R_factor_R_work                  0.205 
_refine_ls_shell.percent_reflns_obs               100.0 
_refine_ls_shell.R_factor_R_free                  0.274 
_refine_ls_shell.R_factor_R_free_error            0.024 
_refine_ls_shell.percent_reflns_R_free            11.2 
_refine_ls_shell.number_reflns_R_free             126 
_refine_ls_shell.number_reflns_all                ? 
_refine_ls_shell.R_factor_all                     ? 
_refine_ls_shell.number_reflns_obs                1129 
_refine_ls_shell.redundancy_reflns_obs            ? 
_refine_ls_shell.pdbx_refine_id                   'X-RAY DIFFRACTION' 
# 
loop_
_pdbx_xplor_file.serial_no 
_pdbx_xplor_file.param_file 
_pdbx_xplor_file.topol_file 
_pdbx_xplor_file.pdbx_refine_id 
1 protein_rep.param protein.top 'X-RAY DIFFRACTION' 
2 water_rep.param   water.top   'X-RAY DIFFRACTION' 
# 
_struct.entry_id                  2YV4 
_struct.title                     
'Crystal Structure of C-terminal Sua5 Domain from Pyrococcus horikoshii Hypothetical Sua5 Protein PH0435' 
_struct.pdbx_model_details        ? 
_struct.pdbx_CASP_flag            ? 
_struct.pdbx_model_type_details   ? 
# 
_struct_keywords.entry_id        2YV4 
_struct_keywords.pdbx_keywords   'RNA BINDING PROTEIN' 
_struct_keywords.text            
;Alpha and beta proteins (a+b), Sua5 Domain, Structural Genomics, NPPSFA, National Project on Protein Structural and Functional Analyses, RIKEN Structural Genomics/Proteomics Initiative, RSGI, RNA BINDING PROTEIN
;
# 
loop_
_struct_asym.id 
_struct_asym.pdbx_blank_PDB_chainid_flag 
_struct_asym.pdbx_modified 
_struct_asym.entity_id 
_struct_asym.details 
A N N 1 ? 
B N N 2 ? 
# 
_struct_ref.id                         1 
_struct_ref.db_name                    UNP 
_struct_ref.db_code                    O73972_PYRHO 
_struct_ref.pdbx_db_accession          O73972 
_struct_ref.entity_id                  1 
_struct_ref.pdbx_seq_one_letter_code   
;APNAEVIVVEGPREKVKGKITELVKELKERGKKVGVIGSESYNADEFFFLGSSVEEVAKNLFKALRYMDKAGVDVVIAEG
VEERGLGLAVMNRLRKASGYKIVKA
;
_struct_ref.pdbx_align_begin           236 
_struct_ref.pdbx_db_isoform            ? 
# 
_struct_ref_seq.align_id                      1 
_struct_ref_seq.ref_id                        1 
_struct_ref_seq.pdbx_PDB_id_code              2YV4 
_struct_ref_seq.pdbx_strand_id                A 
_struct_ref_seq.seq_align_beg                 1 
_struct_ref_seq.pdbx_seq_align_beg_ins_code   ? 
_struct_ref_seq.seq_align_end                 105 
_struct_ref_seq.pdbx_seq_align_end_ins_code   ? 
_struct_ref_seq.pdbx_db_accession             O73972 
_struct_ref_seq.db_align_beg                  236 
_struct_ref_seq.pdbx_db_align_beg_ins_code    ? 
_struct_ref_seq.db_align_end                  340 
_struct_ref_seq.pdbx_db_align_end_ins_code    ? 
_struct_ref_seq.pdbx_auth_seq_align_beg       236 
_struct_ref_seq.pdbx_auth_seq_align_end       340 
# 
_pdbx_struct_assembly.id                   1 
_pdbx_struct_assembly.details              author_defined_assembly 
_pdbx_struct_assembly.method_details       ? 
_pdbx_struct_assembly.oligomeric_details   monomeric 
_pdbx_struct_assembly.oligomeric_count     1 
# 
_pdbx_struct_assembly_gen.assembly_id       1 
_pdbx_struct_assembly_gen.oper_expression   1 
_pdbx_struct_assembly_gen.asym_id_list      A,B 
# 
_pdbx_struct_oper_list.id                   1 
_pdbx_struct_oper_list.type                 'identity operation' 
_pdbx_struct_oper_list.name                 1_555 
_pdbx_struct_oper_list.symmetry_operation   x,y,z 
_pdbx_struct_oper_list.matrix[1][1]         1.0000000000 
_pdbx_struct_oper_list.matrix[1][2]         0.0000000000 
_pdbx_struct_oper_list.matrix[1][3]         0.0000000000 
_pdbx_struct_oper_list.vector[1]            0.0000000000 
_pdbx_struct_oper_list.matrix[2][1]         0.0000000000 
_pdbx_struct_oper_list.matrix[2][2]         1.0000000000 
_pdbx_struct_oper_list.matrix[2][3]         0.0000000000 
_pdbx_struct_oper_list.vector[2]            0.0000000000 
_pdbx_struct_oper_list.matrix[3][1]         0.0000000000 
_pdbx_struct_oper_list.matrix[3][2]         0.0000000000 
_pdbx_struct_oper_list.matrix[3][3]         1.0000000000 
_pdbx_struct_oper_list.vector[3]            0.0000000000 
# 
_struct_biol.id        1 
_struct_biol.details   ? 
# 
loop_
_struct_conf.conf_type_id 
_struct_conf.id 
_struct_conf.pdbx_PDB_helix_id 
_struct_conf.beg_label_comp_id 
_struct_conf.beg_label_asym_id 
_struct_conf.beg_label_seq_id 
_struct_conf.pdbx_beg_PDB_ins_code 
_struct_conf.end_label_comp_id 
_struct_conf.end_label_asym_id 
_struct_conf.end_label_seq_id 
_struct_conf.pdbx_end_PDB_ins_code 
_struct_conf.beg_auth_comp_id 
_struct_conf.beg_auth_asym_id 
_struct_conf.beg_auth_seq_id 
_struct_conf.end_auth_comp_id 
_struct_conf.end_auth_asym_id 
_struct_conf.end_auth_seq_id 
_struct_conf.pdbx_PDB_helix_class 
_struct_conf.details 
_struct_conf.pdbx_PDB_helix_length 
HELX_P HELX_P1 1 PRO A 12 ? ARG A 30 ? PRO A 247 ARG A 265 1 ? 19 
HELX_P HELX_P2 2 SER A 53 ? ALA A 71 ? SER A 288 ALA A 306 1 ? 19 
HELX_P HELX_P3 3 GLY A 85 ? LEU A 94 ? GLY A 320 LEU A 329 1 ? 10 
# 
_struct_conf_type.id          HELX_P 
_struct_conf_type.criteria    ? 
_struct_conf_type.reference   ? 
# 
loop_
_struct_conn.id 
_struct_conn.conn_type_id 
_struct_conn.pdbx_leaving_atom_flag 
_struct_conn.pdbx_PDB_id 
_struct_conn.ptnr1_label_asym_id 
_struct_conn.ptnr1_label_comp_id 
_struct_conn.ptnr1_label_seq_id 
_struct_conn.ptnr1_label_atom_id 
_struct_conn.pdbx_ptnr1_label_alt_id 
_struct_conn.pdbx_ptnr1_PDB_ins_code 
_struct_conn.pdbx_ptnr1_standard_comp_id 
_struct_conn.ptnr1_symmetry 
_struct_conn.ptnr2_label_asym_id 
_struct_conn.ptnr2_label_comp_id 
_struct_conn.ptnr2_label_seq_id 
_struct_conn.ptnr2_label_atom_id 
_struct_conn.pdbx_ptnr2_label_alt_id 
_struct_conn.pdbx_ptnr2_PDB_ins_code 
_struct_conn.ptnr1_auth_asym_id 
_struct_conn.ptnr1_auth_comp_id 
_struct_conn.ptnr1_auth_seq_id 
_struct_conn.ptnr2_auth_asym_id 
_struct_conn.ptnr2_auth_comp_id 
_struct_conn.ptnr2_auth_seq_id 
_struct_conn.ptnr2_symmetry 
_struct_conn.pdbx_ptnr3_label_atom_id 
_struct_conn.pdbx_ptnr3_label_seq_id 
_struct_conn.pdbx_ptnr3_label_comp_id 
_struct_conn.pdbx_ptnr3_label_asym_id 
_struct_conn.pdbx_ptnr3_label_alt_id 
_struct_conn.pdbx_ptnr3_PDB_ins_code 
_struct_conn.details 
_struct_conn.pdbx_dist_value 
_struct_conn.pdbx_value_order 
_struct_conn.pdbx_role 
covale1 covale both ? A TYR 67 C ? ? ? 1_555 A MSE 68 N ? ? A TYR 302 A MSE 303 1_555 ? ? ? ? ? ? ? 1.330 ? ? 
covale2 covale both ? A MSE 68 C ? ? ? 1_555 A ASP 69 N ? ? A MSE 303 A ASP 304 1_555 ? ? ? ? ? ? ? 1.327 ? ? 
covale3 covale both ? A VAL 90 C ? ? ? 1_555 A MSE 91 N ? ? A VAL 325 A MSE 326 1_555 ? ? ? ? ? ? ? 1.330 ? ? 
covale4 covale both ? A MSE 91 C ? ? ? 1_555 A ASN 92 N ? ? A MSE 326 A ASN 327 1_555 ? ? ? ? ? ? ? 1.330 ? ? 
# 
_struct_conn_type.id          covale 
_struct_conn_type.criteria    ? 
_struct_conn_type.reference   ? 
# 
loop_
_pdbx_modification_feature.ordinal 
_pdbx_modification_feature.label_comp_id 
_pdbx_modification_feature.label_asym_id 
_pdbx_modification_feature.label_seq_id 
_pdbx_modification_feature.label_alt_id 
_pdbx_modification_feature.modified_residue_label_comp_id 
_pdbx_modification_feature.modified_residue_label_asym_id 
_pdbx_modification_feature.modified_residue_label_seq_id 
_pdbx_modification_feature.modified_residue_label_alt_id 
_pdbx_modification_feature.auth_comp_id 
_pdbx_modification_feature.auth_asym_id 
_pdbx_modification_feature.auth_seq_id 
_pdbx_modification_feature.PDB_ins_code 
_pdbx_modification_feature.symmetry 
_pdbx_modification_feature.modified_residue_auth_comp_id 
_pdbx_modification_feature.modified_residue_auth_asym_id 
_pdbx_modification_feature.modified_residue_auth_seq_id 
_pdbx_modification_feature.modified_residue_PDB_ins_code 
_pdbx_modification_feature.modified_residue_symmetry 
_pdbx_modification_feature.comp_id_linking_atom 
_pdbx_modification_feature.modified_residue_id_linking_atom 
_pdbx_modification_feature.modified_residue_id 
_pdbx_modification_feature.ref_pcm_id 
_pdbx_modification_feature.ref_comp_id 
_pdbx_modification_feature.type 
_pdbx_modification_feature.category 
1 MSE A 68 ? . . . . MSE A 303 ? 1_555 . . . . . . . MET 1 MSE Selenomethionine 'Named protein modification' 
2 MSE A 91 ? . . . . MSE A 326 ? 1_555 . . . . . . . MET 1 MSE Selenomethionine 'Named protein modification' 
# 
_struct_sheet.id               A 
_struct_sheet.type             ? 
_struct_sheet.number_strands   5 
_struct_sheet.details          ? 
# 
loop_
_struct_sheet_order.sheet_id 
_struct_sheet_order.range_id_1 
_struct_sheet_order.range_id_2 
_struct_sheet_order.offset 
_struct_sheet_order.sense 
A 1 2 ? parallel 
A 2 3 ? parallel 
A 3 4 ? parallel 
A 4 5 ? parallel 
# 
loop_
_struct_sheet_range.sheet_id 
_struct_sheet_range.id 
_struct_sheet_range.beg_label_comp_id 
_struct_sheet_range.beg_label_asym_id 
_struct_sheet_range.beg_label_seq_id 
_struct_sheet_range.pdbx_beg_PDB_ins_code 
_struct_sheet_range.end_label_comp_id 
_struct_sheet_range.end_label_asym_id 
_struct_sheet_range.end_label_seq_id 
_struct_sheet_range.pdbx_end_PDB_ins_code 
_struct_sheet_range.beg_auth_comp_id 
_struct_sheet_range.beg_auth_asym_id 
_struct_sheet_range.beg_auth_seq_id 
_struct_sheet_range.end_auth_comp_id 
_struct_sheet_range.end_auth_asym_id 
_struct_sheet_range.end_auth_seq_id 
A 1 GLU A 46  ? PHE A 49  ? GLU A 281 PHE A 284 
A 2 VAL A 34  ? GLY A 38  ? VAL A 269 GLY A 273 
A 3 VAL A 75  ? VAL A 81  ? VAL A 310 VAL A 316 
A 4 GLU A 5   ? GLY A 11  ? GLU A 240 GLY A 246 
A 5 LYS A 101 ? LYS A 104 ? LYS A 336 LYS A 339 
# 
loop_
_pdbx_struct_sheet_hbond.sheet_id 
_pdbx_struct_sheet_hbond.range_id_1 
_pdbx_struct_sheet_hbond.range_id_2 
_pdbx_struct_sheet_hbond.range_1_label_atom_id 
_pdbx_struct_sheet_hbond.range_1_label_comp_id 
_pdbx_struct_sheet_hbond.range_1_label_asym_id 
_pdbx_struct_sheet_hbond.range_1_label_seq_id 
_pdbx_struct_sheet_hbond.range_1_PDB_ins_code 
_pdbx_struct_sheet_hbond.range_1_auth_atom_id 
_pdbx_struct_sheet_hbond.range_1_auth_comp_id 
_pdbx_struct_sheet_hbond.range_1_auth_asym_id 
_pdbx_struct_sheet_hbond.range_1_auth_seq_id 
_pdbx_struct_sheet_hbond.range_2_label_atom_id 
_pdbx_struct_sheet_hbond.range_2_label_comp_id 
_pdbx_struct_sheet_hbond.range_2_label_asym_id 
_pdbx_struct_sheet_hbond.range_2_label_seq_id 
_pdbx_struct_sheet_hbond.range_2_PDB_ins_code 
_pdbx_struct_sheet_hbond.range_2_auth_atom_id 
_pdbx_struct_sheet_hbond.range_2_auth_comp_id 
_pdbx_struct_sheet_hbond.range_2_auth_asym_id 
_pdbx_struct_sheet_hbond.range_2_auth_seq_id 
A 1 2 O GLU A 46 ? O GLU A 281 N VAL A 36  ? N VAL A 271 
A 2 3 N GLY A 35 ? N GLY A 270 O ILE A 77  ? O ILE A 312 
A 3 4 O VAL A 76 ? O VAL A 311 N GLU A 5   ? N GLU A 240 
A 4 5 N VAL A 8  ? N VAL A 243 O LYS A 101 ? O LYS A 336 
# 
_pdbx_entry_details.entry_id                   2YV4 
_pdbx_entry_details.compound_details           ? 
_pdbx_entry_details.source_details             ? 
_pdbx_entry_details.nonpolymer_details         ? 
_pdbx_entry_details.sequence_details           ? 
_pdbx_entry_details.has_ligand_of_interest     ? 
_pdbx_entry_details.has_protein_modification   Y 
# 
_pdbx_validate_torsion.id              1 
_pdbx_validate_torsion.PDB_model_num   1 
_pdbx_validate_torsion.auth_comp_id    ARG 
_pdbx_validate_torsion.auth_asym_id    A 
_pdbx_validate_torsion.auth_seq_id     319 
_pdbx_validate_torsion.PDB_ins_code    ? 
_pdbx_validate_torsion.label_alt_id    ? 
_pdbx_validate_torsion.phi             59.62 
_pdbx_validate_torsion.psi             19.09 
# 
_pdbx_SG_project.id                    1 
_pdbx_SG_project.project_name          'NPPSFA, National Project on Protein Structural and Functional Analyses' 
_pdbx_SG_project.full_name_of_center   'RIKEN Structural Genomics/Proteomics Initiative' 
_pdbx_SG_project.initial_of_center     RSGI 
# 
loop_
_pdbx_struct_mod_residue.id 
_pdbx_struct_mod_residue.label_asym_id 
_pdbx_struct_mod_residue.label_comp_id 
_pdbx_struct_mod_residue.label_seq_id 
_pdbx_struct_mod_residue.auth_asym_id 
_pdbx_struct_mod_residue.auth_comp_id 
_pdbx_struct_mod_residue.auth_seq_id 
_pdbx_struct_mod_residue.PDB_ins_code 
_pdbx_struct_mod_residue.parent_comp_id 
_pdbx_struct_mod_residue.details 
1 A MSE 68 A MSE 303 ? MET SELENOMETHIONINE 
2 A MSE 91 A MSE 326 ? MET SELENOMETHIONINE 
# 
loop_
_pdbx_unobs_or_zero_occ_residues.id 
_pdbx_unobs_or_zero_occ_residues.PDB_model_num 
_pdbx_unobs_or_zero_occ_residues.polymer_flag 
_pdbx_unobs_or_zero_occ_residues.occupancy_flag 
_pdbx_unobs_or_zero_occ_residues.auth_asym_id 
_pdbx_unobs_or_zero_occ_residues.auth_comp_id 
_pdbx_unobs_or_zero_occ_residues.auth_seq_id 
_pdbx_unobs_or_zero_occ_residues.PDB_ins_code 
_pdbx_unobs_or_zero_occ_residues.label_asym_id 
_pdbx_unobs_or_zero_occ_residues.label_comp_id 
_pdbx_unobs_or_zero_occ_residues.label_seq_id 
1 1 Y 1 A ARG 330 ? A ARG 95 
2 1 Y 1 A LYS 331 ? A LYS 96 
3 1 Y 1 A ALA 332 ? A ALA 97 
# 
loop_
_chem_comp_atom.comp_id 
_chem_comp_atom.atom_id 
_chem_comp_atom.type_symbol 
_chem_comp_atom.pdbx_aromatic_flag 
_chem_comp_atom.pdbx_stereo_config 
_chem_comp_atom.pdbx_ordinal 
ALA N    N  N N 1   
ALA CA   C  N S 2   
ALA C    C  N N 3   
ALA O    O  N N 4   
ALA CB   C  N N 5   
ALA OXT  O  N N 6   
ALA H    H  N N 7   
ALA H2   H  N N 8   
ALA HA   H  N N 9   
ALA HB1  H  N N 10  
ALA HB2  H  N N 11  
ALA HB3  H  N N 12  
ALA HXT  H  N N 13  
ARG N    N  N N 14  
ARG CA   C  N S 15  
ARG C    C  N N 16  
ARG O    O  N N 17  
ARG CB   C  N N 18  
ARG CG   C  N N 19  
ARG CD   C  N N 20  
ARG NE   N  N N 21  
ARG CZ   C  N N 22  
ARG NH1  N  N N 23  
ARG NH2  N  N N 24  
ARG OXT  O  N N 25  
ARG H    H  N N 26  
ARG H2   H  N N 27  
ARG HA   H  N N 28  
ARG HB2  H  N N 29  
ARG HB3  H  N N 30  
ARG HG2  H  N N 31  
ARG HG3  H  N N 32  
ARG HD2  H  N N 33  
ARG HD3  H  N N 34  
ARG HE   H  N N 35  
ARG HH11 H  N N 36  
ARG HH12 H  N N 37  
ARG HH21 H  N N 38  
ARG HH22 H  N N 39  
ARG HXT  H  N N 40  
ASN N    N  N N 41  
ASN CA   C  N S 42  
ASN C    C  N N 43  
ASN O    O  N N 44  
ASN CB   C  N N 45  
ASN CG   C  N N 46  
ASN OD1  O  N N 47  
ASN ND2  N  N N 48  
ASN OXT  O  N N 49  
ASN H    H  N N 50  
ASN H2   H  N N 51  
ASN HA   H  N N 52  
ASN HB2  H  N N 53  
ASN HB3  H  N N 54  
ASN HD21 H  N N 55  
ASN HD22 H  N N 56  
ASN HXT  H  N N 57  
ASP N    N  N N 58  
ASP CA   C  N S 59  
ASP C    C  N N 60  
ASP O    O  N N 61  
ASP CB   C  N N 62  
ASP CG   C  N N 63  
ASP OD1  O  N N 64  
ASP OD2  O  N N 65  
ASP OXT  O  N N 66  
ASP H    H  N N 67  
ASP H2   H  N N 68  
ASP HA   H  N N 69  
ASP HB2  H  N N 70  
ASP HB3  H  N N 71  
ASP HD2  H  N N 72  
ASP HXT  H  N N 73  
GLU N    N  N N 74  
GLU CA   C  N S 75  
GLU C    C  N N 76  
GLU O    O  N N 77  
GLU CB   C  N N 78  
GLU CG   C  N N 79  
GLU CD   C  N N 80  
GLU OE1  O  N N 81  
GLU OE2  O  N N 82  
GLU OXT  O  N N 83  
GLU H    H  N N 84  
GLU H2   H  N N 85  
GLU HA   H  N N 86  
GLU HB2  H  N N 87  
GLU HB3  H  N N 88  
GLU HG2  H  N N 89  
GLU HG3  H  N N 90  
GLU HE2  H  N N 91  
GLU HXT  H  N N 92  
GLY N    N  N N 93  
GLY CA   C  N N 94  
GLY C    C  N N 95  
GLY O    O  N N 96  
GLY OXT  O  N N 97  
GLY H    H  N N 98  
GLY H2   H  N N 99  
GLY HA2  H  N N 100 
GLY HA3  H  N N 101 
GLY HXT  H  N N 102 
HOH O    O  N N 103 
HOH H1   H  N N 104 
HOH H2   H  N N 105 
ILE N    N  N N 106 
ILE CA   C  N S 107 
ILE C    C  N N 108 
ILE O    O  N N 109 
ILE CB   C  N S 110 
ILE CG1  C  N N 111 
ILE CG2  C  N N 112 
ILE CD1  C  N N 113 
ILE OXT  O  N N 114 
ILE H    H  N N 115 
ILE H2   H  N N 116 
ILE HA   H  N N 117 
ILE HB   H  N N 118 
ILE HG12 H  N N 119 
ILE HG13 H  N N 120 
ILE HG21 H  N N 121 
ILE HG22 H  N N 122 
ILE HG23 H  N N 123 
ILE HD11 H  N N 124 
ILE HD12 H  N N 125 
ILE HD13 H  N N 126 
ILE HXT  H  N N 127 
LEU N    N  N N 128 
LEU CA   C  N S 129 
LEU C    C  N N 130 
LEU O    O  N N 131 
LEU CB   C  N N 132 
LEU CG   C  N N 133 
LEU CD1  C  N N 134 
LEU CD2  C  N N 135 
LEU OXT  O  N N 136 
LEU H    H  N N 137 
LEU H2   H  N N 138 
LEU HA   H  N N 139 
LEU HB2  H  N N 140 
LEU HB3  H  N N 141 
LEU HG   H  N N 142 
LEU HD11 H  N N 143 
LEU HD12 H  N N 144 
LEU HD13 H  N N 145 
LEU HD21 H  N N 146 
LEU HD22 H  N N 147 
LEU HD23 H  N N 148 
LEU HXT  H  N N 149 
LYS N    N  N N 150 
LYS CA   C  N S 151 
LYS C    C  N N 152 
LYS O    O  N N 153 
LYS CB   C  N N 154 
LYS CG   C  N N 155 
LYS CD   C  N N 156 
LYS CE   C  N N 157 
LYS NZ   N  N N 158 
LYS OXT  O  N N 159 
LYS H    H  N N 160 
LYS H2   H  N N 161 
LYS HA   H  N N 162 
LYS HB2  H  N N 163 
LYS HB3  H  N N 164 
LYS HG2  H  N N 165 
LYS HG3  H  N N 166 
LYS HD2  H  N N 167 
LYS HD3  H  N N 168 
LYS HE2  H  N N 169 
LYS HE3  H  N N 170 
LYS HZ1  H  N N 171 
LYS HZ2  H  N N 172 
LYS HZ3  H  N N 173 
LYS HXT  H  N N 174 
MSE N    N  N N 175 
MSE CA   C  N S 176 
MSE C    C  N N 177 
MSE O    O  N N 178 
MSE OXT  O  N N 179 
MSE CB   C  N N 180 
MSE CG   C  N N 181 
MSE SE   SE N N 182 
MSE CE   C  N N 183 
MSE H    H  N N 184 
MSE H2   H  N N 185 
MSE HA   H  N N 186 
MSE HXT  H  N N 187 
MSE HB2  H  N N 188 
MSE HB3  H  N N 189 
MSE HG2  H  N N 190 
MSE HG3  H  N N 191 
MSE HE1  H  N N 192 
MSE HE2  H  N N 193 
MSE HE3  H  N N 194 
PHE N    N  N N 195 
PHE CA   C  N S 196 
PHE C    C  N N 197 
PHE O    O  N N 198 
PHE CB   C  N N 199 
PHE CG   C  Y N 200 
PHE CD1  C  Y N 201 
PHE CD2  C  Y N 202 
PHE CE1  C  Y N 203 
PHE CE2  C  Y N 204 
PHE CZ   C  Y N 205 
PHE OXT  O  N N 206 
PHE H    H  N N 207 
PHE H2   H  N N 208 
PHE HA   H  N N 209 
PHE HB2  H  N N 210 
PHE HB3  H  N N 211 
PHE HD1  H  N N 212 
PHE HD2  H  N N 213 
PHE HE1  H  N N 214 
PHE HE2  H  N N 215 
PHE HZ   H  N N 216 
PHE HXT  H  N N 217 
PRO N    N  N N 218 
PRO CA   C  N S 219 
PRO C    C  N N 220 
PRO O    O  N N 221 
PRO CB   C  N N 222 
PRO CG   C  N N 223 
PRO CD   C  N N 224 
PRO OXT  O  N N 225 
PRO H    H  N N 226 
PRO HA   H  N N 227 
PRO HB2  H  N N 228 
PRO HB3  H  N N 229 
PRO HG2  H  N N 230 
PRO HG3  H  N N 231 
PRO HD2  H  N N 232 
PRO HD3  H  N N 233 
PRO HXT  H  N N 234 
SER N    N  N N 235 
SER CA   C  N S 236 
SER C    C  N N 237 
SER O    O  N N 238 
SER CB   C  N N 239 
SER OG   O  N N 240 
SER OXT  O  N N 241 
SER H    H  N N 242 
SER H2   H  N N 243 
SER HA   H  N N 244 
SER HB2  H  N N 245 
SER HB3  H  N N 246 
SER HG   H  N N 247 
SER HXT  H  N N 248 
THR N    N  N N 249 
THR CA   C  N S 250 
THR C    C  N N 251 
THR O    O  N N 252 
THR CB   C  N R 253 
THR OG1  O  N N 254 
THR CG2  C  N N 255 
THR OXT  O  N N 256 
THR H    H  N N 257 
THR H2   H  N N 258 
THR HA   H  N N 259 
THR HB   H  N N 260 
THR HG1  H  N N 261 
THR HG21 H  N N 262 
THR HG22 H  N N 263 
THR HG23 H  N N 264 
THR HXT  H  N N 265 
TYR N    N  N N 266 
TYR CA   C  N S 267 
TYR C    C  N N 268 
TYR O    O  N N 269 
TYR CB   C  N N 270 
TYR CG   C  Y N 271 
TYR CD1  C  Y N 272 
TYR CD2  C  Y N 273 
TYR CE1  C  Y N 274 
TYR CE2  C  Y N 275 
TYR CZ   C  Y N 276 
TYR OH   O  N N 277 
TYR OXT  O  N N 278 
TYR H    H  N N 279 
TYR H2   H  N N 280 
TYR HA   H  N N 281 
TYR HB2  H  N N 282 
TYR HB3  H  N N 283 
TYR HD1  H  N N 284 
TYR HD2  H  N N 285 
TYR HE1  H  N N 286 
TYR HE2  H  N N 287 
TYR HH   H  N N 288 
TYR HXT  H  N N 289 
VAL N    N  N N 290 
VAL CA   C  N S 291 
VAL C    C  N N 292 
VAL O    O  N N 293 
VAL CB   C  N N 294 
VAL CG1  C  N N 295 
VAL CG2  C  N N 296 
VAL OXT  O  N N 297 
VAL H    H  N N 298 
VAL H2   H  N N 299 
VAL HA   H  N N 300 
VAL HB   H  N N 301 
VAL HG11 H  N N 302 
VAL HG12 H  N N 303 
VAL HG13 H  N N 304 
VAL HG21 H  N N 305 
VAL HG22 H  N N 306 
VAL HG23 H  N N 307 
VAL HXT  H  N N 308 
# 
loop_
_chem_comp_bond.comp_id 
_chem_comp_bond.atom_id_1 
_chem_comp_bond.atom_id_2 
_chem_comp_bond.value_order 
_chem_comp_bond.pdbx_aromatic_flag 
_chem_comp_bond.pdbx_stereo_config 
_chem_comp_bond.pdbx_ordinal 
ALA N   CA   sing N N 1   
ALA N   H    sing N N 2   
ALA N   H2   sing N N 3   
ALA CA  C    sing N N 4   
ALA CA  CB   sing N N 5   
ALA CA  HA   sing N N 6   
ALA C   O    doub N N 7   
ALA C   OXT  sing N N 8   
ALA CB  HB1  sing N N 9   
ALA CB  HB2  sing N N 10  
ALA CB  HB3  sing N N 11  
ALA OXT HXT  sing N N 12  
ARG N   CA   sing N N 13  
ARG N   H    sing N N 14  
ARG N   H2   sing N N 15  
ARG CA  C    sing N N 16  
ARG CA  CB   sing N N 17  
ARG CA  HA   sing N N 18  
ARG C   O    doub N N 19  
ARG C   OXT  sing N N 20  
ARG CB  CG   sing N N 21  
ARG CB  HB2  sing N N 22  
ARG CB  HB3  sing N N 23  
ARG CG  CD   sing N N 24  
ARG CG  HG2  sing N N 25  
ARG CG  HG3  sing N N 26  
ARG CD  NE   sing N N 27  
ARG CD  HD2  sing N N 28  
ARG CD  HD3  sing N N 29  
ARG NE  CZ   sing N N 30  
ARG NE  HE   sing N N 31  
ARG CZ  NH1  sing N N 32  
ARG CZ  NH2  doub N N 33  
ARG NH1 HH11 sing N N 34  
ARG NH1 HH12 sing N N 35  
ARG NH2 HH21 sing N N 36  
ARG NH2 HH22 sing N N 37  
ARG OXT HXT  sing N N 38  
ASN N   CA   sing N N 39  
ASN N   H    sing N N 40  
ASN N   H2   sing N N 41  
ASN CA  C    sing N N 42  
ASN CA  CB   sing N N 43  
ASN CA  HA   sing N N 44  
ASN C   O    doub N N 45  
ASN C   OXT  sing N N 46  
ASN CB  CG   sing N N 47  
ASN CB  HB2  sing N N 48  
ASN CB  HB3  sing N N 49  
ASN CG  OD1  doub N N 50  
ASN CG  ND2  sing N N 51  
ASN ND2 HD21 sing N N 52  
ASN ND2 HD22 sing N N 53  
ASN OXT HXT  sing N N 54  
ASP N   CA   sing N N 55  
ASP N   H    sing N N 56  
ASP N   H2   sing N N 57  
ASP CA  C    sing N N 58  
ASP CA  CB   sing N N 59  
ASP CA  HA   sing N N 60  
ASP C   O    doub N N 61  
ASP C   OXT  sing N N 62  
ASP CB  CG   sing N N 63  
ASP CB  HB2  sing N N 64  
ASP CB  HB3  sing N N 65  
ASP CG  OD1  doub N N 66  
ASP CG  OD2  sing N N 67  
ASP OD2 HD2  sing N N 68  
ASP OXT HXT  sing N N 69  
GLU N   CA   sing N N 70  
GLU N   H    sing N N 71  
GLU N   H2   sing N N 72  
GLU CA  C    sing N N 73  
GLU CA  CB   sing N N 74  
GLU CA  HA   sing N N 75  
GLU C   O    doub N N 76  
GLU C   OXT  sing N N 77  
GLU CB  CG   sing N N 78  
GLU CB  HB2  sing N N 79  
GLU CB  HB3  sing N N 80  
GLU CG  CD   sing N N 81  
GLU CG  HG2  sing N N 82  
GLU CG  HG3  sing N N 83  
GLU CD  OE1  doub N N 84  
GLU CD  OE2  sing N N 85  
GLU OE2 HE2  sing N N 86  
GLU OXT HXT  sing N N 87  
GLY N   CA   sing N N 88  
GLY N   H    sing N N 89  
GLY N   H2   sing N N 90  
GLY CA  C    sing N N 91  
GLY CA  HA2  sing N N 92  
GLY CA  HA3  sing N N 93  
GLY C   O    doub N N 94  
GLY C   OXT  sing N N 95  
GLY OXT HXT  sing N N 96  
HOH O   H1   sing N N 97  
HOH O   H2   sing N N 98  
ILE N   CA   sing N N 99  
ILE N   H    sing N N 100 
ILE N   H2   sing N N 101 
ILE CA  C    sing N N 102 
ILE CA  CB   sing N N 103 
ILE CA  HA   sing N N 104 
ILE C   O    doub N N 105 
ILE C   OXT  sing N N 106 
ILE CB  CG1  sing N N 107 
ILE CB  CG2  sing N N 108 
ILE CB  HB   sing N N 109 
ILE CG1 CD1  sing N N 110 
ILE CG1 HG12 sing N N 111 
ILE CG1 HG13 sing N N 112 
ILE CG2 HG21 sing N N 113 
ILE CG2 HG22 sing N N 114 
ILE CG2 HG23 sing N N 115 
ILE CD1 HD11 sing N N 116 
ILE CD1 HD12 sing N N 117 
ILE CD1 HD13 sing N N 118 
ILE OXT HXT  sing N N 119 
LEU N   CA   sing N N 120 
LEU N   H    sing N N 121 
LEU N   H2   sing N N 122 
LEU CA  C    sing N N 123 
LEU CA  CB   sing N N 124 
LEU CA  HA   sing N N 125 
LEU C   O    doub N N 126 
LEU C   OXT  sing N N 127 
LEU CB  CG   sing N N 128 
LEU CB  HB2  sing N N 129 
LEU CB  HB3  sing N N 130 
LEU CG  CD1  sing N N 131 
LEU CG  CD2  sing N N 132 
LEU CG  HG   sing N N 133 
LEU CD1 HD11 sing N N 134 
LEU CD1 HD12 sing N N 135 
LEU CD1 HD13 sing N N 136 
LEU CD2 HD21 sing N N 137 
LEU CD2 HD22 sing N N 138 
LEU CD2 HD23 sing N N 139 
LEU OXT HXT  sing N N 140 
LYS N   CA   sing N N 141 
LYS N   H    sing N N 142 
LYS N   H2   sing N N 143 
LYS CA  C    sing N N 144 
LYS CA  CB   sing N N 145 
LYS CA  HA   sing N N 146 
LYS C   O    doub N N 147 
LYS C   OXT  sing N N 148 
LYS CB  CG   sing N N 149 
LYS CB  HB2  sing N N 150 
LYS CB  HB3  sing N N 151 
LYS CG  CD   sing N N 152 
LYS CG  HG2  sing N N 153 
LYS CG  HG3  sing N N 154 
LYS CD  CE   sing N N 155 
LYS CD  HD2  sing N N 156 
LYS CD  HD3  sing N N 157 
LYS CE  NZ   sing N N 158 
LYS CE  HE2  sing N N 159 
LYS CE  HE3  sing N N 160 
LYS NZ  HZ1  sing N N 161 
LYS NZ  HZ2  sing N N 162 
LYS NZ  HZ3  sing N N 163 
LYS OXT HXT  sing N N 164 
MSE N   CA   sing N N 165 
MSE N   H    sing N N 166 
MSE N   H2   sing N N 167 
MSE CA  C    sing N N 168 
MSE CA  CB   sing N N 169 
MSE CA  HA   sing N N 170 
MSE C   O    doub N N 171 
MSE C   OXT  sing N N 172 
MSE OXT HXT  sing N N 173 
MSE CB  CG   sing N N 174 
MSE CB  HB2  sing N N 175 
MSE CB  HB3  sing N N 176 
MSE CG  SE   sing N N 177 
MSE CG  HG2  sing N N 178 
MSE CG  HG3  sing N N 179 
MSE SE  CE   sing N N 180 
MSE CE  HE1  sing N N 181 
MSE CE  HE2  sing N N 182 
MSE CE  HE3  sing N N 183 
PHE N   CA   sing N N 184 
PHE N   H    sing N N 185 
PHE N   H2   sing N N 186 
PHE CA  C    sing N N 187 
PHE CA  CB   sing N N 188 
PHE CA  HA   sing N N 189 
PHE C   O    doub N N 190 
PHE C   OXT  sing N N 191 
PHE CB  CG   sing N N 192 
PHE CB  HB2  sing N N 193 
PHE CB  HB3  sing N N 194 
PHE CG  CD1  doub Y N 195 
PHE CG  CD2  sing Y N 196 
PHE CD1 CE1  sing Y N 197 
PHE CD1 HD1  sing N N 198 
PHE CD2 CE2  doub Y N 199 
PHE CD2 HD2  sing N N 200 
PHE CE1 CZ   doub Y N 201 
PHE CE1 HE1  sing N N 202 
PHE CE2 CZ   sing Y N 203 
PHE CE2 HE2  sing N N 204 
PHE CZ  HZ   sing N N 205 
PHE OXT HXT  sing N N 206 
PRO N   CA   sing N N 207 
PRO N   CD   sing N N 208 
PRO N   H    sing N N 209 
PRO CA  C    sing N N 210 
PRO CA  CB   sing N N 211 
PRO CA  HA   sing N N 212 
PRO C   O    doub N N 213 
PRO C   OXT  sing N N 214 
PRO CB  CG   sing N N 215 
PRO CB  HB2  sing N N 216 
PRO CB  HB3  sing N N 217 
PRO CG  CD   sing N N 218 
PRO CG  HG2  sing N N 219 
PRO CG  HG3  sing N N 220 
PRO CD  HD2  sing N N 221 
PRO CD  HD3  sing N N 222 
PRO OXT HXT  sing N N 223 
SER N   CA   sing N N 224 
SER N   H    sing N N 225 
SER N   H2   sing N N 226 
SER CA  C    sing N N 227 
SER CA  CB   sing N N 228 
SER CA  HA   sing N N 229 
SER C   O    doub N N 230 
SER C   OXT  sing N N 231 
SER CB  OG   sing N N 232 
SER CB  HB2  sing N N 233 
SER CB  HB3  sing N N 234 
SER OG  HG   sing N N 235 
SER OXT HXT  sing N N 236 
THR N   CA   sing N N 237 
THR N   H    sing N N 238 
THR N   H2   sing N N 239 
THR CA  C    sing N N 240 
THR CA  CB   sing N N 241 
THR CA  HA   sing N N 242 
THR C   O    doub N N 243 
THR C   OXT  sing N N 244 
THR CB  OG1  sing N N 245 
THR CB  CG2  sing N N 246 
THR CB  HB   sing N N 247 
THR OG1 HG1  sing N N 248 
THR CG2 HG21 sing N N 249 
THR CG2 HG22 sing N N 250 
THR CG2 HG23 sing N N 251 
THR OXT HXT  sing N N 252 
TYR N   CA   sing N N 253 
TYR N   H    sing N N 254 
TYR N   H2   sing N N 255 
TYR CA  C    sing N N 256 
TYR CA  CB   sing N N 257 
TYR CA  HA   sing N N 258 
TYR C   O    doub N N 259 
TYR C   OXT  sing N N 260 
TYR CB  CG   sing N N 261 
TYR CB  HB2  sing N N 262 
TYR CB  HB3  sing N N 263 
TYR CG  CD1  doub Y N 264 
TYR CG  CD2  sing Y N 265 
TYR CD1 CE1  sing Y N 266 
TYR CD1 HD1  sing N N 267 
TYR CD2 CE2  doub Y N 268 
TYR CD2 HD2  sing N N 269 
TYR CE1 CZ   doub Y N 270 
TYR CE1 HE1  sing N N 271 
TYR CE2 CZ   sing Y N 272 
TYR CE2 HE2  sing N N 273 
TYR CZ  OH   sing N N 274 
TYR OH  HH   sing N N 275 
TYR OXT HXT  sing N N 276 
VAL N   CA   sing N N 277 
VAL N   H    sing N N 278 
VAL N   H2   sing N N 279 
VAL CA  C    sing N N 280 
VAL CA  CB   sing N N 281 
VAL CA  HA   sing N N 282 
VAL C   O    doub N N 283 
VAL C   OXT  sing N N 284 
VAL CB  CG1  sing N N 285 
VAL CB  CG2  sing N N 286 
VAL CB  HB   sing N N 287 
VAL CG1 HG11 sing N N 288 
VAL CG1 HG12 sing N N 289 
VAL CG1 HG13 sing N N 290 
VAL CG2 HG21 sing N N 291 
VAL CG2 HG22 sing N N 292 
VAL CG2 HG23 sing N N 293 
VAL OXT HXT  sing N N 294 
# 
_atom_sites.entry_id                    2YV4 
_atom_sites.fract_transf_matrix[1][1]   0.02496932 
_atom_sites.fract_transf_matrix[1][2]   -0.00759235 
_atom_sites.fract_transf_matrix[1][3]   0.01842609 
_atom_sites.fract_transf_matrix[2][1]   0.02884508 
_atom_sites.fract_transf_matrix[2][2]   0.01215871 
_atom_sites.fract_transf_matrix[2][3]   -0.00638265 
_atom_sites.fract_transf_matrix[3][1]   -0.00146203 
_atom_sites.fract_transf_matrix[3][2]   0.00575286 
_atom_sites.fract_transf_matrix[3][3]   0.00435163 
_atom_sites.fract_transf_vector[1]      0.962150 
_atom_sites.fract_transf_vector[2]      0.219439 
_atom_sites.fract_transf_vector[3]      0.038208 
# 
loop_
_atom_type.symbol 
C  
N  
O  
SE 
# 
loop_
_atom_site.group_PDB 
_atom_site.id 
_atom_site.type_symbol 
_atom_site.label_atom_id 
_atom_site.label_alt_id 
_atom_site.label_comp_id 
_atom_site.label_asym_id 
_atom_site.label_entity_id 
_atom_site.label_seq_id 
_atom_site.pdbx_PDB_ins_code 
_atom_site.Cartn_x 
_atom_site.Cartn_y 
_atom_site.Cartn_z 
_atom_site.occupancy 
_atom_site.B_iso_or_equiv 
_atom_site.pdbx_formal_charge 
_atom_site.auth_seq_id 
_atom_site.auth_comp_id 
_atom_site.auth_asym_id 
_atom_site.auth_atom_id 
_atom_site.pdbx_PDB_model_num 
ATOM   1   N  N   . ALA A 1 1   ? -13.946 -3.636  5.694   1.00 26.38 ? 236 ALA A N   1 
ATOM   2   C  CA  . ALA A 1 1   ? -12.925 -3.114  6.646   1.00 27.36 ? 236 ALA A CA  1 
ATOM   3   C  C   . ALA A 1 1   ? -11.799 -4.121  6.866   1.00 26.75 ? 236 ALA A C   1 
ATOM   4   O  O   . ALA A 1 1   ? -12.002 -5.174  7.474   1.00 26.67 ? 236 ALA A O   1 
ATOM   5   C  CB  . ALA A 1 1   ? -13.585 -2.774  7.976   1.00 27.30 ? 236 ALA A CB  1 
ATOM   6   N  N   . PRO A 1 2   ? -10.589 -3.807  6.377   1.00 25.94 ? 237 PRO A N   1 
ATOM   7   C  CA  . PRO A 1 2   ? -9.453  -4.720  6.547   1.00 24.63 ? 237 PRO A CA  1 
ATOM   8   C  C   . PRO A 1 2   ? -9.013  -4.842  8.006   1.00 23.28 ? 237 PRO A C   1 
ATOM   9   O  O   . PRO A 1 2   ? -9.138  -3.894  8.782   1.00 22.05 ? 237 PRO A O   1 
ATOM   10  C  CB  . PRO A 1 2   ? -8.380  -4.099  5.655   1.00 23.92 ? 237 PRO A CB  1 
ATOM   11  C  CG  . PRO A 1 2   ? -8.688  -2.640  5.731   1.00 24.38 ? 237 PRO A CG  1 
ATOM   12  C  CD  . PRO A 1 2   ? -10.193 -2.608  5.616   1.00 23.72 ? 237 PRO A CD  1 
ATOM   13  N  N   . ASN A 1 3   ? -8.508  -6.017  8.376   1.00 22.63 ? 238 ASN A N   1 
ATOM   14  C  CA  . ASN A 1 3   ? -8.046  -6.253  9.742   1.00 22.46 ? 238 ASN A CA  1 
ATOM   15  C  C   . ASN A 1 3   ? -6.694  -5.586  9.983   1.00 20.47 ? 238 ASN A C   1 
ATOM   16  O  O   . ASN A 1 3   ? -6.395  -5.157  11.095  1.00 19.88 ? 238 ASN A O   1 
ATOM   17  C  CB  . ASN A 1 3   ? -7.907  -7.756  10.024  1.00 24.47 ? 238 ASN A CB  1 
ATOM   18  C  CG  . ASN A 1 3   ? -9.202  -8.520  9.817   1.00 28.60 ? 238 ASN A CG  1 
ATOM   19  O  OD1 . ASN A 1 3   ? -10.260 -8.127  10.315  1.00 30.72 ? 238 ASN A OD1 1 
ATOM   20  N  ND2 . ASN A 1 3   ? -9.120  -9.631  9.087   1.00 29.53 ? 238 ASN A ND2 1 
ATOM   21  N  N   . ALA A 1 4   ? -5.876  -5.505  8.939   1.00 18.18 ? 239 ALA A N   1 
ATOM   22  C  CA  . ALA A 1 4   ? -4.555  -4.900  9.058   1.00 16.08 ? 239 ALA A CA  1 
ATOM   23  C  C   . ALA A 1 4   ? -4.609  -3.378  9.077   1.00 15.93 ? 239 ALA A C   1 
ATOM   24  O  O   . ALA A 1 4   ? -5.551  -2.769  8.568   1.00 14.43 ? 239 ALA A O   1 
ATOM   25  C  CB  . ALA A 1 4   ? -3.666  -5.364  7.913   1.00 15.60 ? 239 ALA A CB  1 
ATOM   26  N  N   . GLU A 1 5   ? -3.593  -2.767  9.673   1.00 14.74 ? 240 GLU A N   1 
ATOM   27  C  CA  . GLU A 1 5   ? -3.512  -1.312  9.711   1.00 13.42 ? 240 GLU A CA  1 
ATOM   28  C  C   . GLU A 1 5   ? -3.184  -0.915  8.274   1.00 12.93 ? 240 GLU A C   1 
ATOM   29  O  O   . GLU A 1 5   ? -2.391  -1.580  7.613   1.00 12.51 ? 240 GLU A O   1 
ATOM   30  C  CB  . GLU A 1 5   ? -2.377  -0.855  10.628  1.00 15.89 ? 240 GLU A CB  1 
ATOM   31  C  CG  . GLU A 1 5   ? -2.290  0.659   10.797  1.00 21.43 ? 240 GLU A CG  1 
ATOM   32  C  CD  . GLU A 1 5   ? -0.947  1.117   11.346  1.00 23.73 ? 240 GLU A CD  1 
ATOM   33  O  OE1 . GLU A 1 5   ? -0.347  0.380   12.158  1.00 26.22 ? 240 GLU A OE1 1 
ATOM   34  O  OE2 . GLU A 1 5   ? -0.499  2.223   10.974  1.00 24.60 ? 240 GLU A OE2 1 
ATOM   35  N  N   . VAL A 1 6   ? -3.795  0.156   7.785   1.00 10.62 ? 241 VAL A N   1 
ATOM   36  C  CA  . VAL A 1 6   ? -3.527  0.592   6.426   1.00 10.06 ? 241 VAL A CA  1 
ATOM   37  C  C   . VAL A 1 6   ? -2.748  1.905   6.423   1.00 10.19 ? 241 VAL A C   1 
ATOM   38  O  O   . VAL A 1 6   ? -3.100  2.857   7.128   1.00 10.52 ? 241 VAL A O   1 
ATOM   39  C  CB  . VAL A 1 6   ? -4.844  0.740   5.637   1.00 10.02 ? 241 VAL A CB  1 
ATOM   40  C  CG1 . VAL A 1 6   ? -4.575  1.309   4.248   1.00 9.03  ? 241 VAL A CG1 1 
ATOM   41  C  CG2 . VAL A 1 6   ? -5.520  -0.628  5.527   1.00 8.49  ? 241 VAL A CG2 1 
ATOM   42  N  N   . ILE A 1 7   ? -1.667  1.930   5.654   1.00 9.32  ? 242 ILE A N   1 
ATOM   43  C  CA  . ILE A 1 7   ? -0.830  3.118   5.537   1.00 8.78  ? 242 ILE A CA  1 
ATOM   44  C  C   . ILE A 1 7   ? -0.667  3.465   4.067   1.00 9.82  ? 242 ILE A C   1 
ATOM   45  O  O   . ILE A 1 7   ? -0.166  2.657   3.284   1.00 8.15  ? 242 ILE A O   1 
ATOM   46  C  CB  . ILE A 1 7   ? 0.586   2.893   6.106   1.00 10.60 ? 242 ILE A CB  1 
ATOM   47  C  CG1 . ILE A 1 7   ? 0.510   2.506   7.584   1.00 7.43  ? 242 ILE A CG1 1 
ATOM   48  C  CG2 . ILE A 1 7   ? 1.420   4.159   5.911   1.00 8.32  ? 242 ILE A CG2 1 
ATOM   49  C  CD1 . ILE A 1 7   ? 1.864   2.236   8.207   1.00 9.07  ? 242 ILE A CD1 1 
ATOM   50  N  N   . VAL A 1 8   ? -1.090  4.668   3.695   1.00 7.41  ? 243 VAL A N   1 
ATOM   51  C  CA  . VAL A 1 8   ? -0.962  5.122   2.319   1.00 8.41  ? 243 VAL A CA  1 
ATOM   52  C  C   . VAL A 1 8   ? 0.255   6.041   2.225   1.00 7.44  ? 243 VAL A C   1 
ATOM   53  O  O   . VAL A 1 8   ? 0.341   7.036   2.942   1.00 6.04  ? 243 VAL A O   1 
ATOM   54  C  CB  . VAL A 1 8   ? -2.214  5.911   1.876   1.00 9.70  ? 243 VAL A CB  1 
ATOM   55  C  CG1 . VAL A 1 8   ? -2.050  6.381   0.431   1.00 9.11  ? 243 VAL A CG1 1 
ATOM   56  C  CG2 . VAL A 1 8   ? -3.448  5.054   2.034   1.00 10.00 ? 243 VAL A CG2 1 
ATOM   57  N  N   . VAL A 1 9   ? 1.205   5.698   1.359   1.00 8.82  ? 244 VAL A N   1 
ATOM   58  C  CA  . VAL A 1 9   ? 2.395   6.528   1.179   1.00 9.35  ? 244 VAL A CA  1 
ATOM   59  C  C   . VAL A 1 9   ? 2.226   7.291   -0.134  1.00 11.64 ? 244 VAL A C   1 
ATOM   60  O  O   . VAL A 1 9   ? 2.174   6.697   -1.217  1.00 9.21  ? 244 VAL A O   1 
ATOM   61  C  CB  . VAL A 1 9   ? 3.678   5.678   1.132   1.00 7.66  ? 244 VAL A CB  1 
ATOM   62  C  CG1 . VAL A 1 9   ? 4.891   6.573   0.852   1.00 9.05  ? 244 VAL A CG1 1 
ATOM   63  C  CG2 . VAL A 1 9   ? 3.857   4.953   2.460   1.00 7.74  ? 244 VAL A CG2 1 
ATOM   64  N  N   . GLU A 1 10  ? 2.139   8.613   -0.029  1.00 12.58 ? 245 GLU A N   1 
ATOM   65  C  CA  . GLU A 1 10  ? 1.920   9.462   -1.196  1.00 15.36 ? 245 GLU A CA  1 
ATOM   66  C  C   . GLU A 1 10  ? 3.052   10.419  -1.544  1.00 14.41 ? 245 GLU A C   1 
ATOM   67  O  O   . GLU A 1 10  ? 3.893   10.751  -0.706  1.00 17.23 ? 245 GLU A O   1 
ATOM   68  C  CB  . GLU A 1 10  ? 0.632   10.264  -0.999  1.00 17.93 ? 245 GLU A CB  1 
ATOM   69  C  CG  . GLU A 1 10  ? 0.477   10.782  0.416   1.00 22.28 ? 245 GLU A CG  1 
ATOM   70  C  CD  . GLU A 1 10  ? -0.432  11.987  0.510   1.00 26.53 ? 245 GLU A CD  1 
ATOM   71  O  OE1 . GLU A 1 10  ? -1.617  11.883  0.124   1.00 24.57 ? 245 GLU A OE1 1 
ATOM   72  O  OE2 . GLU A 1 10  ? 0.049   13.042  0.979   1.00 30.12 ? 245 GLU A OE2 1 
ATOM   73  N  N   . GLY A 1 11  ? 3.041   10.875  -2.790  1.00 15.56 ? 246 GLY A N   1 
ATOM   74  C  CA  . GLY A 1 11  ? 4.058   11.794  -3.264  1.00 15.77 ? 246 GLY A CA  1 
ATOM   75  C  C   . GLY A 1 11  ? 4.515   11.386  -4.648  1.00 16.65 ? 246 GLY A C   1 
ATOM   76  O  O   . GLY A 1 11  ? 3.944   10.466  -5.241  1.00 14.56 ? 246 GLY A O   1 
ATOM   77  N  N   . PRO A 1 12  ? 5.531   12.060  -5.211  1.00 17.19 ? 247 PRO A N   1 
ATOM   78  C  CA  . PRO A 1 12  ? 5.989   11.671  -6.549  1.00 17.38 ? 247 PRO A CA  1 
ATOM   79  C  C   . PRO A 1 12  ? 6.522   10.244  -6.488  1.00 17.80 ? 247 PRO A C   1 
ATOM   80  O  O   . PRO A 1 12  ? 7.086   9.835   -5.468  1.00 15.83 ? 247 PRO A O   1 
ATOM   81  C  CB  . PRO A 1 12  ? 7.074   12.707  -6.863  1.00 17.52 ? 247 PRO A CB  1 
ATOM   82  C  CG  . PRO A 1 12  ? 7.588   13.091  -5.499  1.00 19.23 ? 247 PRO A CG  1 
ATOM   83  C  CD  . PRO A 1 12  ? 6.318   13.188  -4.684  1.00 18.10 ? 247 PRO A CD  1 
ATOM   84  N  N   . ARG A 1 13  ? 6.343   9.492   -7.571  1.00 16.93 ? 248 ARG A N   1 
ATOM   85  C  CA  . ARG A 1 13  ? 6.781   8.102   -7.612  1.00 19.99 ? 248 ARG A CA  1 
ATOM   86  C  C   . ARG A 1 13  ? 8.196   7.849   -7.098  1.00 20.85 ? 248 ARG A C   1 
ATOM   87  O  O   . ARG A 1 13  ? 8.417   6.920   -6.320  1.00 20.24 ? 248 ARG A O   1 
ATOM   88  C  CB  . ARG A 1 13  ? 6.665   7.535   -9.027  1.00 20.46 ? 248 ARG A CB  1 
ATOM   89  C  CG  . ARG A 1 13  ? 7.101   6.074   -9.105  1.00 24.00 ? 248 ARG A CG  1 
ATOM   90  C  CD  . ARG A 1 13  ? 7.096   5.531   -10.518 1.00 25.98 ? 248 ARG A CD  1 
ATOM   91  N  NE  . ARG A 1 13  ? 5.783   5.628   -11.144 1.00 30.19 ? 248 ARG A NE  1 
ATOM   92  C  CZ  . ARG A 1 13  ? 5.442   6.560   -12.027 1.00 31.45 ? 248 ARG A CZ  1 
ATOM   93  N  NH1 . ARG A 1 13  ? 6.324   7.481   -12.395 1.00 31.77 ? 248 ARG A NH1 1 
ATOM   94  N  NH2 . ARG A 1 13  ? 4.220   6.568   -12.541 1.00 31.14 ? 248 ARG A NH2 1 
ATOM   95  N  N   . GLU A 1 14  ? 9.154   8.664   -7.528  1.00 21.93 ? 249 GLU A N   1 
ATOM   96  C  CA  . GLU A 1 14  ? 10.542  8.483   -7.100  1.00 22.79 ? 249 GLU A CA  1 
ATOM   97  C  C   . GLU A 1 14  ? 10.678  8.448   -5.579  1.00 21.23 ? 249 GLU A C   1 
ATOM   98  O  O   . GLU A 1 14  ? 11.335  7.558   -5.032  1.00 20.44 ? 249 GLU A O   1 
ATOM   99  C  CB  . GLU A 1 14  ? 11.432  9.597   -7.670  1.00 26.23 ? 249 GLU A CB  1 
ATOM   100 C  CG  . GLU A 1 14  ? 12.892  9.508   -7.225  1.00 30.71 ? 249 GLU A CG  1 
ATOM   101 C  CD  . GLU A 1 14  ? 13.773  10.585  -7.844  1.00 34.86 ? 249 GLU A CD  1 
ATOM   102 O  OE1 . GLU A 1 14  ? 13.470  11.788  -7.667  1.00 36.09 ? 249 GLU A OE1 1 
ATOM   103 O  OE2 . GLU A 1 14  ? 14.774  10.226  -8.504  1.00 36.32 ? 249 GLU A OE2 1 
ATOM   104 N  N   . LYS A 1 15  ? 10.062  9.419   -4.908  1.00 19.07 ? 250 LYS A N   1 
ATOM   105 C  CA  . LYS A 1 15  ? 10.109  9.508   -3.452  1.00 17.58 ? 250 LYS A CA  1 
ATOM   106 C  C   . LYS A 1 15  ? 9.297   8.414   -2.771  1.00 16.86 ? 250 LYS A C   1 
ATOM   107 O  O   . LYS A 1 15  ? 9.687   7.903   -1.721  1.00 15.94 ? 250 LYS A O   1 
ATOM   108 C  CB  . LYS A 1 15  ? 9.589   10.866  -2.972  1.00 18.92 ? 250 LYS A CB  1 
ATOM   109 C  CG  . LYS A 1 15  ? 10.558  12.028  -3.142  1.00 22.46 ? 250 LYS A CG  1 
ATOM   110 C  CD  . LYS A 1 15  ? 10.140  13.197  -2.260  1.00 23.82 ? 250 LYS A CD  1 
ATOM   111 C  CE  . LYS A 1 15  ? 11.130  14.350  -2.342  1.00 25.86 ? 250 LYS A CE  1 
ATOM   112 N  NZ  . LYS A 1 15  ? 11.181  14.944  -3.705  1.00 23.77 ? 250 LYS A NZ  1 
ATOM   113 N  N   . VAL A 1 16  ? 8.156   8.068   -3.355  1.00 13.58 ? 251 VAL A N   1 
ATOM   114 C  CA  . VAL A 1 16  ? 7.317   7.040   -2.765  1.00 14.03 ? 251 VAL A CA  1 
ATOM   115 C  C   . VAL A 1 16  ? 8.067   5.712   -2.697  1.00 13.34 ? 251 VAL A C   1 
ATOM   116 O  O   . VAL A 1 16  ? 8.061   5.040   -1.669  1.00 13.10 ? 251 VAL A O   1 
ATOM   117 C  CB  . VAL A 1 16  ? 6.011   6.866   -3.565  1.00 12.81 ? 251 VAL A CB  1 
ATOM   118 C  CG1 . VAL A 1 16  ? 5.286   5.610   -3.112  1.00 13.11 ? 251 VAL A CG1 1 
ATOM   119 C  CG2 . VAL A 1 16  ? 5.116   8.090   -3.367  1.00 11.63 ? 251 VAL A CG2 1 
ATOM   120 N  N   . LYS A 1 17  ? 8.725   5.338   -3.789  1.00 14.29 ? 252 LYS A N   1 
ATOM   121 C  CA  . LYS A 1 17  ? 9.466   4.083   -3.809  1.00 13.35 ? 252 LYS A CA  1 
ATOM   122 C  C   . LYS A 1 17  ? 10.505  4.025   -2.692  1.00 13.04 ? 252 LYS A C   1 
ATOM   123 O  O   . LYS A 1 17  ? 10.660  2.994   -2.036  1.00 12.50 ? 252 LYS A O   1 
ATOM   124 C  CB  . LYS A 1 17  ? 10.130  3.878   -5.172  1.00 13.96 ? 252 LYS A CB  1 
ATOM   125 C  CG  . LYS A 1 17  ? 9.130   3.545   -6.279  1.00 16.32 ? 252 LYS A CG  1 
ATOM   126 C  CD  . LYS A 1 17  ? 9.819   3.170   -7.584  1.00 17.47 ? 252 LYS A CD  1 
ATOM   127 C  CE  . LYS A 1 17  ? 8.806   2.784   -8.658  1.00 16.68 ? 252 LYS A CE  1 
ATOM   128 N  NZ  . LYS A 1 17  ? 8.019   1.566   -8.299  1.00 20.07 ? 252 LYS A NZ  1 
ATOM   129 N  N   . GLY A 1 18  ? 11.208  5.133   -2.470  1.00 11.71 ? 253 GLY A N   1 
ATOM   130 C  CA  . GLY A 1 18  ? 12.205  5.169   -1.415  1.00 13.81 ? 253 GLY A CA  1 
ATOM   131 C  C   . GLY A 1 18  ? 11.585  5.108   -0.025  1.00 14.85 ? 253 GLY A C   1 
ATOM   132 O  O   . GLY A 1 18  ? 12.098  4.436   0.874   1.00 14.60 ? 253 GLY A O   1 
ATOM   133 N  N   . LYS A 1 19  ? 10.469  5.807   0.154   1.00 12.65 ? 254 LYS A N   1 
ATOM   134 C  CA  . LYS A 1 19  ? 9.791   5.824   1.445   1.00 11.65 ? 254 LYS A CA  1 
ATOM   135 C  C   . LYS A 1 19  ? 9.230   4.443   1.788   1.00 12.34 ? 254 LYS A C   1 
ATOM   136 O  O   . LYS A 1 19  ? 9.396   3.961   2.912   1.00 11.35 ? 254 LYS A O   1 
ATOM   137 C  CB  . LYS A 1 19  ? 8.675   6.874   1.432   1.00 11.90 ? 254 LYS A CB  1 
ATOM   138 C  CG  . LYS A 1 19  ? 7.834   6.936   2.712   1.00 16.03 ? 254 LYS A CG  1 
ATOM   139 C  CD  . LYS A 1 19  ? 8.662   7.269   3.954   1.00 19.76 ? 254 LYS A CD  1 
ATOM   140 C  CE  . LYS A 1 19  ? 9.280   8.657   3.879   1.00 20.75 ? 254 LYS A CE  1 
ATOM   141 N  NZ  . LYS A 1 19  ? 9.980   9.001   5.152   1.00 22.94 ? 254 LYS A NZ  1 
ATOM   142 N  N   . ILE A 1 20  ? 8.574   3.798   0.826   1.00 10.20 ? 255 ILE A N   1 
ATOM   143 C  CA  . ILE A 1 20  ? 8.022   2.469   1.078   1.00 9.25  ? 255 ILE A CA  1 
ATOM   144 C  C   . ILE A 1 20  ? 9.131   1.484   1.453   1.00 11.41 ? 255 ILE A C   1 
ATOM   145 O  O   . ILE A 1 20  ? 8.999   0.723   2.414   1.00 8.98  ? 255 ILE A O   1 
ATOM   146 C  CB  . ILE A 1 20  ? 7.250   1.928   -0.153  1.00 7.56  ? 255 ILE A CB  1 
ATOM   147 C  CG1 . ILE A 1 20  ? 5.995   2.777   -0.376  1.00 4.62  ? 255 ILE A CG1 1 
ATOM   148 C  CG2 . ILE A 1 20  ? 6.860   0.464   0.069   1.00 7.13  ? 255 ILE A CG2 1 
ATOM   149 C  CD1 . ILE A 1 20  ? 5.178   2.383   -1.580  1.00 4.17  ? 255 ILE A CD1 1 
ATOM   150 N  N   . THR A 1 21  ? 10.225  1.502   0.696   1.00 11.64 ? 256 THR A N   1 
ATOM   151 C  CA  . THR A 1 21  ? 11.353  0.614   0.972   1.00 13.30 ? 256 THR A CA  1 
ATOM   152 C  C   . THR A 1 21  ? 11.785  0.787   2.427   1.00 14.73 ? 256 THR A C   1 
ATOM   153 O  O   . THR A 1 21  ? 12.020  -0.192  3.140   1.00 13.12 ? 256 THR A O   1 
ATOM   154 C  CB  . THR A 1 21  ? 12.547  0.941   0.063   1.00 15.26 ? 256 THR A CB  1 
ATOM   155 O  OG1 . THR A 1 21  ? 12.127  0.878   -1.305  1.00 14.96 ? 256 THR A OG1 1 
ATOM   156 C  CG2 . THR A 1 21  ? 13.688  -0.051  0.293   1.00 13.84 ? 256 THR A CG2 1 
ATOM   157 N  N   . GLU A 1 22  ? 11.867  2.045   2.854   1.00 14.08 ? 257 GLU A N   1 
ATOM   158 C  CA  . GLU A 1 22  ? 12.264  2.401   4.210   1.00 14.91 ? 257 GLU A CA  1 
ATOM   159 C  C   . GLU A 1 22  ? 11.289  1.858   5.252   1.00 13.43 ? 257 GLU A C   1 
ATOM   160 O  O   . GLU A 1 22  ? 11.703  1.233   6.227   1.00 12.62 ? 257 GLU A O   1 
ATOM   161 C  CB  . GLU A 1 22  ? 12.353  3.928   4.341   1.00 19.32 ? 257 GLU A CB  1 
ATOM   162 C  CG  . GLU A 1 22  ? 12.741  4.430   5.726   1.00 24.52 ? 257 GLU A CG  1 
ATOM   163 C  CD  . GLU A 1 22  ? 12.488  5.924   5.899   1.00 29.95 ? 257 GLU A CD  1 
ATOM   164 O  OE1 . GLU A 1 22  ? 12.877  6.483   6.947   1.00 32.75 ? 257 GLU A OE1 1 
ATOM   165 O  OE2 . GLU A 1 22  ? 11.895  6.541   4.990   1.00 33.04 ? 257 GLU A OE2 1 
ATOM   166 N  N   . LEU A 1 23  ? 9.998   2.099   5.042   1.00 11.43 ? 258 LEU A N   1 
ATOM   167 C  CA  . LEU A 1 23  ? 8.969   1.639   5.969   1.00 11.21 ? 258 LEU A CA  1 
ATOM   168 C  C   . LEU A 1 23  ? 8.925   0.118   6.125   1.00 11.04 ? 258 LEU A C   1 
ATOM   169 O  O   . LEU A 1 23  ? 8.765   -0.391  7.236   1.00 9.25  ? 258 LEU A O   1 
ATOM   170 C  CB  . LEU A 1 23  ? 7.587   2.147   5.533   1.00 13.18 ? 258 LEU A CB  1 
ATOM   171 C  CG  . LEU A 1 23  ? 7.267   3.619   5.807   1.00 18.06 ? 258 LEU A CG  1 
ATOM   172 C  CD1 . LEU A 1 23  ? 5.926   3.976   5.182   1.00 20.01 ? 258 LEU A CD1 1 
ATOM   173 C  CD2 . LEU A 1 23  ? 7.240   3.874   7.313   1.00 20.23 ? 258 LEU A CD2 1 
ATOM   174 N  N   . VAL A 1 24  ? 9.041   -0.605  5.015   1.00 10.72 ? 259 VAL A N   1 
ATOM   175 C  CA  . VAL A 1 24  ? 9.024   -2.058  5.064   1.00 9.64  ? 259 VAL A CA  1 
ATOM   176 C  C   . VAL A 1 24  ? 10.126  -2.557  6.005   1.00 12.69 ? 259 VAL A C   1 
ATOM   177 O  O   . VAL A 1 24  ? 9.870   -3.355  6.910   1.00 12.99 ? 259 VAL A O   1 
ATOM   178 C  CB  . VAL A 1 24  ? 9.212   -2.657  3.653   1.00 9.71  ? 259 VAL A CB  1 
ATOM   179 C  CG1 . VAL A 1 24  ? 9.543   -4.144  3.744   1.00 6.60  ? 259 VAL A CG1 1 
ATOM   180 C  CG2 . VAL A 1 24  ? 7.929   -2.457  2.840   1.00 5.71  ? 259 VAL A CG2 1 
ATOM   181 N  N   . LYS A 1 25  ? 11.347  -2.073  5.808   1.00 12.12 ? 260 LYS A N   1 
ATOM   182 C  CA  . LYS A 1 25  ? 12.456  -2.479  6.661   1.00 15.05 ? 260 LYS A CA  1 
ATOM   183 C  C   . LYS A 1 25  ? 12.140  -2.150  8.115   1.00 14.90 ? 260 LYS A C   1 
ATOM   184 O  O   . LYS A 1 25  ? 12.349  -2.975  9.001   1.00 14.96 ? 260 LYS A O   1 
ATOM   185 C  CB  . LYS A 1 25  ? 13.746  -1.771  6.240   1.00 16.02 ? 260 LYS A CB  1 
ATOM   186 C  CG  . LYS A 1 25  ? 14.318  -2.262  4.931   1.00 16.56 ? 260 LYS A CG  1 
ATOM   187 C  CD  . LYS A 1 25  ? 15.466  -1.374  4.487   1.00 18.92 ? 260 LYS A CD  1 
ATOM   188 C  CE  . LYS A 1 25  ? 15.997  -1.787  3.128   1.00 18.59 ? 260 LYS A CE  1 
ATOM   189 N  NZ  . LYS A 1 25  ? 17.054  -0.849  2.664   1.00 19.43 ? 260 LYS A NZ  1 
ATOM   190 N  N   . GLU A 1 26  ? 11.632  -0.944  8.354   1.00 12.95 ? 261 GLU A N   1 
ATOM   191 C  CA  . GLU A 1 26  ? 11.287  -0.522  9.704   1.00 15.20 ? 261 GLU A CA  1 
ATOM   192 C  C   . GLU A 1 26  ? 10.249  -1.439  10.336  1.00 15.46 ? 261 GLU A C   1 
ATOM   193 O  O   . GLU A 1 26  ? 10.409  -1.881  11.474  1.00 14.57 ? 261 GLU A O   1 
ATOM   194 C  CB  . GLU A 1 26  ? 10.762  0.913   9.692   1.00 16.83 ? 261 GLU A CB  1 
ATOM   195 C  CG  . GLU A 1 26  ? 11.848  1.979   9.642   1.00 22.01 ? 261 GLU A CG  1 
ATOM   196 C  CD  . GLU A 1 26  ? 11.290  3.362   9.339   1.00 25.20 ? 261 GLU A CD  1 
ATOM   197 O  OE1 . GLU A 1 26  ? 10.125  3.628   9.710   1.00 27.57 ? 261 GLU A OE1 1 
ATOM   198 O  OE2 . GLU A 1 26  ? 12.013  4.184   8.735   1.00 27.68 ? 261 GLU A OE2 1 
ATOM   199 N  N   . LEU A 1 27  ? 9.184   -1.725  9.598   1.00 13.27 ? 262 LEU A N   1 
ATOM   200 C  CA  . LEU A 1 27  ? 8.136   -2.591  10.112  1.00 13.95 ? 262 LEU A CA  1 
ATOM   201 C  C   . LEU A 1 27  ? 8.669   -4.000  10.379  1.00 14.63 ? 262 LEU A C   1 
ATOM   202 O  O   . LEU A 1 27  ? 8.365   -4.598  11.411  1.00 13.65 ? 262 LEU A O   1 
ATOM   203 C  CB  . LEU A 1 27  ? 6.963   -2.622  9.128   1.00 14.62 ? 262 LEU A CB  1 
ATOM   204 C  CG  . LEU A 1 27  ? 6.296   -1.249  8.958   1.00 15.26 ? 262 LEU A CG  1 
ATOM   205 C  CD1 . LEU A 1 27  ? 5.218   -1.300  7.887   1.00 14.93 ? 262 LEU A CD1 1 
ATOM   206 C  CD2 . LEU A 1 27  ? 5.705   -0.810  10.295  1.00 16.10 ? 262 LEU A CD2 1 
ATOM   207 N  N   . LYS A 1 28  ? 9.472   -4.526  9.458   1.00 14.90 ? 263 LYS A N   1 
ATOM   208 C  CA  . LYS A 1 28  ? 10.029  -5.864  9.633   1.00 17.97 ? 263 LYS A CA  1 
ATOM   209 C  C   . LYS A 1 28  ? 10.883  -5.935  10.895  1.00 19.36 ? 263 LYS A C   1 
ATOM   210 O  O   . LYS A 1 28  ? 10.737  -6.851  11.701  1.00 20.86 ? 263 LYS A O   1 
ATOM   211 C  CB  . LYS A 1 28  ? 10.885  -6.267  8.431   1.00 18.13 ? 263 LYS A CB  1 
ATOM   212 C  CG  . LYS A 1 28  ? 10.113  -6.792  7.232   1.00 18.25 ? 263 LYS A CG  1 
ATOM   213 C  CD  . LYS A 1 28  ? 11.088  -7.306  6.192   1.00 19.01 ? 263 LYS A CD  1 
ATOM   214 C  CE  . LYS A 1 28  ? 10.400  -7.904  4.983   1.00 21.28 ? 263 LYS A CE  1 
ATOM   215 N  NZ  . LYS A 1 28  ? 11.407  -8.359  3.979   1.00 19.79 ? 263 LYS A NZ  1 
ATOM   216 N  N   . GLU A 1 29  ? 11.772  -4.961  11.064  1.00 21.06 ? 264 GLU A N   1 
ATOM   217 C  CA  . GLU A 1 29  ? 12.646  -4.932  12.230  1.00 23.71 ? 264 GLU A CA  1 
ATOM   218 C  C   . GLU A 1 29  ? 11.846  -4.889  13.529  1.00 23.38 ? 264 GLU A C   1 
ATOM   219 O  O   . GLU A 1 29  ? 12.340  -5.290  14.581  1.00 23.58 ? 264 GLU A O   1 
ATOM   220 C  CB  . GLU A 1 29  ? 13.594  -3.733  12.157  1.00 25.77 ? 264 GLU A CB  1 
ATOM   221 C  CG  . GLU A 1 29  ? 14.626  -3.691  13.278  1.00 32.32 ? 264 GLU A CG  1 
ATOM   222 C  CD  . GLU A 1 29  ? 15.501  -4.938  13.325  1.00 35.19 ? 264 GLU A CD  1 
ATOM   223 O  OE1 . GLU A 1 29  ? 16.206  -5.218  12.331  1.00 37.52 ? 264 GLU A OE1 1 
ATOM   224 O  OE2 . GLU A 1 29  ? 15.485  -5.637  14.360  1.00 36.05 ? 264 GLU A OE2 1 
ATOM   225 N  N   . ARG A 1 30  ? 10.609  -4.406  13.448  1.00 22.88 ? 265 ARG A N   1 
ATOM   226 C  CA  . ARG A 1 30  ? 9.737   -4.323  14.617  1.00 23.12 ? 265 ARG A CA  1 
ATOM   227 C  C   . ARG A 1 30  ? 8.926   -5.602  14.807  1.00 21.89 ? 265 ARG A C   1 
ATOM   228 O  O   . ARG A 1 30  ? 8.230   -5.757  15.814  1.00 22.11 ? 265 ARG A O   1 
ATOM   229 C  CB  . ARG A 1 30  ? 8.787   -3.132  14.493  1.00 25.54 ? 265 ARG A CB  1 
ATOM   230 C  CG  . ARG A 1 30  ? 9.446   -1.778  14.709  1.00 28.96 ? 265 ARG A CG  1 
ATOM   231 C  CD  . ARG A 1 30  ? 8.516   -0.651  14.289  1.00 32.66 ? 265 ARG A CD  1 
ATOM   232 N  NE  . ARG A 1 30  ? 7.212   -0.736  14.943  1.00 35.10 ? 265 ARG A NE  1 
ATOM   233 C  CZ  . ARG A 1 30  ? 6.158   0.000   14.603  1.00 36.21 ? 265 ARG A CZ  1 
ATOM   234 N  NH1 . ARG A 1 30  ? 6.250   0.877   13.615  1.00 35.94 ? 265 ARG A NH1 1 
ATOM   235 N  NH2 . ARG A 1 30  ? 5.009   -0.146  15.251  1.00 36.90 ? 265 ARG A NH2 1 
ATOM   236 N  N   . GLY A 1 31  ? 9.012   -6.514  13.839  1.00 19.59 ? 266 GLY A N   1 
ATOM   237 C  CA  . GLY A 1 31  ? 8.293   -7.771  13.945  1.00 17.59 ? 266 GLY A CA  1 
ATOM   238 C  C   . GLY A 1 31  ? 6.935   -7.829  13.268  1.00 17.08 ? 266 GLY A C   1 
ATOM   239 O  O   . GLY A 1 31  ? 6.227   -8.830  13.381  1.00 15.20 ? 266 GLY A O   1 
ATOM   240 N  N   . LYS A 1 32  ? 6.562   -6.765  12.567  1.00 16.23 ? 267 LYS A N   1 
ATOM   241 C  CA  . LYS A 1 32  ? 5.283   -6.732  11.875  1.00 16.21 ? 267 LYS A CA  1 
ATOM   242 C  C   . LYS A 1 32  ? 5.383   -7.408  10.511  1.00 16.18 ? 267 LYS A C   1 
ATOM   243 O  O   . LYS A 1 32  ? 6.339   -7.180  9.764   1.00 15.16 ? 267 LYS A O   1 
ATOM   244 C  CB  . LYS A 1 32  ? 4.830   -5.286  11.665  1.00 19.31 ? 267 LYS A CB  1 
ATOM   245 C  CG  . LYS A 1 32  ? 4.620   -4.496  12.936  1.00 21.42 ? 267 LYS A CG  1 
ATOM   246 C  CD  . LYS A 1 32  ? 3.407   -4.990  13.700  1.00 22.63 ? 267 LYS A CD  1 
ATOM   247 C  CE  . LYS A 1 32  ? 3.208   -4.164  14.955  1.00 26.48 ? 267 LYS A CE  1 
ATOM   248 N  NZ  . LYS A 1 32  ? 3.136   -2.713  14.617  1.00 30.76 ? 267 LYS A NZ  1 
ATOM   249 N  N   . LYS A 1 33  ? 4.411   -8.259  10.197  1.00 13.43 ? 268 LYS A N   1 
ATOM   250 C  CA  . LYS A 1 33  ? 4.382   -8.902  8.890   1.00 12.68 ? 268 LYS A CA  1 
ATOM   251 C  C   . LYS A 1 33  ? 3.793   -7.787  8.028   1.00 10.88 ? 268 LYS A C   1 
ATOM   252 O  O   . LYS A 1 33  ? 2.709   -7.282  8.319   1.00 9.96  ? 268 LYS A O   1 
ATOM   253 C  CB  . LYS A 1 33  ? 3.461   -10.126 8.906   1.00 14.99 ? 268 LYS A CB  1 
ATOM   254 C  CG  . LYS A 1 33  ? 3.463   -10.919 7.610   1.00 19.20 ? 268 LYS A CG  1 
ATOM   255 C  CD  . LYS A 1 33  ? 2.588   -12.161 7.715   1.00 21.43 ? 268 LYS A CD  1 
ATOM   256 C  CE  . LYS A 1 33  ? 2.627   -12.967 6.422   1.00 21.80 ? 268 LYS A CE  1 
ATOM   257 N  NZ  . LYS A 1 33  ? 1.884   -14.255 6.536   1.00 23.83 ? 268 LYS A NZ  1 
ATOM   258 N  N   . VAL A 1 34  ? 4.514   -7.392  6.986   1.00 10.15 ? 269 VAL A N   1 
ATOM   259 C  CA  . VAL A 1 34  ? 4.074   -6.289  6.139   1.00 8.69  ? 269 VAL A CA  1 
ATOM   260 C  C   . VAL A 1 34  ? 3.760   -6.640  4.688   1.00 7.66  ? 269 VAL A C   1 
ATOM   261 O  O   . VAL A 1 34  ? 4.462   -7.422  4.041   1.00 6.17  ? 269 VAL A O   1 
ATOM   262 C  CB  . VAL A 1 34  ? 5.125   -5.148  6.179   1.00 9.07  ? 269 VAL A CB  1 
ATOM   263 C  CG1 . VAL A 1 34  ? 6.481   -5.692  5.830   1.00 11.69 ? 269 VAL A CG1 1 
ATOM   264 C  CG2 . VAL A 1 34  ? 4.738   -4.030  5.222   1.00 9.35  ? 269 VAL A CG2 1 
ATOM   265 N  N   . GLY A 1 35  ? 2.687   -6.043  4.187   1.00 6.96  ? 270 GLY A N   1 
ATOM   266 C  CA  . GLY A 1 35  ? 2.276   -6.276  2.817   1.00 6.86  ? 270 GLY A CA  1 
ATOM   267 C  C   . GLY A 1 35  ? 2.243   -4.967  2.056   1.00 7.85  ? 270 GLY A C   1 
ATOM   268 O  O   . GLY A 1 35  ? 1.990   -3.905  2.624   1.00 8.45  ? 270 GLY A O   1 
ATOM   269 N  N   . VAL A 1 36  ? 2.531   -5.034  0.766   1.00 6.88  ? 271 VAL A N   1 
ATOM   270 C  CA  . VAL A 1 36  ? 2.507   -3.848  -0.060  1.00 5.79  ? 271 VAL A CA  1 
ATOM   271 C  C   . VAL A 1 36  ? 1.541   -4.043  -1.213  1.00 5.41  ? 271 VAL A C   1 
ATOM   272 O  O   . VAL A 1 36  ? 1.540   -5.085  -1.870  1.00 4.10  ? 271 VAL A O   1 
ATOM   273 C  CB  . VAL A 1 36  ? 3.899   -3.532  -0.648  1.00 6.05  ? 271 VAL A CB  1 
ATOM   274 C  CG1 . VAL A 1 36  ? 3.764   -2.534  -1.813  1.00 6.20  ? 271 VAL A CG1 1 
ATOM   275 C  CG2 . VAL A 1 36  ? 4.805   -2.962  0.438   1.00 4.33  ? 271 VAL A CG2 1 
ATOM   276 N  N   . ILE A 1 37  ? 0.695   -3.048  -1.425  1.00 4.23  ? 272 ILE A N   1 
ATOM   277 C  CA  . ILE A 1 37  ? -0.223  -3.063  -2.550  1.00 4.87  ? 272 ILE A CA  1 
ATOM   278 C  C   . ILE A 1 37  ? 0.330   -1.899  -3.365  1.00 5.80  ? 272 ILE A C   1 
ATOM   279 O  O   . ILE A 1 37  ? 0.143   -0.736  -3.003  1.00 5.13  ? 272 ILE A O   1 
ATOM   280 C  CB  . ILE A 1 37  ? -1.675  -2.753  -2.136  1.00 6.25  ? 272 ILE A CB  1 
ATOM   281 C  CG1 . ILE A 1 37  ? -2.169  -3.790  -1.124  1.00 7.90  ? 272 ILE A CG1 1 
ATOM   282 C  CG2 . ILE A 1 37  ? -2.575  -2.775  -3.367  1.00 7.49  ? 272 ILE A CG2 1 
ATOM   283 C  CD1 . ILE A 1 37  ? -3.597  -3.539  -0.649  1.00 9.06  ? 272 ILE A CD1 1 
ATOM   284 N  N   . GLY A 1 38  ? 1.047   -2.214  -4.441  1.00 5.73  ? 273 GLY A N   1 
ATOM   285 C  CA  . GLY A 1 38  ? 1.633   -1.164  -5.254  1.00 6.37  ? 273 GLY A CA  1 
ATOM   286 C  C   . GLY A 1 38  ? 2.147   -1.651  -6.593  1.00 7.75  ? 273 GLY A C   1 
ATOM   287 O  O   . GLY A 1 38  ? 1.604   -2.599  -7.162  1.00 9.16  ? 273 GLY A O   1 
ATOM   288 N  N   . SER A 1 39  ? 3.197   -1.006  -7.094  1.00 9.44  ? 274 SER A N   1 
ATOM   289 C  CA  . SER A 1 39  ? 3.782   -1.359  -8.385  1.00 10.84 ? 274 SER A CA  1 
ATOM   290 C  C   . SER A 1 39  ? 4.871   -2.429  -8.254  1.00 13.03 ? 274 SER A C   1 
ATOM   291 O  O   . SER A 1 39  ? 5.250   -3.062  -9.244  1.00 10.55 ? 274 SER A O   1 
ATOM   292 C  CB  . SER A 1 39  ? 4.354   -0.108  -9.058  1.00 11.64 ? 274 SER A CB  1 
ATOM   293 O  OG  . SER A 1 39  ? 5.329   0.510   -8.236  1.00 13.59 ? 274 SER A OG  1 
ATOM   294 N  N   . GLU A 1 40  ? 5.375   -2.612  -7.035  1.00 12.21 ? 275 GLU A N   1 
ATOM   295 C  CA  . GLU A 1 40  ? 6.394   -3.620  -6.738  1.00 13.05 ? 275 GLU A CA  1 
ATOM   296 C  C   . GLU A 1 40  ? 6.391   -3.928  -5.238  1.00 12.29 ? 275 GLU A C   1 
ATOM   297 O  O   . GLU A 1 40  ? 5.798   -3.194  -4.453  1.00 11.18 ? 275 GLU A O   1 
ATOM   298 C  CB  . GLU A 1 40  ? 7.783   -3.164  -7.194  1.00 16.28 ? 275 GLU A CB  1 
ATOM   299 C  CG  . GLU A 1 40  ? 8.256   -1.854  -6.606  1.00 17.73 ? 275 GLU A CG  1 
ATOM   300 C  CD  . GLU A 1 40  ? 9.628   -1.468  -7.118  1.00 21.69 ? 275 GLU A CD  1 
ATOM   301 O  OE1 . GLU A 1 40  ? 10.586  -2.225  -6.865  1.00 23.43 ? 275 GLU A OE1 1 
ATOM   302 O  OE2 . GLU A 1 40  ? 9.748   -0.415  -7.779  1.00 22.04 ? 275 GLU A OE2 1 
ATOM   303 N  N   . SER A 1 41  ? 7.063   -5.004  -4.844  1.00 11.45 ? 276 SER A N   1 
ATOM   304 C  CA  . SER A 1 41  ? 7.078   -5.435  -3.449  1.00 9.93  ? 276 SER A CA  1 
ATOM   305 C  C   . SER A 1 41  ? 7.915   -4.643  -2.466  1.00 10.65 ? 276 SER A C   1 
ATOM   306 O  O   . SER A 1 41  ? 7.543   -4.529  -1.300  1.00 10.40 ? 276 SER A O   1 
ATOM   307 C  CB  . SER A 1 41  ? 7.520   -6.892  -3.359  1.00 10.78 ? 276 SER A CB  1 
ATOM   308 O  OG  . SER A 1 41  ? 8.929   -6.984  -3.495  1.00 9.39  ? 276 SER A OG  1 
ATOM   309 N  N   . TYR A 1 42  ? 9.049   -4.113  -2.917  1.00 11.50 ? 277 TYR A N   1 
ATOM   310 C  CA  . TYR A 1 42  ? 9.938   -3.375  -2.024  1.00 11.66 ? 277 TYR A CA  1 
ATOM   311 C  C   . TYR A 1 42  ? 10.358  -4.356  -0.934  1.00 13.50 ? 277 TYR A C   1 
ATOM   312 O  O   . TYR A 1 42  ? 10.685  -3.970  0.191   1.00 12.84 ? 277 TYR A O   1 
ATOM   313 C  CB  . TYR A 1 42  ? 9.213   -2.180  -1.411  1.00 12.75 ? 277 TYR A CB  1 
ATOM   314 C  CG  . TYR A 1 42  ? 8.641   -1.243  -2.444  1.00 13.27 ? 277 TYR A CG  1 
ATOM   315 C  CD1 . TYR A 1 42  ? 9.472   -0.441  -3.227  1.00 14.17 ? 277 TYR A CD1 1 
ATOM   316 C  CD2 . TYR A 1 42  ? 7.266   -1.180  -2.661  1.00 13.48 ? 277 TYR A CD2 1 
ATOM   317 C  CE1 . TYR A 1 42  ? 8.941   0.406   -4.209  1.00 15.65 ? 277 TYR A CE1 1 
ATOM   318 C  CE2 . TYR A 1 42  ? 6.726   -0.345  -3.631  1.00 12.51 ? 277 TYR A CE2 1 
ATOM   319 C  CZ  . TYR A 1 42  ? 7.566   0.443   -4.402  1.00 12.83 ? 277 TYR A CZ  1 
ATOM   320 O  OH  . TYR A 1 42  ? 7.022   1.244   -5.378  1.00 12.83 ? 277 TYR A OH  1 
ATOM   321 N  N   . ASN A 1 43  ? 10.327  -5.636  -1.292  1.00 15.03 ? 278 ASN A N   1 
ATOM   322 C  CA  . ASN A 1 43  ? 10.693  -6.728  -0.398  1.00 15.45 ? 278 ASN A CA  1 
ATOM   323 C  C   . ASN A 1 43  ? 9.809   -6.916  0.829   1.00 14.25 ? 278 ASN A C   1 
ATOM   324 O  O   . ASN A 1 43  ? 10.286  -7.356  1.881   1.00 11.89 ? 278 ASN A O   1 
ATOM   325 C  CB  . ASN A 1 43  ? 12.144  -6.586  0.049   1.00 19.24 ? 278 ASN A CB  1 
ATOM   326 C  CG  . ASN A 1 43  ? 12.991  -7.738  -0.412  1.00 24.23 ? 278 ASN A CG  1 
ATOM   327 O  OD1 . ASN A 1 43  ? 12.718  -8.892  -0.079  1.00 26.22 ? 278 ASN A OD1 1 
ATOM   328 N  ND2 . ASN A 1 43  ? 14.022  -7.441  -1.197  1.00 27.99 ? 278 ASN A ND2 1 
ATOM   329 N  N   . ALA A 1 44  ? 8.531   -6.579  0.705   1.00 10.58 ? 279 ALA A N   1 
ATOM   330 C  CA  . ALA A 1 44  ? 7.616   -6.768  1.820   1.00 9.81  ? 279 ALA A CA  1 
ATOM   331 C  C   . ALA A 1 44  ? 7.417   -8.278  1.957   1.00 8.38  ? 279 ALA A C   1 
ATOM   332 O  O   . ALA A 1 44  ? 7.944   -9.047  1.153   1.00 7.12  ? 279 ALA A O   1 
ATOM   333 C  CB  . ALA A 1 44  ? 6.292   -6.088  1.534   1.00 9.93  ? 279 ALA A CB  1 
ATOM   334 N  N   . ASP A 1 45  ? 6.669   -8.702  2.972   1.00 7.76  ? 280 ASP A N   1 
ATOM   335 C  CA  . ASP A 1 45  ? 6.404   -10.128 3.176   1.00 8.67  ? 280 ASP A CA  1 
ATOM   336 C  C   . ASP A 1 45  ? 5.325   -10.606 2.209   1.00 8.83  ? 280 ASP A C   1 
ATOM   337 O  O   . ASP A 1 45  ? 5.244   -11.792 1.891   1.00 8.30  ? 280 ASP A O   1 
ATOM   338 C  CB  . ASP A 1 45  ? 5.918   -10.393 4.603   1.00 8.98  ? 280 ASP A CB  1 
ATOM   339 C  CG  . ASP A 1 45  ? 6.954   -10.056 5.643   1.00 10.24 ? 280 ASP A CG  1 
ATOM   340 O  OD1 . ASP A 1 45  ? 8.071   -10.614 5.571   1.00 14.28 ? 280 ASP A OD1 1 
ATOM   341 O  OD2 . ASP A 1 45  ? 6.653   -9.238  6.530   1.00 8.40  ? 280 ASP A OD2 1 
ATOM   342 N  N   . GLU A 1 46  ? 4.495   -9.675  1.752   1.00 8.19  ? 281 GLU A N   1 
ATOM   343 C  CA  . GLU A 1 46  ? 3.402   -10.000 0.839   1.00 8.88  ? 281 GLU A CA  1 
ATOM   344 C  C   . GLU A 1 46  ? 3.240   -8.894  -0.190  1.00 8.77  ? 281 GLU A C   1 
ATOM   345 O  O   . GLU A 1 46  ? 3.461   -7.720  0.109   1.00 7.37  ? 281 GLU A O   1 
ATOM   346 C  CB  . GLU A 1 46  ? 2.093   -10.143 1.618   1.00 10.77 ? 281 GLU A CB  1 
ATOM   347 C  CG  . GLU A 1 46  ? 2.099   -11.209 2.714   1.00 10.39 ? 281 GLU A CG  1 
ATOM   348 C  CD  . GLU A 1 46  ? 1.944   -12.611 2.163   1.00 12.45 ? 281 GLU A CD  1 
ATOM   349 O  OE1 . GLU A 1 46  ? 1.567   -12.750 0.979   1.00 12.55 ? 281 GLU A OE1 1 
ATOM   350 O  OE2 . GLU A 1 46  ? 2.183   -13.575 2.917   1.00 15.04 ? 281 GLU A OE2 1 
ATOM   351 N  N   . PHE A 1 47  ? 2.839   -9.260  -1.401  1.00 7.23  ? 282 PHE A N   1 
ATOM   352 C  CA  . PHE A 1 47  ? 2.652   -8.261  -2.441  1.00 8.92  ? 282 PHE A CA  1 
ATOM   353 C  C   . PHE A 1 47  ? 1.427   -8.540  -3.303  1.00 9.41  ? 282 PHE A C   1 
ATOM   354 O  O   . PHE A 1 47  ? 1.094   -9.691  -3.579  1.00 10.25 ? 282 PHE A O   1 
ATOM   355 C  CB  . PHE A 1 47  ? 3.898   -8.172  -3.332  1.00 7.47  ? 282 PHE A CB  1 
ATOM   356 C  CG  . PHE A 1 47  ? 3.713   -7.295  -4.546  1.00 9.95  ? 282 PHE A CG  1 
ATOM   357 C  CD1 . PHE A 1 47  ? 3.528   -7.855  -5.804  1.00 11.70 ? 282 PHE A CD1 1 
ATOM   358 C  CD2 . PHE A 1 47  ? 3.657   -5.910  -4.417  1.00 10.87 ? 282 PHE A CD2 1 
ATOM   359 C  CE1 . PHE A 1 47  ? 3.286   -7.050  -6.918  1.00 12.73 ? 282 PHE A CE1 1 
ATOM   360 C  CE2 . PHE A 1 47  ? 3.416   -5.098  -5.523  1.00 10.73 ? 282 PHE A CE2 1 
ATOM   361 C  CZ  . PHE A 1 47  ? 3.230   -5.665  -6.773  1.00 11.14 ? 282 PHE A CZ  1 
ATOM   362 N  N   . PHE A 1 48  ? 0.751   -7.472  -3.707  1.00 7.79  ? 283 PHE A N   1 
ATOM   363 C  CA  . PHE A 1 48  ? -0.419  -7.579  -4.574  1.00 9.62  ? 283 PHE A CA  1 
ATOM   364 C  C   . PHE A 1 48  ? -0.374  -6.329  -5.444  1.00 10.27 ? 283 PHE A C   1 
ATOM   365 O  O   . PHE A 1 48  ? -0.221  -5.218  -4.932  1.00 8.42  ? 283 PHE A O   1 
ATOM   366 C  CB  . PHE A 1 48  ? -1.711  -7.604  -3.756  1.00 8.74  ? 283 PHE A CB  1 
ATOM   367 C  CG  . PHE A 1 48  ? -2.913  -8.116  -4.522  1.00 9.62  ? 283 PHE A CG  1 
ATOM   368 C  CD1 . PHE A 1 48  ? -3.411  -9.396  -4.285  1.00 11.19 ? 283 PHE A CD1 1 
ATOM   369 C  CD2 . PHE A 1 48  ? -3.552  -7.314  -5.463  1.00 8.90  ? 283 PHE A CD2 1 
ATOM   370 C  CE1 . PHE A 1 48  ? -4.533  -9.871  -4.973  1.00 12.12 ? 283 PHE A CE1 1 
ATOM   371 C  CE2 . PHE A 1 48  ? -4.673  -7.777  -6.158  1.00 13.35 ? 283 PHE A CE2 1 
ATOM   372 C  CZ  . PHE A 1 48  ? -5.165  -9.057  -5.911  1.00 10.42 ? 283 PHE A CZ  1 
ATOM   373 N  N   . PHE A 1 49  ? -0.484  -6.514  -6.753  1.00 9.95  ? 284 PHE A N   1 
ATOM   374 C  CA  . PHE A 1 49  ? -0.437  -5.401  -7.691  1.00 11.60 ? 284 PHE A CA  1 
ATOM   375 C  C   . PHE A 1 49  ? -1.609  -4.427  -7.546  1.00 10.89 ? 284 PHE A C   1 
ATOM   376 O  O   . PHE A 1 49  ? -2.775  -4.827  -7.558  1.00 11.32 ? 284 PHE A O   1 
ATOM   377 C  CB  . PHE A 1 49  ? -0.378  -5.943  -9.125  1.00 15.11 ? 284 PHE A CB  1 
ATOM   378 C  CG  . PHE A 1 49  ? -0.280  -4.873  -10.170 1.00 16.30 ? 284 PHE A CG  1 
ATOM   379 C  CD1 . PHE A 1 49  ? 0.688   -3.881  -10.075 1.00 17.84 ? 284 PHE A CD1 1 
ATOM   380 C  CD2 . PHE A 1 49  ? -1.145  -4.866  -11.262 1.00 17.48 ? 284 PHE A CD2 1 
ATOM   381 C  CE1 . PHE A 1 49  ? 0.795   -2.894  -11.056 1.00 19.11 ? 284 PHE A CE1 1 
ATOM   382 C  CE2 . PHE A 1 49  ? -1.045  -3.884  -12.245 1.00 15.41 ? 284 PHE A CE2 1 
ATOM   383 C  CZ  . PHE A 1 49  ? -0.075  -2.899  -12.141 1.00 16.73 ? 284 PHE A CZ  1 
ATOM   384 N  N   . LEU A 1 50  ? -1.290  -3.141  -7.423  1.00 10.22 ? 285 LEU A N   1 
ATOM   385 C  CA  . LEU A 1 50  ? -2.309  -2.108  -7.258  1.00 10.44 ? 285 LEU A CA  1 
ATOM   386 C  C   . LEU A 1 50  ? -3.069  -1.807  -8.539  1.00 12.07 ? 285 LEU A C   1 
ATOM   387 O  O   . LEU A 1 50  ? -4.283  -1.592  -8.519  1.00 12.08 ? 285 LEU A O   1 
ATOM   388 C  CB  . LEU A 1 50  ? -1.666  -0.809  -6.759  1.00 11.63 ? 285 LEU A CB  1 
ATOM   389 C  CG  . LEU A 1 50  ? -2.547  0.446   -6.694  1.00 10.13 ? 285 LEU A CG  1 
ATOM   390 C  CD1 . LEU A 1 50  ? -3.556  0.324   -5.550  1.00 10.41 ? 285 LEU A CD1 1 
ATOM   391 C  CD2 . LEU A 1 50  ? -1.672  1.669   -6.484  1.00 10.73 ? 285 LEU A CD2 1 
ATOM   392 N  N   . GLY A 1 51  ? -2.342  -1.786  -9.649  1.00 14.48 ? 286 GLY A N   1 
ATOM   393 C  CA  . GLY A 1 51  ? -2.944  -1.461  -10.928 1.00 17.77 ? 286 GLY A CA  1 
ATOM   394 C  C   . GLY A 1 51  ? -2.221  -0.217  -11.408 1.00 19.76 ? 286 GLY A C   1 
ATOM   395 O  O   . GLY A 1 51  ? -1.652  0.509   -10.596 1.00 18.76 ? 286 GLY A O   1 
ATOM   396 N  N   . SER A 1 52  ? -2.236  0.037   -12.712 1.00 20.28 ? 287 SER A N   1 
ATOM   397 C  CA  . SER A 1 52  ? -1.548  1.198   -13.262 1.00 21.60 ? 287 SER A CA  1 
ATOM   398 C  C   . SER A 1 52  ? -2.482  2.314   -13.727 1.00 20.49 ? 287 SER A C   1 
ATOM   399 O  O   . SER A 1 52  ? -2.044  3.276   -14.353 1.00 21.91 ? 287 SER A O   1 
ATOM   400 C  CB  . SER A 1 52  ? -0.645  0.762   -14.420 1.00 23.17 ? 287 SER A CB  1 
ATOM   401 O  OG  . SER A 1 52  ? -1.376  0.012   -15.376 1.00 27.54 ? 287 SER A OG  1 
ATOM   402 N  N   . SER A 1 53  ? -3.767  2.192   -13.417 1.00 19.39 ? 288 SER A N   1 
ATOM   403 C  CA  . SER A 1 53  ? -4.736  3.207   -13.810 1.00 18.15 ? 288 SER A CA  1 
ATOM   404 C  C   . SER A 1 53  ? -5.732  3.435   -12.685 1.00 17.08 ? 288 SER A C   1 
ATOM   405 O  O   . SER A 1 53  ? -5.896  2.584   -11.809 1.00 16.46 ? 288 SER A O   1 
ATOM   406 C  CB  . SER A 1 53  ? -5.498  2.762   -15.056 1.00 18.03 ? 288 SER A CB  1 
ATOM   407 O  OG  . SER A 1 53  ? -6.438  1.758   -14.720 1.00 17.55 ? 288 SER A OG  1 
ATOM   408 N  N   . VAL A 1 54  ? -6.405  4.581   -12.713 1.00 16.05 ? 289 VAL A N   1 
ATOM   409 C  CA  . VAL A 1 54  ? -7.395  4.882   -11.687 1.00 16.24 ? 289 VAL A CA  1 
ATOM   410 C  C   . VAL A 1 54  ? -8.466  3.792   -11.688 1.00 17.37 ? 289 VAL A C   1 
ATOM   411 O  O   . VAL A 1 54  ? -8.879  3.316   -10.627 1.00 15.80 ? 289 VAL A O   1 
ATOM   412 C  CB  . VAL A 1 54  ? -8.043  6.269   -11.930 1.00 15.59 ? 289 VAL A CB  1 
ATOM   413 C  CG1 . VAL A 1 54  ? -9.294  6.428   -11.086 1.00 14.01 ? 289 VAL A CG1 1 
ATOM   414 C  CG2 . VAL A 1 54  ? -7.040  7.367   -11.594 1.00 12.20 ? 289 VAL A CG2 1 
ATOM   415 N  N   . GLU A 1 55  ? -8.905  3.389   -12.879 1.00 18.21 ? 290 GLU A N   1 
ATOM   416 C  CA  . GLU A 1 55  ? -9.926  2.352   -12.997 1.00 20.86 ? 290 GLU A CA  1 
ATOM   417 C  C   . GLU A 1 55  ? -9.474  1.038   -12.363 1.00 18.76 ? 290 GLU A C   1 
ATOM   418 O  O   . GLU A 1 55  ? -10.255 0.362   -11.697 1.00 18.27 ? 290 GLU A O   1 
ATOM   419 C  CB  . GLU A 1 55  ? -10.285 2.108   -14.467 1.00 25.50 ? 290 GLU A CB  1 
ATOM   420 C  CG  . GLU A 1 55  ? -11.124 0.852   -14.682 1.00 31.72 ? 290 GLU A CG  1 
ATOM   421 C  CD  . GLU A 1 55  ? -11.695 0.742   -16.086 1.00 36.52 ? 290 GLU A CD  1 
ATOM   422 O  OE1 . GLU A 1 55  ? -10.911 0.769   -17.060 1.00 40.06 ? 290 GLU A OE1 1 
ATOM   423 O  OE2 . GLU A 1 55  ? -12.933 0.624   -16.212 1.00 37.81 ? 290 GLU A OE2 1 
ATOM   424 N  N   . GLU A 1 56  ? -8.214  0.677   -12.580 1.00 17.80 ? 291 GLU A N   1 
ATOM   425 C  CA  . GLU A 1 56  ? -7.683  -0.555  -12.015 1.00 18.89 ? 291 GLU A CA  1 
ATOM   426 C  C   . GLU A 1 56  ? -7.625  -0.479  -10.497 1.00 16.56 ? 291 GLU A C   1 
ATOM   427 O  O   . GLU A 1 56  ? -7.912  -1.459  -9.814  1.00 15.97 ? 291 GLU A O   1 
ATOM   428 C  CB  . GLU A 1 56  ? -6.291  -0.848  -12.579 1.00 20.42 ? 291 GLU A CB  1 
ATOM   429 C  CG  . GLU A 1 56  ? -6.319  -1.360  -14.011 1.00 27.78 ? 291 GLU A CG  1 
ATOM   430 C  CD  . GLU A 1 56  ? -4.933  -1.642  -14.553 1.00 31.30 ? 291 GLU A CD  1 
ATOM   431 O  OE1 . GLU A 1 56  ? -4.200  -2.446  -13.936 1.00 33.41 ? 291 GLU A OE1 1 
ATOM   432 O  OE2 . GLU A 1 56  ? -4.578  -1.060  -15.599 1.00 35.86 ? 291 GLU A OE2 1 
ATOM   433 N  N   . VAL A 1 57  ? -7.260  0.685   -9.968  1.00 14.34 ? 292 VAL A N   1 
ATOM   434 C  CA  . VAL A 1 57  ? -7.188  0.857   -8.524  1.00 13.48 ? 292 VAL A CA  1 
ATOM   435 C  C   . VAL A 1 57  ? -8.548  0.573   -7.900  1.00 17.02 ? 292 VAL A C   1 
ATOM   436 O  O   . VAL A 1 57  ? -8.668  -0.225  -6.968  1.00 15.14 ? 292 VAL A O   1 
ATOM   437 C  CB  . VAL A 1 57  ? -6.755  2.291   -8.150  1.00 12.95 ? 292 VAL A CB  1 
ATOM   438 C  CG1 . VAL A 1 57  ? -7.026  2.551   -6.666  1.00 10.73 ? 292 VAL A CG1 1 
ATOM   439 C  CG2 . VAL A 1 57  ? -5.269  2.482   -8.458  1.00 9.83  ? 292 VAL A CG2 1 
ATOM   440 N  N   . ALA A 1 58  ? -9.574  1.237   -8.421  1.00 18.80 ? 293 ALA A N   1 
ATOM   441 C  CA  . ALA A 1 58  ? -10.929 1.070   -7.917  1.00 21.13 ? 293 ALA A CA  1 
ATOM   442 C  C   . ALA A 1 58  ? -11.351 -0.392  -7.967  1.00 22.97 ? 293 ALA A C   1 
ATOM   443 O  O   . ALA A 1 58  ? -12.092 -0.870  -7.106  1.00 23.24 ? 293 ALA A O   1 
ATOM   444 C  CB  . ALA A 1 58  ? -11.895 1.923   -8.738  1.00 22.39 ? 293 ALA A CB  1 
ATOM   445 N  N   . LYS A 1 59  ? -10.859 -1.102  -8.975  1.00 24.22 ? 294 LYS A N   1 
ATOM   446 C  CA  . LYS A 1 59  ? -11.194 -2.503  -9.166  1.00 26.12 ? 294 LYS A CA  1 
ATOM   447 C  C   . LYS A 1 59  ? -10.393 -3.504  -8.335  1.00 25.62 ? 294 LYS A C   1 
ATOM   448 O  O   . LYS A 1 59  ? -10.949 -4.489  -7.853  1.00 28.48 ? 294 LYS A O   1 
ATOM   449 C  CB  . LYS A 1 59  ? -11.051 -2.866  -10.650 1.00 27.76 ? 294 LYS A CB  1 
ATOM   450 C  CG  . LYS A 1 59  ? -11.468 -4.288  -10.982 1.00 31.09 ? 294 LYS A CG  1 
ATOM   451 C  CD  . LYS A 1 59  ? -11.179 -4.648  -12.433 1.00 33.95 ? 294 LYS A CD  1 
ATOM   452 C  CE  . LYS A 1 59  ? -11.617 -6.081  -12.730 1.00 36.28 ? 294 LYS A CE  1 
ATOM   453 N  NZ  . LYS A 1 59  ? -11.324 -6.496  -14.132 1.00 38.83 ? 294 LYS A NZ  1 
ATOM   454 N  N   . ASN A 1 60  ? -9.098  -3.259  -8.158  1.00 24.41 ? 295 ASN A N   1 
ATOM   455 C  CA  . ASN A 1 60  ? -8.244  -4.196  -7.421  1.00 23.00 ? 295 ASN A CA  1 
ATOM   456 C  C   . ASN A 1 60  ? -8.027  -3.968  -5.924  1.00 21.10 ? 295 ASN A C   1 
ATOM   457 O  O   . ASN A 1 60  ? -7.747  -4.914  -5.189  1.00 18.87 ? 295 ASN A O   1 
ATOM   458 C  CB  . ASN A 1 60  ? -6.850  -4.267  -8.065  1.00 24.70 ? 295 ASN A CB  1 
ATOM   459 C  CG  . ASN A 1 60  ? -6.897  -4.490  -9.562  1.00 25.85 ? 295 ASN A CG  1 
ATOM   460 O  OD1 . ASN A 1 60  ? -7.659  -5.321  -10.057 1.00 23.81 ? 295 ASN A OD1 1 
ATOM   461 N  ND2 . ASN A 1 60  ? -6.057  -3.758  -10.293 1.00 24.52 ? 295 ASN A ND2 1 
ATOM   462 N  N   . LEU A 1 61  ? -8.138  -2.725  -5.470  1.00 19.37 ? 296 LEU A N   1 
ATOM   463 C  CA  . LEU A 1 61  ? -7.866  -2.414  -4.066  1.00 18.34 ? 296 LEU A CA  1 
ATOM   464 C  C   . LEU A 1 61  ? -8.476  -3.333  -3.009  1.00 18.48 ? 296 LEU A C   1 
ATOM   465 O  O   . LEU A 1 61  ? -7.746  -3.935  -2.219  1.00 17.72 ? 296 LEU A O   1 
ATOM   466 C  CB  . LEU A 1 61  ? -8.239  -0.958  -3.762  1.00 16.10 ? 296 LEU A CB  1 
ATOM   467 C  CG  . LEU A 1 61  ? -7.774  -0.471  -2.387  1.00 13.18 ? 296 LEU A CG  1 
ATOM   468 C  CD1 . LEU A 1 61  ? -6.271  -0.697  -2.244  1.00 12.30 ? 296 LEU A CD1 1 
ATOM   469 C  CD2 . LEU A 1 61  ? -8.115  1.000   -2.224  1.00 11.58 ? 296 LEU A CD2 1 
ATOM   470 N  N   . PHE A 1 62  ? -9.800  -3.440  -2.980  1.00 18.14 ? 297 PHE A N   1 
ATOM   471 C  CA  . PHE A 1 62  ? -10.456 -4.285  -1.985  1.00 19.62 ? 297 PHE A CA  1 
ATOM   472 C  C   . PHE A 1 62  ? -10.104 -5.765  -2.144  1.00 18.83 ? 297 PHE A C   1 
ATOM   473 O  O   . PHE A 1 62  ? -10.018 -6.504  -1.161  1.00 19.19 ? 297 PHE A O   1 
ATOM   474 C  CB  . PHE A 1 62  ? -11.973 -4.060  -2.030  1.00 23.12 ? 297 PHE A CB  1 
ATOM   475 C  CG  . PHE A 1 62  ? -12.422 -2.838  -1.266  1.00 27.65 ? 297 PHE A CG  1 
ATOM   476 C  CD1 . PHE A 1 62  ? -11.632 -1.690  -1.235  1.00 28.71 ? 297 PHE A CD1 1 
ATOM   477 C  CD2 . PHE A 1 62  ? -13.635 -2.833  -0.582  1.00 29.99 ? 297 PHE A CD2 1 
ATOM   478 C  CE1 . PHE A 1 62  ? -12.040 -0.555  -0.533  1.00 30.12 ? 297 PHE A CE1 1 
ATOM   479 C  CE2 . PHE A 1 62  ? -14.054 -1.704  0.123   1.00 30.42 ? 297 PHE A CE2 1 
ATOM   480 C  CZ  . PHE A 1 62  ? -13.254 -0.561  0.147   1.00 31.24 ? 297 PHE A CZ  1 
ATOM   481 N  N   . LYS A 1 63  ? -9.897  -6.199  -3.379  1.00 16.84 ? 298 LYS A N   1 
ATOM   482 C  CA  . LYS A 1 63  ? -9.512  -7.582  -3.615  1.00 18.10 ? 298 LYS A CA  1 
ATOM   483 C  C   . LYS A 1 63  ? -8.120  -7.761  -3.005  1.00 15.11 ? 298 LYS A C   1 
ATOM   484 O  O   . LYS A 1 63  ? -7.815  -8.792  -2.403  1.00 14.37 ? 298 LYS A O   1 
ATOM   485 C  CB  . LYS A 1 63  ? -9.473  -7.873  -5.119  1.00 21.40 ? 298 LYS A CB  1 
ATOM   486 C  CG  . LYS A 1 63  ? -8.962  -9.261  -5.471  1.00 27.76 ? 298 LYS A CG  1 
ATOM   487 C  CD  . LYS A 1 63  ? -9.164  -9.569  -6.949  1.00 30.43 ? 298 LYS A CD  1 
ATOM   488 C  CE  . LYS A 1 63  ? -8.626  -10.948 -7.290  1.00 33.79 ? 298 LYS A CE  1 
ATOM   489 N  NZ  . LYS A 1 63  ? -9.226  -12.001 -6.423  1.00 35.23 ? 298 LYS A NZ  1 
ATOM   490 N  N   . ALA A 1 64  ? -7.285  -6.736  -3.153  1.00 12.48 ? 299 ALA A N   1 
ATOM   491 C  CA  . ALA A 1 64  ? -5.922  -6.765  -2.618  1.00 10.87 ? 299 ALA A CA  1 
ATOM   492 C  C   . ALA A 1 64  ? -5.944  -6.821  -1.095  1.00 9.40  ? 299 ALA A C   1 
ATOM   493 O  O   . ALA A 1 64  ? -5.219  -7.607  -0.476  1.00 9.03  ? 299 ALA A O   1 
ATOM   494 C  CB  . ALA A 1 64  ? -5.158  -5.536  -3.083  1.00 9.30  ? 299 ALA A CB  1 
ATOM   495 N  N   . LEU A 1 65  ? -6.772  -5.980  -0.490  1.00 9.14  ? 300 LEU A N   1 
ATOM   496 C  CA  . LEU A 1 65  ? -6.881  -5.944  0.965   1.00 9.84  ? 300 LEU A CA  1 
ATOM   497 C  C   . LEU A 1 65  ? -7.397  -7.275  1.527   1.00 11.44 ? 300 LEU A C   1 
ATOM   498 O  O   . LEU A 1 65  ? -6.981  -7.707  2.602   1.00 12.10 ? 300 LEU A O   1 
ATOM   499 C  CB  . LEU A 1 65  ? -7.793  -4.790  1.390   1.00 10.84 ? 300 LEU A CB  1 
ATOM   500 C  CG  . LEU A 1 65  ? -7.222  -3.386  1.139   1.00 11.84 ? 300 LEU A CG  1 
ATOM   501 C  CD1 . LEU A 1 65  ? -8.313  -2.335  1.261   1.00 10.55 ? 300 LEU A CD1 1 
ATOM   502 C  CD2 . LEU A 1 65  ? -6.093  -3.123  2.127   1.00 11.70 ? 300 LEU A CD2 1 
ATOM   503 N  N   . ARG A 1 66  ? -8.299  -7.932  0.807   1.00 12.55 ? 301 ARG A N   1 
ATOM   504 C  CA  . ARG A 1 66  ? -8.812  -9.213  1.286   1.00 14.06 ? 301 ARG A CA  1 
ATOM   505 C  C   . ARG A 1 66  ? -7.672  -10.224 1.260   1.00 10.83 ? 301 ARG A C   1 
ATOM   506 O  O   . ARG A 1 66  ? -7.556  -11.071 2.147   1.00 9.78  ? 301 ARG A O   1 
ATOM   507 C  CB  . ARG A 1 66  ? -9.978  -9.701  0.420   1.00 14.55 ? 301 ARG A CB  1 
ATOM   508 C  CG  . ARG A 1 66  ? -11.197 -8.799  0.486   1.00 20.46 ? 301 ARG A CG  1 
ATOM   509 C  CD  . ARG A 1 66  ? -12.410 -9.434  -0.172  1.00 24.59 ? 301 ARG A CD  1 
ATOM   510 N  NE  . ARG A 1 66  ? -13.448 -8.442  -0.443  1.00 29.37 ? 301 ARG A NE  1 
ATOM   511 C  CZ  . ARG A 1 66  ? -13.495 -7.693  -1.542  1.00 31.53 ? 301 ARG A CZ  1 
ATOM   512 N  NH1 . ARG A 1 66  ? -12.567 -7.831  -2.477  1.00 32.02 ? 301 ARG A NH1 1 
ATOM   513 N  NH2 . ARG A 1 66  ? -14.465 -6.800  -1.703  1.00 33.35 ? 301 ARG A NH2 1 
ATOM   514 N  N   . TYR A 1 67  ? -6.831  -10.124 0.237   1.00 9.27  ? 302 TYR A N   1 
ATOM   515 C  CA  . TYR A 1 67  ? -5.681  -11.013 0.105   1.00 8.80  ? 302 TYR A CA  1 
ATOM   516 C  C   . TYR A 1 67  ? -4.769  -10.820 1.313   1.00 10.25 ? 302 TYR A C   1 
ATOM   517 O  O   . TYR A 1 67  ? -4.299  -11.788 1.917   1.00 8.50  ? 302 TYR A O   1 
ATOM   518 C  CB  . TYR A 1 67  ? -4.896  -10.690 -1.169  1.00 10.72 ? 302 TYR A CB  1 
ATOM   519 C  CG  . TYR A 1 67  ? -3.638  -11.508 -1.320  1.00 10.40 ? 302 TYR A CG  1 
ATOM   520 C  CD1 . TYR A 1 67  ? -3.685  -12.805 -1.831  1.00 11.93 ? 302 TYR A CD1 1 
ATOM   521 C  CD2 . TYR A 1 67  ? -2.408  -11.012 -0.882  1.00 10.60 ? 302 TYR A CD2 1 
ATOM   522 C  CE1 . TYR A 1 67  ? -2.545  -13.593 -1.894  1.00 12.69 ? 302 TYR A CE1 1 
ATOM   523 C  CE2 . TYR A 1 67  ? -1.262  -11.789 -0.939  1.00 11.90 ? 302 TYR A CE2 1 
ATOM   524 C  CZ  . TYR A 1 67  ? -1.335  -13.081 -1.442  1.00 14.70 ? 302 TYR A CZ  1 
ATOM   525 O  OH  . TYR A 1 67  ? -0.208  -13.875 -1.459  1.00 12.93 ? 302 TYR A OH  1 
HETATM 526 N  N   . MSE A 1 68  ? -4.528  -9.560  1.663   1.00 10.55 ? 303 MSE A N   1 
HETATM 527 C  CA  . MSE A 1 68  ? -3.668  -9.231  2.793   1.00 10.03 ? 303 MSE A CA  1 
HETATM 528 C  C   . MSE A 1 68  ? -4.190  -9.784  4.113   1.00 10.60 ? 303 MSE A C   1 
HETATM 529 O  O   . MSE A 1 68  ? -3.426  -10.327 4.912   1.00 8.90  ? 303 MSE A O   1 
HETATM 530 C  CB  . MSE A 1 68  ? -3.494  -7.718  2.898   1.00 9.03  ? 303 MSE A CB  1 
HETATM 531 C  CG  . MSE A 1 68  ? -2.697  -7.113  1.755   1.00 11.74 ? 303 MSE A CG  1 
HETATM 532 SE SE  . MSE A 1 68  ? -0.928  -7.895  1.596   1.00 19.04 ? 303 MSE A SE  1 
HETATM 533 C  CE  . MSE A 1 68  ? -0.561  -7.446  -0.261  1.00 12.37 ? 303 MSE A CE  1 
ATOM   534 N  N   . ASP A 1 69  ? -5.487  -9.644  4.357   1.00 11.12 ? 304 ASP A N   1 
ATOM   535 C  CA  . ASP A 1 69  ? -6.041  -10.162 5.601   1.00 15.49 ? 304 ASP A CA  1 
ATOM   536 C  C   . ASP A 1 69  ? -5.998  -11.685 5.632   1.00 15.88 ? 304 ASP A C   1 
ATOM   537 O  O   . ASP A 1 69  ? -5.709  -12.280 6.670   1.00 16.64 ? 304 ASP A O   1 
ATOM   538 C  CB  . ASP A 1 69  ? -7.469  -9.660  5.812   1.00 18.43 ? 304 ASP A CB  1 
ATOM   539 C  CG  . ASP A 1 69  ? -7.508  -8.218  6.299   1.00 20.18 ? 304 ASP A CG  1 
ATOM   540 O  OD1 . ASP A 1 69  ? -6.553  -7.794  6.990   1.00 22.12 ? 304 ASP A OD1 1 
ATOM   541 O  OD2 . ASP A 1 69  ? -8.491  -7.514  6.007   1.00 23.41 ? 304 ASP A OD2 1 
ATOM   542 N  N   . LYS A 1 70  ? -6.272  -12.317 4.495   1.00 16.89 ? 305 LYS A N   1 
ATOM   543 C  CA  . LYS A 1 70  ? -6.231  -13.773 4.419   1.00 17.32 ? 305 LYS A CA  1 
ATOM   544 C  C   . LYS A 1 70  ? -4.806  -14.232 4.735   1.00 16.98 ? 305 LYS A C   1 
ATOM   545 O  O   . LYS A 1 70  ? -4.593  -15.320 5.275   1.00 15.66 ? 305 LYS A O   1 
ATOM   546 C  CB  . LYS A 1 70  ? -6.637  -14.240 3.019   1.00 19.08 ? 305 LYS A CB  1 
ATOM   547 C  CG  . LYS A 1 70  ? -6.627  -15.749 2.833   1.00 22.89 ? 305 LYS A CG  1 
ATOM   548 C  CD  . LYS A 1 70  ? -7.023  -16.123 1.412   1.00 25.76 ? 305 LYS A CD  1 
ATOM   549 C  CE  . LYS A 1 70  ? -7.174  -17.627 1.244   1.00 25.77 ? 305 LYS A CE  1 
ATOM   550 N  NZ  . LYS A 1 70  ? -5.905  -18.345 1.537   1.00 29.21 ? 305 LYS A NZ  1 
ATOM   551 N  N   . ALA A 1 71  ? -3.832  -13.387 4.406   1.00 15.39 ? 306 ALA A N   1 
ATOM   552 C  CA  . ALA A 1 71  ? -2.427  -13.698 4.654   1.00 16.50 ? 306 ALA A CA  1 
ATOM   553 C  C   . ALA A 1 71  ? -1.986  -13.342 6.074   1.00 16.37 ? 306 ALA A C   1 
ATOM   554 O  O   . ALA A 1 71  ? -0.852  -13.613 6.463   1.00 15.97 ? 306 ALA A O   1 
ATOM   555 C  CB  . ALA A 1 71  ? -1.545  -12.973 3.641   1.00 18.63 ? 306 ALA A CB  1 
ATOM   556 N  N   . GLY A 1 72  ? -2.879  -12.729 6.843   1.00 17.94 ? 307 GLY A N   1 
ATOM   557 C  CA  . GLY A 1 72  ? -2.549  -12.369 8.216   1.00 15.81 ? 307 GLY A CA  1 
ATOM   558 C  C   . GLY A 1 72  ? -1.551  -11.236 8.403   1.00 15.37 ? 307 GLY A C   1 
ATOM   559 O  O   . GLY A 1 72  ? -0.902  -11.137 9.449   1.00 14.36 ? 307 GLY A O   1 
ATOM   560 N  N   . VAL A 1 73  ? -1.415  -10.377 7.400   1.00 14.08 ? 308 VAL A N   1 
ATOM   561 C  CA  . VAL A 1 73  ? -0.488  -9.255  7.504   1.00 14.69 ? 308 VAL A CA  1 
ATOM   562 C  C   . VAL A 1 73  ? -0.917  -8.269  8.599   1.00 13.30 ? 308 VAL A C   1 
ATOM   563 O  O   . VAL A 1 73  ? -2.104  -7.996  8.764   1.00 11.51 ? 308 VAL A O   1 
ATOM   564 C  CB  . VAL A 1 73  ? -0.383  -8.503  6.155   1.00 15.78 ? 308 VAL A CB  1 
ATOM   565 C  CG1 . VAL A 1 73  ? 0.332   -7.190  6.347   1.00 17.33 ? 308 VAL A CG1 1 
ATOM   566 C  CG2 . VAL A 1 73  ? 0.371   -9.360  5.147   1.00 14.96 ? 308 VAL A CG2 1 
ATOM   567 N  N   . ASP A 1 74  ? 0.060   -7.743  9.336   1.00 12.13 ? 309 ASP A N   1 
ATOM   568 C  CA  . ASP A 1 74  ? -0.188  -6.785  10.414  1.00 12.03 ? 309 ASP A CA  1 
ATOM   569 C  C   . ASP A 1 74  ? -0.407  -5.369  9.883   1.00 11.46 ? 309 ASP A C   1 
ATOM   570 O  O   . ASP A 1 74  ? -1.270  -4.633  10.372  1.00 9.14  ? 309 ASP A O   1 
ATOM   571 C  CB  . ASP A 1 74  ? 0.993   -6.770  11.389  1.00 13.55 ? 309 ASP A CB  1 
ATOM   572 C  CG  . ASP A 1 74  ? 1.221   -8.115  12.043  1.00 16.33 ? 309 ASP A CG  1 
ATOM   573 O  OD1 . ASP A 1 74  ? 0.267   -8.646  12.652  1.00 16.22 ? 309 ASP A OD1 1 
ATOM   574 O  OD2 . ASP A 1 74  ? 2.351   -8.641  11.948  1.00 15.91 ? 309 ASP A OD2 1 
ATOM   575 N  N   . VAL A 1 75  ? 0.386   -4.989  8.883   1.00 10.34 ? 310 VAL A N   1 
ATOM   576 C  CA  . VAL A 1 75  ? 0.284   -3.663  8.286   1.00 10.31 ? 310 VAL A CA  1 
ATOM   577 C  C   . VAL A 1 75  ? 0.342   -3.744  6.763   1.00 11.18 ? 310 VAL A C   1 
ATOM   578 O  O   . VAL A 1 75  ? 1.152   -4.481  6.200   1.00 10.71 ? 310 VAL A O   1 
ATOM   579 C  CB  . VAL A 1 75  ? 1.425   -2.745  8.778   1.00 13.30 ? 310 VAL A CB  1 
ATOM   580 C  CG1 . VAL A 1 75  ? 1.311   -1.363  8.141   1.00 11.75 ? 310 VAL A CG1 1 
ATOM   581 C  CG2 . VAL A 1 75  ? 1.378   -2.637  10.294  1.00 15.03 ? 310 VAL A CG2 1 
ATOM   582 N  N   . VAL A 1 76  ? -0.531  -2.986  6.108   1.00 7.28  ? 311 VAL A N   1 
ATOM   583 C  CA  . VAL A 1 76  ? -0.591  -2.947  4.654   1.00 6.55  ? 311 VAL A CA  1 
ATOM   584 C  C   . VAL A 1 76  ? -0.216  -1.549  4.192   1.00 6.07  ? 311 VAL A C   1 
ATOM   585 O  O   . VAL A 1 76  ? -0.804  -0.567  4.633   1.00 7.40  ? 311 VAL A O   1 
ATOM   586 C  CB  . VAL A 1 76  ? -2.019  -3.266  4.129   1.00 8.47  ? 311 VAL A CB  1 
ATOM   587 C  CG1 . VAL A 1 76  ? -2.089  -3.049  2.616   1.00 9.84  ? 311 VAL A CG1 1 
ATOM   588 C  CG2 . VAL A 1 76  ? -2.388  -4.703  4.458   1.00 6.13  ? 311 VAL A CG2 1 
ATOM   589 N  N   . ILE A 1 77  ? 0.777   -1.459  3.319   1.00 6.08  ? 312 ILE A N   1 
ATOM   590 C  CA  . ILE A 1 77  ? 1.193   -0.167  2.787   1.00 4.99  ? 312 ILE A CA  1 
ATOM   591 C  C   . ILE A 1 77  ? 0.633   -0.074  1.381   1.00 4.96  ? 312 ILE A C   1 
ATOM   592 O  O   . ILE A 1 77  ? 0.887   -0.944  0.545   1.00 2.17  ? 312 ILE A O   1 
ATOM   593 C  CB  . ILE A 1 77  ? 2.727   -0.045  2.717   1.00 5.77  ? 312 ILE A CB  1 
ATOM   594 C  CG1 . ILE A 1 77  ? 3.321   -0.145  4.126   1.00 6.90  ? 312 ILE A CG1 1 
ATOM   595 C  CG2 . ILE A 1 77  ? 3.113   1.278   2.054   1.00 5.90  ? 312 ILE A CG2 1 
ATOM   596 C  CD1 . ILE A 1 77  ? 4.849   -0.215  4.148   1.00 9.13  ? 312 ILE A CD1 1 
ATOM   597 N  N   . ALA A 1 78  ? -0.162  0.959   1.128   1.00 4.74  ? 313 ALA A N   1 
ATOM   598 C  CA  . ALA A 1 78  ? -0.739  1.154   -0.194  1.00 5.68  ? 313 ALA A CA  1 
ATOM   599 C  C   . ALA A 1 78  ? 0.029   2.282   -0.861  1.00 5.97  ? 313 ALA A C   1 
ATOM   600 O  O   . ALA A 1 78  ? 0.098   3.388   -0.340  1.00 7.31  ? 313 ALA A O   1 
ATOM   601 C  CB  . ALA A 1 78  ? -2.223  1.511   -0.082  1.00 6.12  ? 313 ALA A CB  1 
ATOM   602 N  N   . GLU A 1 79  ? 0.621   1.977   -2.006  1.00 8.39  ? 314 GLU A N   1 
ATOM   603 C  CA  . GLU A 1 79  ? 1.400   2.937   -2.779  1.00 9.87  ? 314 GLU A CA  1 
ATOM   604 C  C   . GLU A 1 79  ? 0.458   3.979   -3.392  1.00 11.40 ? 314 GLU A C   1 
ATOM   605 O  O   . GLU A 1 79  ? -0.446  3.625   -4.141  1.00 10.97 ? 314 GLU A O   1 
ATOM   606 C  CB  . GLU A 1 79  ? 2.140   2.179   -3.881  1.00 11.33 ? 314 GLU A CB  1 
ATOM   607 C  CG  . GLU A 1 79  ? 3.192   2.953   -4.631  1.00 12.28 ? 314 GLU A CG  1 
ATOM   608 C  CD  . GLU A 1 79  ? 3.864   2.086   -5.680  1.00 15.17 ? 314 GLU A CD  1 
ATOM   609 O  OE1 . GLU A 1 79  ? 4.344   0.987   -5.317  1.00 14.51 ? 314 GLU A OE1 1 
ATOM   610 O  OE2 . GLU A 1 79  ? 3.909   2.496   -6.862  1.00 13.72 ? 314 GLU A OE2 1 
ATOM   611 N  N   . GLY A 1 80  ? 0.667   5.255   -3.069  1.00 10.71 ? 315 GLY A N   1 
ATOM   612 C  CA  . GLY A 1 80  ? -0.184  6.304   -3.612  1.00 12.06 ? 315 GLY A CA  1 
ATOM   613 C  C   . GLY A 1 80  ? 0.602   7.388   -4.331  1.00 13.57 ? 315 GLY A C   1 
ATOM   614 O  O   . GLY A 1 80  ? 0.757   8.496   -3.807  1.00 13.93 ? 315 GLY A O   1 
ATOM   615 N  N   . VAL A 1 81  ? 1.093   7.084   -5.532  1.00 12.33 ? 316 VAL A N   1 
ATOM   616 C  CA  . VAL A 1 81  ? 1.883   8.052   -6.289  1.00 13.09 ? 316 VAL A CA  1 
ATOM   617 C  C   . VAL A 1 81  ? 1.023   9.158   -6.901  1.00 15.09 ? 316 VAL A C   1 
ATOM   618 O  O   . VAL A 1 81  ? -0.158  8.953   -7.198  1.00 11.81 ? 316 VAL A O   1 
ATOM   619 C  CB  . VAL A 1 81  ? 2.713   7.365   -7.409  1.00 13.16 ? 316 VAL A CB  1 
ATOM   620 C  CG1 . VAL A 1 81  ? 3.566   6.242   -6.804  1.00 12.67 ? 316 VAL A CG1 1 
ATOM   621 C  CG2 . VAL A 1 81  ? 1.794   6.820   -8.503  1.00 10.48 ? 316 VAL A CG2 1 
ATOM   622 N  N   . GLU A 1 82  ? 1.624   10.333  -7.075  1.00 15.57 ? 317 GLU A N   1 
ATOM   623 C  CA  . GLU A 1 82  ? 0.918   11.477  -7.643  1.00 17.83 ? 317 GLU A CA  1 
ATOM   624 C  C   . GLU A 1 82  ? 0.641   11.257  -9.121  1.00 17.72 ? 317 GLU A C   1 
ATOM   625 O  O   . GLU A 1 82  ? -0.442  11.571  -9.609  1.00 17.28 ? 317 GLU A O   1 
ATOM   626 C  CB  . GLU A 1 82  ? 1.747   12.754  -7.469  1.00 21.67 ? 317 GLU A CB  1 
ATOM   627 C  CG  . GLU A 1 82  ? 2.109   13.054  -6.026  1.00 27.07 ? 317 GLU A CG  1 
ATOM   628 C  CD  . GLU A 1 82  ? 2.907   14.332  -5.878  1.00 29.79 ? 317 GLU A CD  1 
ATOM   629 O  OE1 . GLU A 1 82  ? 3.908   14.500  -6.607  1.00 33.41 ? 317 GLU A OE1 1 
ATOM   630 O  OE2 . GLU A 1 82  ? 2.538   15.167  -5.028  1.00 33.63 ? 317 GLU A OE2 1 
ATOM   631 N  N   . GLU A 1 83  ? 1.627   10.712  -9.825  1.00 17.69 ? 318 GLU A N   1 
ATOM   632 C  CA  . GLU A 1 83  ? 1.498   10.457  -11.255 1.00 18.41 ? 318 GLU A CA  1 
ATOM   633 C  C   . GLU A 1 83  ? 0.250   9.655   -11.611 1.00 18.27 ? 318 GLU A C   1 
ATOM   634 O  O   . GLU A 1 83  ? -0.062  8.651   -10.976 1.00 19.64 ? 318 GLU A O   1 
ATOM   635 C  CB  . GLU A 1 83  ? 2.743   9.730   -11.779 1.00 16.64 ? 318 GLU A CB  1 
ATOM   636 C  CG  . GLU A 1 83  ? 3.991   10.601  -11.857 1.00 20.33 ? 318 GLU A CG  1 
ATOM   637 C  CD  . GLU A 1 83  ? 4.809   10.614  -10.575 1.00 19.45 ? 318 GLU A CD  1 
ATOM   638 O  OE1 . GLU A 1 83  ? 4.283   10.216  -9.511  1.00 19.55 ? 318 GLU A OE1 1 
ATOM   639 O  OE2 . GLU A 1 83  ? 5.984   11.035  -10.634 1.00 16.89 ? 318 GLU A OE2 1 
ATOM   640 N  N   . ARG A 1 84  ? -0.457  10.113  -12.639 1.00 19.18 ? 319 ARG A N   1 
ATOM   641 C  CA  . ARG A 1 84  ? -1.673  9.464   -13.117 1.00 18.43 ? 319 ARG A CA  1 
ATOM   642 C  C   . ARG A 1 84  ? -2.796  9.354   -12.090 1.00 17.27 ? 319 ARG A C   1 
ATOM   643 O  O   . ARG A 1 84  ? -3.706  8.546   -12.249 1.00 15.55 ? 319 ARG A O   1 
ATOM   644 C  CB  . ARG A 1 84  ? -1.345  8.079   -13.673 1.00 22.48 ? 319 ARG A CB  1 
ATOM   645 C  CG  . ARG A 1 84  ? -0.518  8.126   -14.946 1.00 28.67 ? 319 ARG A CG  1 
ATOM   646 C  CD  . ARG A 1 84  ? -0.288  6.740   -15.509 1.00 33.41 ? 319 ARG A CD  1 
ATOM   647 N  NE  . ARG A 1 84  ? 0.570   6.773   -16.686 1.00 37.91 ? 319 ARG A NE  1 
ATOM   648 C  CZ  . ARG A 1 84  ? 1.014   5.691   -17.316 1.00 41.22 ? 319 ARG A CZ  1 
ATOM   649 N  NH1 . ARG A 1 84  ? 0.677   4.484   -16.879 1.00 42.29 ? 319 ARG A NH1 1 
ATOM   650 N  NH2 . ARG A 1 84  ? 1.800   5.816   -18.379 1.00 43.69 ? 319 ARG A NH2 1 
ATOM   651 N  N   . GLY A 1 85  ? -2.726  10.170  -11.043 1.00 15.67 ? 320 GLY A N   1 
ATOM   652 C  CA  . GLY A 1 85  ? -3.758  10.172  -10.020 1.00 15.10 ? 320 GLY A CA  1 
ATOM   653 C  C   . GLY A 1 85  ? -4.001  8.894   -9.234  1.00 14.32 ? 320 GLY A C   1 
ATOM   654 O  O   . GLY A 1 85  ? -5.071  8.733   -8.645  1.00 14.70 ? 320 GLY A O   1 
ATOM   655 N  N   . LEU A 1 86  ? -3.025  7.992   -9.193  1.00 12.71 ? 321 LEU A N   1 
ATOM   656 C  CA  . LEU A 1 86  ? -3.212  6.740   -8.460  1.00 14.90 ? 321 LEU A CA  1 
ATOM   657 C  C   . LEU A 1 86  ? -3.436  6.954   -6.962  1.00 13.51 ? 321 LEU A C   1 
ATOM   658 O  O   . LEU A 1 86  ? -4.331  6.347   -6.374  1.00 14.41 ? 321 LEU A O   1 
ATOM   659 C  CB  . LEU A 1 86  ? -2.020  5.804   -8.689  1.00 14.29 ? 321 LEU A CB  1 
ATOM   660 C  CG  . LEU A 1 86  ? -1.710  5.480   -10.157 1.00 14.75 ? 321 LEU A CG  1 
ATOM   661 C  CD1 . LEU A 1 86  ? -0.720  4.325   -10.222 1.00 14.28 ? 321 LEU A CD1 1 
ATOM   662 C  CD2 . LEU A 1 86  ? -2.993  5.113   -10.898 1.00 16.97 ? 321 LEU A CD2 1 
ATOM   663 N  N   . GLY A 1 87  ? -2.629  7.822   -6.353  1.00 14.35 ? 322 GLY A N   1 
ATOM   664 C  CA  . GLY A 1 87  ? -2.771  8.095   -4.931  1.00 12.79 ? 322 GLY A CA  1 
ATOM   665 C  C   . GLY A 1 87  ? -4.149  8.619   -4.564  1.00 14.18 ? 322 GLY A C   1 
ATOM   666 O  O   . GLY A 1 87  ? -4.750  8.182   -3.581  1.00 12.15 ? 322 GLY A O   1 
ATOM   667 N  N   . LEU A 1 88  ? -4.654  9.570   -5.343  1.00 14.90 ? 323 LEU A N   1 
ATOM   668 C  CA  . LEU A 1 88  ? -5.982  10.115  -5.080  1.00 15.99 ? 323 LEU A CA  1 
ATOM   669 C  C   . LEU A 1 88  ? -7.034  9.012   -5.193  1.00 15.01 ? 323 LEU A C   1 
ATOM   670 O  O   . LEU A 1 88  ? -7.944  8.925   -4.363  1.00 15.03 ? 323 LEU A O   1 
ATOM   671 C  CB  . LEU A 1 88  ? -6.308  11.243  -6.062  1.00 18.61 ? 323 LEU A CB  1 
ATOM   672 C  CG  . LEU A 1 88  ? -7.758  11.737  -6.050  1.00 21.11 ? 323 LEU A CG  1 
ATOM   673 C  CD1 . LEU A 1 88  ? -8.160  12.137  -4.631  1.00 24.16 ? 323 LEU A CD1 1 
ATOM   674 C  CD2 . LEU A 1 88  ? -7.910  12.911  -7.006  1.00 22.77 ? 323 LEU A CD2 1 
ATOM   675 N  N   . ALA A 1 89  ? -6.905  8.169   -6.214  1.00 13.83 ? 324 ALA A N   1 
ATOM   676 C  CA  . ALA A 1 89  ? -7.849  7.076   -6.416  1.00 12.34 ? 324 ALA A CA  1 
ATOM   677 C  C   . ALA A 1 89  ? -7.809  6.124   -5.230  1.00 11.77 ? 324 ALA A C   1 
ATOM   678 O  O   . ALA A 1 89  ? -8.848  5.636   -4.787  1.00 10.07 ? 324 ALA A O   1 
ATOM   679 C  CB  . ALA A 1 89  ? -7.523  6.319   -7.707  1.00 16.05 ? 324 ALA A CB  1 
ATOM   680 N  N   . VAL A 1 90  ? -6.607  5.846   -4.728  1.00 11.34 ? 325 VAL A N   1 
ATOM   681 C  CA  . VAL A 1 90  ? -6.460  4.957   -3.579  1.00 11.55 ? 325 VAL A CA  1 
ATOM   682 C  C   . VAL A 1 90  ? -7.239  5.510   -2.390  1.00 11.47 ? 325 VAL A C   1 
ATOM   683 O  O   . VAL A 1 90  ? -8.029  4.799   -1.768  1.00 11.55 ? 325 VAL A O   1 
ATOM   684 C  CB  . VAL A 1 90  ? -4.975  4.794   -3.167  1.00 10.70 ? 325 VAL A CB  1 
ATOM   685 C  CG1 . VAL A 1 90  ? -4.883  4.091   -1.815  1.00 12.55 ? 325 VAL A CG1 1 
ATOM   686 C  CG2 . VAL A 1 90  ? -4.225  3.981   -4.222  1.00 11.52 ? 325 VAL A CG2 1 
HETATM 687 N  N   . MSE A 1 91  ? -7.020  6.784   -2.080  1.00 14.39 ? 326 MSE A N   1 
HETATM 688 C  CA  . MSE A 1 91  ? -7.710  7.416   -0.960  1.00 17.25 ? 326 MSE A CA  1 
HETATM 689 C  C   . MSE A 1 91  ? -9.225  7.434   -1.174  1.00 17.35 ? 326 MSE A C   1 
HETATM 690 O  O   . MSE A 1 91  ? -9.987  7.190   -0.241  1.00 17.37 ? 326 MSE A O   1 
HETATM 691 C  CB  . MSE A 1 91  ? -7.177  8.842   -0.737  1.00 18.52 ? 326 MSE A CB  1 
HETATM 692 C  CG  . MSE A 1 91  ? -5.743  8.896   -0.183  1.00 22.00 ? 326 MSE A CG  1 
HETATM 693 SE SE  . MSE A 1 91  ? -5.219  10.671  0.462   1.00 31.03 ? 326 MSE A SE  1 
HETATM 694 C  CE  . MSE A 1 91  ? -6.663  10.892  1.688   1.00 27.64 ? 326 MSE A CE  1 
ATOM   695 N  N   . ASN A 1 92  ? -9.664  7.717   -2.397  1.00 19.38 ? 327 ASN A N   1 
ATOM   696 C  CA  . ASN A 1 92  ? -11.097 7.735   -2.694  1.00 21.14 ? 327 ASN A CA  1 
ATOM   697 C  C   . ASN A 1 92  ? -11.736 6.375   -2.415  1.00 21.37 ? 327 ASN A C   1 
ATOM   698 O  O   . ASN A 1 92  ? -12.752 6.284   -1.725  1.00 22.12 ? 327 ASN A O   1 
ATOM   699 C  CB  . ASN A 1 92  ? -11.337 8.123   -4.156  1.00 22.77 ? 327 ASN A CB  1 
ATOM   700 C  CG  . ASN A 1 92  ? -11.109 9.596   -4.411  1.00 24.22 ? 327 ASN A CG  1 
ATOM   701 O  OD1 . ASN A 1 92  ? -11.021 10.033  -5.557  1.00 26.95 ? 327 ASN A OD1 1 
ATOM   702 N  ND2 . ASN A 1 92  ? -11.022 10.377  -3.337  1.00 23.52 ? 327 ASN A ND2 1 
ATOM   703 N  N   . ARG A 1 93  ? -11.139 5.317   -2.952  1.00 21.38 ? 328 ARG A N   1 
ATOM   704 C  CA  . ARG A 1 93  ? -11.660 3.966   -2.753  1.00 22.27 ? 328 ARG A CA  1 
ATOM   705 C  C   . ARG A 1 93  ? -11.552 3.549   -1.285  1.00 21.67 ? 328 ARG A C   1 
ATOM   706 O  O   . ARG A 1 93  ? -12.263 2.654   -0.824  1.00 19.86 ? 328 ARG A O   1 
ATOM   707 C  CB  . ARG A 1 93  ? -10.890 2.978   -3.635  1.00 24.05 ? 328 ARG A CB  1 
ATOM   708 C  CG  . ARG A 1 93  ? -11.297 1.521   -3.479  1.00 28.00 ? 328 ARG A CG  1 
ATOM   709 C  CD  . ARG A 1 93  ? -12.747 1.286   -3.865  1.00 33.14 ? 328 ARG A CD  1 
ATOM   710 N  NE  . ARG A 1 93  ? -13.092 -0.134  -3.801  1.00 37.17 ? 328 ARG A NE  1 
ATOM   711 C  CZ  . ARG A 1 93  ? -14.327 -0.613  -3.914  1.00 39.64 ? 328 ARG A CZ  1 
ATOM   712 N  NH1 . ARG A 1 93  ? -15.350 0.213   -4.097  1.00 41.73 ? 328 ARG A NH1 1 
ATOM   713 N  NH2 . ARG A 1 93  ? -14.540 -1.922  -3.849  1.00 40.68 ? 328 ARG A NH2 1 
ATOM   714 N  N   . LEU A 1 94  ? -10.663 4.213   -0.556  1.00 20.65 ? 329 LEU A N   1 
ATOM   715 C  CA  . LEU A 1 94  ? -10.444 3.922   0.853   1.00 22.01 ? 329 LEU A CA  1 
ATOM   716 C  C   . LEU A 1 94  ? -11.403 4.708   1.742   1.00 22.89 ? 329 LEU A C   1 
ATOM   717 O  O   . LEU A 1 94  ? -11.512 4.433   2.939   1.00 23.95 ? 329 LEU A O   1 
ATOM   718 C  CB  . LEU A 1 94  ? -8.997  4.253   1.223   1.00 22.78 ? 329 LEU A CB  1 
ATOM   719 C  CG  . LEU A 1 94  ? -8.134  3.143   1.827   1.00 23.50 ? 329 LEU A CG  1 
ATOM   720 C  CD1 . LEU A 1 94  ? -8.421  1.804   1.165   1.00 22.37 ? 329 LEU A CD1 1 
ATOM   721 C  CD2 . LEU A 1 94  ? -6.672  3.524   1.665   1.00 19.36 ? 329 LEU A CD2 1 
ATOM   722 N  N   . SER A 1 98  ? -13.390 3.598   7.631   1.00 26.57 ? 333 SER A N   1 
ATOM   723 C  CA  . SER A 1 98  ? -12.666 2.455   8.179   1.00 25.67 ? 333 SER A CA  1 
ATOM   724 C  C   . SER A 1 98  ? -11.393 2.898   8.907   1.00 23.73 ? 333 SER A C   1 
ATOM   725 O  O   . SER A 1 98  ? -11.077 2.396   9.991   1.00 22.53 ? 333 SER A O   1 
ATOM   726 C  CB  . SER A 1 98  ? -12.320 1.469   7.057   1.00 26.85 ? 333 SER A CB  1 
ATOM   727 O  OG  . SER A 1 98  ? -11.655 2.116   5.989   1.00 31.72 ? 333 SER A OG  1 
ATOM   728 N  N   . GLY A 1 99  ? -10.659 3.825   8.301   1.00 21.54 ? 334 GLY A N   1 
ATOM   729 C  CA  . GLY A 1 99  ? -9.450  4.330   8.928   1.00 18.61 ? 334 GLY A CA  1 
ATOM   730 C  C   . GLY A 1 99  ? -8.123  3.949   8.297   1.00 16.96 ? 334 GLY A C   1 
ATOM   731 O  O   . GLY A 1 99  ? -7.845  2.772   8.070   1.00 16.64 ? 334 GLY A O   1 
ATOM   732 N  N   . TYR A 1 100 ? -7.298  4.956   8.014   1.00 14.36 ? 335 TYR A N   1 
ATOM   733 C  CA  . TYR A 1 100 ? -5.978  4.723   7.446   1.00 12.19 ? 335 TYR A CA  1 
ATOM   734 C  C   . TYR A 1 100 ? -5.034  5.884   7.715   1.00 11.00 ? 335 TYR A C   1 
ATOM   735 O  O   . TYR A 1 100 ? -5.458  7.015   7.930   1.00 9.90  ? 335 TYR A O   1 
ATOM   736 C  CB  . TYR A 1 100 ? -6.052  4.441   5.936   1.00 10.81 ? 335 TYR A CB  1 
ATOM   737 C  CG  . TYR A 1 100 ? -6.546  5.577   5.061   1.00 10.77 ? 335 TYR A CG  1 
ATOM   738 C  CD1 . TYR A 1 100 ? -7.876  5.640   4.659   1.00 9.28  ? 335 TYR A CD1 1 
ATOM   739 C  CD2 . TYR A 1 100 ? -5.672  6.562   4.598   1.00 11.31 ? 335 TYR A CD2 1 
ATOM   740 C  CE1 . TYR A 1 100 ? -8.328  6.647   3.810   1.00 10.89 ? 335 TYR A CE1 1 
ATOM   741 C  CE2 . TYR A 1 100 ? -6.117  7.582   3.753   1.00 12.73 ? 335 TYR A CE2 1 
ATOM   742 C  CZ  . TYR A 1 100 ? -7.449  7.613   3.362   1.00 11.95 ? 335 TYR A CZ  1 
ATOM   743 O  OH  . TYR A 1 100 ? -7.905  8.605   2.523   1.00 11.44 ? 335 TYR A OH  1 
ATOM   744 N  N   . LYS A 1 101 ? -3.742  5.586   7.727   1.00 10.76 ? 336 LYS A N   1 
ATOM   745 C  CA  . LYS A 1 101 ? -2.722  6.592   7.970   1.00 8.81  ? 336 LYS A CA  1 
ATOM   746 C  C   . LYS A 1 101 ? -2.169  7.100   6.647   1.00 8.68  ? 336 LYS A C   1 
ATOM   747 O  O   . LYS A 1 101 ? -2.116  6.365   5.664   1.00 7.78  ? 336 LYS A O   1 
ATOM   748 C  CB  . LYS A 1 101 ? -1.589  5.979   8.791   1.00 9.62  ? 336 LYS A CB  1 
ATOM   749 C  CG  . LYS A 1 101 ? -0.422  6.909   9.085   1.00 8.07  ? 336 LYS A CG  1 
ATOM   750 C  CD  . LYS A 1 101 ? 0.653   6.124   9.842   1.00 10.90 ? 336 LYS A CD  1 
ATOM   751 C  CE  . LYS A 1 101 ? 1.782   7.008   10.327  1.00 11.18 ? 336 LYS A CE  1 
ATOM   752 N  NZ  . LYS A 1 101 ? 2.839   6.194   10.982  1.00 12.50 ? 336 LYS A NZ  1 
ATOM   753 N  N   . ILE A 1 102 ? -1.759  8.361   6.623   1.00 8.36  ? 337 ILE A N   1 
ATOM   754 C  CA  . ILE A 1 102 ? -1.192  8.937   5.414   1.00 10.71 ? 337 ILE A CA  1 
ATOM   755 C  C   . ILE A 1 102 ? 0.222   9.403   5.720   1.00 11.75 ? 337 ILE A C   1 
ATOM   756 O  O   . ILE A 1 102 ? 0.441   10.194  6.637   1.00 10.23 ? 337 ILE A O   1 
ATOM   757 C  CB  . ILE A 1 102 ? -2.019  10.135  4.908   1.00 11.76 ? 337 ILE A CB  1 
ATOM   758 C  CG1 . ILE A 1 102 ? -3.426  9.666   4.532   1.00 13.61 ? 337 ILE A CG1 1 
ATOM   759 C  CG2 . ILE A 1 102 ? -1.333  10.774  3.703   1.00 12.22 ? 337 ILE A CG2 1 
ATOM   760 C  CD1 . ILE A 1 102 ? -4.336  10.780  4.064   1.00 17.75 ? 337 ILE A CD1 1 
ATOM   761 N  N   . VAL A 1 103 ? 1.174   8.898   4.946   1.00 10.47 ? 338 VAL A N   1 
ATOM   762 C  CA  . VAL A 1 103 ? 2.575   9.247   5.115   1.00 14.01 ? 338 VAL A CA  1 
ATOM   763 C  C   . VAL A 1 103 ? 3.093   9.938   3.863   1.00 15.71 ? 338 VAL A C   1 
ATOM   764 O  O   . VAL A 1 103 ? 3.006   9.393   2.762   1.00 15.03 ? 338 VAL A O   1 
ATOM   765 C  CB  . VAL A 1 103 ? 3.430   7.992   5.374   1.00 12.74 ? 338 VAL A CB  1 
ATOM   766 C  CG1 . VAL A 1 103 ? 4.891   8.376   5.518   1.00 15.48 ? 338 VAL A CG1 1 
ATOM   767 C  CG2 . VAL A 1 103 ? 2.948   7.286   6.627   1.00 14.54 ? 338 VAL A CG2 1 
ATOM   768 N  N   . LYS A 1 104 ? 3.615   11.148  4.037   1.00 16.38 ? 339 LYS A N   1 
ATOM   769 C  CA  . LYS A 1 104 ? 4.164   11.920  2.929   1.00 18.25 ? 339 LYS A CA  1 
ATOM   770 C  C   . LYS A 1 104 ? 5.537   11.351  2.587   1.00 18.52 ? 339 LYS A C   1 
ATOM   771 O  O   . LYS A 1 104 ? 6.395   11.236  3.458   1.00 19.32 ? 339 LYS A O   1 
ATOM   772 C  CB  . LYS A 1 104 ? 4.296   13.391  3.336   1.00 20.37 ? 339 LYS A CB  1 
ATOM   773 C  CG  . LYS A 1 104 ? 5.018   14.268  2.320   1.00 22.43 ? 339 LYS A CG  1 
ATOM   774 C  CD  . LYS A 1 104 ? 5.145   15.697  2.833   1.00 23.44 ? 339 LYS A CD  1 
ATOM   775 C  CE  . LYS A 1 104 ? 5.863   16.587  1.828   1.00 24.84 ? 339 LYS A CE  1 
ATOM   776 N  NZ  . LYS A 1 104 ? 5.958   17.993  2.320   1.00 23.69 ? 339 LYS A NZ  1 
ATOM   777 N  N   . ALA A 1 105 ? 5.747   10.999  1.320   1.00 18.96 ? 340 ALA A N   1 
ATOM   778 C  CA  . ALA A 1 105 ? 7.024   10.429  0.896   1.00 20.10 ? 340 ALA A CA  1 
ATOM   779 C  C   . ALA A 1 105 ? 8.153   11.457  0.925   1.00 21.86 ? 340 ALA A C   1 
ATOM   780 O  O   . ALA A 1 105 ? 7.852   12.668  0.880   1.00 21.51 ? 340 ALA A O   1 
ATOM   781 C  CB  . ALA A 1 105 ? 6.897   9.846   -0.504  1.00 17.51 ? 340 ALA A CB  1 
ATOM   782 O  OXT . ALA A 1 105 ? 9.326   11.029  0.976   1.00 23.44 ? 340 ALA A OXT 1 
HETATM 783 O  O   . HOH B 2 .   ? -10.256 -1.973  10.771  1.00 38.09 ? 341 HOH A O   1 
HETATM 784 O  O   . HOH B 2 .   ? -9.106  0.633   7.420   1.00 19.10 ? 342 HOH A O   1 
HETATM 785 O  O   . HOH B 2 .   ? -5.910  1.278   9.300   1.00 12.89 ? 343 HOH A O   1 
HETATM 786 O  O   . HOH B 2 .   ? 4.310   5.030   8.937   1.00 13.40 ? 344 HOH A O   1 
HETATM 787 O  O   . HOH B 2 .   ? -0.055  13.272  5.764   1.00 22.56 ? 345 HOH A O   1 
HETATM 788 O  O   . HOH B 2 .   ? 12.696  5.492   -8.773  1.00 28.25 ? 346 HOH A O   1 
HETATM 789 O  O   . HOH B 2 .   ? 11.708  8.964   -0.257  1.00 18.56 ? 347 HOH A O   1 
HETATM 790 O  O   . HOH B 2 .   ? 12.353  -2.882  2.028   1.00 8.65  ? 348 HOH A O   1 
HETATM 791 O  O   . HOH B 2 .   ? 10.553  -9.377  10.459  1.00 19.14 ? 349 HOH A O   1 
HETATM 792 O  O   . HOH B 2 .   ? 1.862   2.787   -8.229  1.00 14.47 ? 350 HOH A O   1 
HETATM 793 O  O   . HOH B 2 .   ? 0.151   4.518   -6.574  1.00 9.63  ? 351 HOH A O   1 
HETATM 794 O  O   . HOH B 2 .   ? -2.053  -2.668  -15.865 1.00 28.07 ? 352 HOH A O   1 
HETATM 795 O  O   . HOH B 2 .   ? 10.558  -4.366  -5.254  1.00 14.10 ? 353 HOH A O   1 
HETATM 796 O  O   . HOH B 2 .   ? 13.036  -5.121  3.574   1.00 23.77 ? 354 HOH A O   1 
HETATM 797 O  O   . HOH B 2 .   ? 1.581   6.264   -12.225 1.00 17.49 ? 355 HOH A O   1 
HETATM 798 O  O   . HOH B 2 .   ? 0.932   4.100   -13.797 1.00 35.30 ? 356 HOH A O   1 
HETATM 799 O  O   . HOH B 2 .   ? -11.447 -4.518  -5.346  1.00 19.97 ? 357 HOH A O   1 
HETATM 800 O  O   . HOH B 2 .   ? -8.275  -11.280 -2.779  1.00 11.80 ? 358 HOH A O   1 
HETATM 801 O  O   . HOH B 2 .   ? -7.872  -13.287 -0.985  1.00 12.24 ? 359 HOH A O   1 
HETATM 802 O  O   . HOH B 2 .   ? 0.514   -12.874 10.724  1.00 23.79 ? 360 HOH A O   1 
HETATM 803 O  O   . HOH B 2 .   ? -2.662  10.850  -6.975  1.00 21.44 ? 361 HOH A O   1 
HETATM 804 O  O   . HOH B 2 .   ? -7.502  9.958   -9.208  1.00 15.19 ? 362 HOH A O   1 
HETATM 805 O  O   . HOH B 2 .   ? -10.575 8.490   1.910   1.00 22.04 ? 363 HOH A O   1 
HETATM 806 O  O   . HOH B 2 .   ? 3.396   8.783   13.009  1.00 26.42 ? 364 HOH A O   1 
HETATM 807 O  O   . HOH B 2 .   ? 14.398  -4.953  8.555   1.00 22.71 ? 365 HOH A O   1 
HETATM 808 O  O   . HOH B 2 .   ? 13.296  3.284   -3.798  1.00 23.65 ? 366 HOH A O   1 
HETATM 809 O  O   . HOH B 2 .   ? 13.183  -1.236  -3.018  1.00 21.47 ? 367 HOH A O   1 
HETATM 810 O  O   . HOH B 2 .   ? 5.844   -13.659 6.117   1.00 24.44 ? 368 HOH A O   1 
HETATM 811 O  O   . HOH B 2 .   ? -8.820  4.706   -15.310 1.00 17.37 ? 369 HOH A O   1 
HETATM 812 O  O   . HOH B 2 .   ? -5.971  -11.143 9.034   1.00 23.21 ? 370 HOH A O   1 
HETATM 813 O  O   . HOH B 2 .   ? -2.709  9.880   -1.108  1.00 38.44 ? 371 HOH A O   1 
HETATM 814 O  O   . HOH B 2 .   ? 14.158  1.658   7.286   1.00 30.82 ? 372 HOH A O   1 
HETATM 815 O  O   . HOH B 2 .   ? 12.445  -0.185  13.020  1.00 29.27 ? 373 HOH A O   1 
HETATM 816 O  O   . HOH B 2 .   ? -6.932  -0.196  11.893  1.00 38.13 ? 374 HOH A O   1 
HETATM 817 O  O   . HOH B 2 .   ? -0.329  11.264  -4.360  1.00 32.96 ? 375 HOH A O   1 
HETATM 818 O  O   . HOH B 2 .   ? 14.555  -3.584  0.183   1.00 25.37 ? 376 HOH A O   1 
HETATM 819 O  O   . HOH B 2 .   ? 14.830  3.843   0.939   1.00 26.79 ? 377 HOH A O   1 
HETATM 820 O  O   . HOH B 2 .   ? 14.269  -7.486  9.804   1.00 31.70 ? 378 HOH A O   1 
HETATM 821 O  O   . HOH B 2 .   ? 12.687  -3.869  16.999  1.00 37.78 ? 379 HOH A O   1 
HETATM 822 O  O   . HOH B 2 .   ? 5.381   -7.042  16.681  1.00 18.11 ? 380 HOH A O   1 
HETATM 823 O  O   . HOH B 2 .   ? 7.286   -11.385 13.016  1.00 29.69 ? 381 HOH A O   1 
HETATM 824 O  O   . HOH B 2 .   ? 7.972   -9.246  9.103   1.00 23.86 ? 382 HOH A O   1 
HETATM 825 O  O   . HOH B 2 .   ? 5.502   -2.531  17.990  1.00 29.27 ? 383 HOH A O   1 
HETATM 826 O  O   . HOH B 2 .   ? 6.760   -2.572  -11.580 1.00 32.98 ? 384 HOH A O   1 
HETATM 827 O  O   . HOH B 2 .   ? 8.395   -6.518  -7.243  1.00 22.62 ? 385 HOH A O   1 
HETATM 828 O  O   . HOH B 2 .   ? 9.795   -10.921 7.409   1.00 22.65 ? 386 HOH A O   1 
HETATM 829 O  O   . HOH B 2 .   ? -14.532 -0.014  -6.906  1.00 28.27 ? 387 HOH A O   1 
HETATM 830 O  O   . HOH B 2 .   ? -4.065  -14.326 1.292   1.00 21.27 ? 388 HOH A O   1 
HETATM 831 O  O   . HOH B 2 .   ? -10.372 -8.554  4.911   1.00 15.31 ? 389 HOH A O   1 
HETATM 832 O  O   . HOH B 2 .   ? 3.702   -9.172  14.112  1.00 34.50 ? 390 HOH A O   1 
HETATM 833 O  O   . HOH B 2 .   ? -2.264  -4.730  12.991  1.00 32.55 ? 391 HOH A O   1 
HETATM 834 O  O   . HOH B 2 .   ? -9.768  9.544   -7.882  1.00 32.71 ? 392 HOH A O   1 
HETATM 835 O  O   . HOH B 2 .   ? 3.905   12.245  6.554   1.00 29.98 ? 393 HOH A O   1 
HETATM 836 O  O   . HOH B 2 .   ? -12.875 -7.178  3.886   1.00 22.85 ? 394 HOH A O   1 
HETATM 837 O  O   . HOH B 2 .   ? -10.293 -6.498  3.499   1.00 21.08 ? 395 HOH A O   1 
HETATM 838 O  O   . HOH B 2 .   ? 0.913   -15.858 2.077   1.00 23.00 ? 396 HOH A O   1 
HETATM 839 O  O   . HOH B 2 .   ? -15.161 -5.512  -3.942  1.00 35.85 ? 397 HOH A O   1 
HETATM 840 O  O   . HOH B 2 .   ? -4.563  -8.945  8.326   1.00 25.00 ? 398 HOH A O   1 
HETATM 841 O  O   . HOH B 2 .   ? 15.755  1.956   2.893   1.00 23.21 ? 399 HOH A O   1 
HETATM 842 O  O   . HOH B 2 .   ? 8.009   -13.598 4.611   1.00 22.34 ? 400 HOH A O   1 
HETATM 843 O  O   . HOH B 2 .   ? 3.668   15.202  6.756   1.00 37.05 ? 401 HOH A O   1 
HETATM 844 O  O   . HOH B 2 .   ? -8.864  3.984   -17.888 1.00 35.39 ? 402 HOH A O   1 
HETATM 845 O  O   . HOH B 2 .   ? 7.845   -4.670  18.257  1.00 27.22 ? 403 HOH A O   1 
HETATM 846 O  O   . HOH B 2 .   ? 16.058  2.551   5.391   1.00 35.35 ? 404 HOH A O   1 
HETATM 847 O  O   . HOH B 2 .   ? 12.972  -9.838  9.394   1.00 41.11 ? 405 HOH A O   1 
HETATM 848 O  O   . HOH B 2 .   ? 2.656   4.006   -10.598 1.00 33.21 ? 406 HOH A O   1 
HETATM 849 O  O   . HOH B 2 .   ? -15.386 -8.929  1.323   1.00 37.11 ? 407 HOH A O   1 
HETATM 850 O  O   . HOH B 2 .   ? 15.165  3.030   -1.767  1.00 31.44 ? 408 HOH A O   1 
HETATM 851 O  O   . HOH B 2 .   ? 12.088  -8.050  -3.489  1.00 44.14 ? 409 HOH A O   1 
HETATM 852 O  O   . HOH B 2 .   ? 2.892   -11.333 12.535  1.00 31.48 ? 410 HOH A O   1 
HETATM 853 O  O   . HOH B 2 .   ? -11.238 4.620   -6.232  1.00 25.22 ? 411 HOH A O   1 
HETATM 854 O  O   . HOH B 2 .   ? 13.841  -3.720  -2.280  1.00 35.87 ? 412 HOH A O   1 
HETATM 855 O  O   . HOH B 2 .   ? 4.561   14.067  -9.479  1.00 36.45 ? 413 HOH A O   1 
HETATM 856 O  O   . HOH B 2 .   ? 11.399  12.684  1.001   1.00 40.61 ? 414 HOH A O   1 
HETATM 857 O  O   . HOH B 2 .   ? -6.973  -12.533 -4.947  1.00 41.03 ? 415 HOH A O   1 
HETATM 858 O  O   . HOH B 2 .   ? -14.440 -4.411  3.198   1.00 42.03 ? 416 HOH A O   1 
HETATM 859 O  O   . HOH B 2 .   ? 17.015  8.739   -8.450  1.00 50.61 ? 417 HOH A O   1 
HETATM 860 O  O   . HOH B 2 .   ? 6.366   6.807   8.810   1.00 29.63 ? 418 HOH A O   1 
HETATM 861 O  O   . HOH B 2 .   ? 7.148   11.718  -13.035 1.00 30.26 ? 419 HOH A O   1 
HETATM 862 O  O   . HOH B 2 .   ? -12.998 0.745   -11.811 1.00 45.43 ? 420 HOH A O   1 
HETATM 863 O  O   . HOH B 2 .   ? -11.471 -12.324 -4.796  1.00 36.94 ? 421 HOH A O   1 
HETATM 864 O  O   . HOH B 2 .   ? -1.930  -7.308  13.457  1.00 39.02 ? 422 HOH A O   1 
HETATM 865 O  O   . HOH B 2 .   ? -4.398  -19.143 3.547   1.00 37.14 ? 423 HOH A O   1 
HETATM 866 O  O   . HOH B 2 .   ? 13.390  5.783   -5.509  1.00 31.24 ? 424 HOH A O   1 
# 
